data_7Y7O
# 
_entry.id   7Y7O 
# 
_audit_conform.dict_name       mmcif_pdbx.dic 
_audit_conform.dict_version    5.392 
_audit_conform.dict_location   http://mmcif.pdb.org/dictionaries/ascii/mmcif_pdbx.dic 
# 
loop_
_database_2.database_id 
_database_2.database_code 
_database_2.pdbx_database_accession 
_database_2.pdbx_DOI 
PDB   7Y7O         pdb_00007y7o 10.2210/pdb7y7o/pdb 
WWPDB D_1300030399 ?            ?                   
# 
loop_
_pdbx_audit_revision_history.ordinal 
_pdbx_audit_revision_history.data_content_type 
_pdbx_audit_revision_history.major_revision 
_pdbx_audit_revision_history.minor_revision 
_pdbx_audit_revision_history.revision_date 
1 'Structure model' 1 0 2023-03-08 
2 'Structure model' 1 1 2024-05-29 
# 
_pdbx_audit_revision_details.ordinal             1 
_pdbx_audit_revision_details.revision_ordinal    1 
_pdbx_audit_revision_details.data_content_type   'Structure model' 
_pdbx_audit_revision_details.provider            repository 
_pdbx_audit_revision_details.type                'Initial release' 
_pdbx_audit_revision_details.description         ? 
_pdbx_audit_revision_details.details             ? 
# 
_pdbx_audit_revision_group.ordinal             1 
_pdbx_audit_revision_group.revision_ordinal    2 
_pdbx_audit_revision_group.data_content_type   'Structure model' 
_pdbx_audit_revision_group.group               'Data collection' 
# 
loop_
_pdbx_audit_revision_category.ordinal 
_pdbx_audit_revision_category.revision_ordinal 
_pdbx_audit_revision_category.data_content_type 
_pdbx_audit_revision_category.category 
1 2 'Structure model' chem_comp_atom 
2 2 'Structure model' chem_comp_bond 
# 
_pdbx_database_status.status_code                     REL 
_pdbx_database_status.status_code_sf                  REL 
_pdbx_database_status.status_code_mr                  ? 
_pdbx_database_status.entry_id                        7Y7O 
_pdbx_database_status.recvd_initial_deposition_date   2022-06-22 
_pdbx_database_status.SG_entry                        N 
_pdbx_database_status.deposit_site                    PDBJ 
_pdbx_database_status.process_site                    PDBJ 
_pdbx_database_status.status_code_cs                  ? 
_pdbx_database_status.status_code_nmr_data            ? 
_pdbx_database_status.methods_development_category    ? 
_pdbx_database_status.pdb_format_compatible           Y 
# 
_pdbx_contact_author.id                 2 
_pdbx_contact_author.email              hanc210@snu.ac.kr 
_pdbx_contact_author.name_first         Nam-Chul 
_pdbx_contact_author.name_last          Ha 
_pdbx_contact_author.name_mi            ? 
_pdbx_contact_author.role               'principal investigator/group leader' 
_pdbx_contact_author.identifier_ORCID   0000-0003-4813-748X 
# 
loop_
_audit_author.name 
_audit_author.pdbx_ordinal 
_audit_author.identifier_ORCID 
'Lee, J.'   1 ? 
'Ha, N.-C.' 2 ? 
# 
_citation.abstract                  ? 
_citation.abstract_id_CAS           ? 
_citation.book_id_ISBN              ? 
_citation.book_publisher            ? 
_citation.book_publisher_city       ? 
_citation.book_title                ? 
_citation.coordinate_linkage        ? 
_citation.country                   KR 
_citation.database_id_Medline       ? 
_citation.details                   ? 
_citation.id                        primary 
_citation.journal_abbrev            'J Microbiol Biotechnol.' 
_citation.journal_id_ASTM           ? 
_citation.journal_id_CSD            ? 
_citation.journal_id_ISSN           1738-8872 
_citation.journal_full              ? 
_citation.journal_issue             ? 
_citation.journal_volume            33 
_citation.language                  ? 
_citation.page_first                28 
_citation.page_last                 34 
_citation.title                     'Crystal Structure of the Metallo-Endoribonuclease YbeY from Staphylococcus aureus.' 
_citation.year                      2023 
_citation.database_id_CSD           ? 
_citation.pdbx_database_id_DOI      10.4014/jmb.2209.09019 
_citation.pdbx_database_id_PubMed   36457189 
_citation.pdbx_database_id_patent   ? 
_citation.unpublished_flag          ? 
# 
loop_
_citation_author.citation_id 
_citation_author.name 
_citation_author.ordinal 
_citation_author.identifier_ORCID 
primary 'Lee, J.'    1 ? 
primary 'Jo, I.'     2 ? 
primary 'Kwon, A.R.' 3 ? 
primary 'Ha, N.C.'   4 ? 
# 
loop_
_entity.id 
_entity.type 
_entity.src_method 
_entity.pdbx_description 
_entity.formula_weight 
_entity.pdbx_number_of_molecules 
_entity.pdbx_ec 
_entity.pdbx_mutation 
_entity.pdbx_fragment 
_entity.details 
1 polymer     man 'Endoribonuclease YbeY' 18871.807 1  3.1.-.- ? ? ? 
2 non-polymer syn 'ZINC ION'              65.409    1  ?       ? ? ? 
3 non-polymer syn 'CITRIC ACID'           192.124   2  ?       ? ? ? 
4 water       nat water                   18.015    54 ?       ? ? ? 
# 
_entity_poly.entity_id                      1 
_entity_poly.type                           'polypeptide(L)' 
_entity_poly.nstd_linkage                   no 
_entity_poly.nstd_monomer                   no 
_entity_poly.pdbx_seq_one_letter_code       
;MAFTIDFSDHTGLVKDAWYKQIEDLLEFAKKEEHIEDDAELSVTFVDKQEIQEINRTYRDKDKVTDVISFALEEDEPEID
FSGLDIPRVLGDIIICTDVAQEQANNYGHSFERELGFLALHGFLHLLGYDHMTEADEKEMFGRQDTILNAYGLTRDHHHH
HH
;
_entity_poly.pdbx_seq_one_letter_code_can   
;MAFTIDFSDHTGLVKDAWYKQIEDLLEFAKKEEHIEDDAELSVTFVDKQEIQEINRTYRDKDKVTDVISFALEEDEPEID
FSGLDIPRVLGDIIICTDVAQEQANNYGHSFERELGFLALHGFLHLLGYDHMTEADEKEMFGRQDTILNAYGLTRDHHHH
HH
;
_entity_poly.pdbx_strand_id                 A 
_entity_poly.pdbx_target_identifier         ? 
# 
loop_
_pdbx_entity_nonpoly.entity_id 
_pdbx_entity_nonpoly.name 
_pdbx_entity_nonpoly.comp_id 
2 'ZINC ION'    ZN  
3 'CITRIC ACID' CIT 
4 water         HOH 
# 
loop_
_entity_poly_seq.entity_id 
_entity_poly_seq.num 
_entity_poly_seq.mon_id 
_entity_poly_seq.hetero 
1 1   MET n 
1 2   ALA n 
1 3   PHE n 
1 4   THR n 
1 5   ILE n 
1 6   ASP n 
1 7   PHE n 
1 8   SER n 
1 9   ASP n 
1 10  HIS n 
1 11  THR n 
1 12  GLY n 
1 13  LEU n 
1 14  VAL n 
1 15  LYS n 
1 16  ASP n 
1 17  ALA n 
1 18  TRP n 
1 19  TYR n 
1 20  LYS n 
1 21  GLN n 
1 22  ILE n 
1 23  GLU n 
1 24  ASP n 
1 25  LEU n 
1 26  LEU n 
1 27  GLU n 
1 28  PHE n 
1 29  ALA n 
1 30  LYS n 
1 31  LYS n 
1 32  GLU n 
1 33  GLU n 
1 34  HIS n 
1 35  ILE n 
1 36  GLU n 
1 37  ASP n 
1 38  ASP n 
1 39  ALA n 
1 40  GLU n 
1 41  LEU n 
1 42  SER n 
1 43  VAL n 
1 44  THR n 
1 45  PHE n 
1 46  VAL n 
1 47  ASP n 
1 48  LYS n 
1 49  GLN n 
1 50  GLU n 
1 51  ILE n 
1 52  GLN n 
1 53  GLU n 
1 54  ILE n 
1 55  ASN n 
1 56  ARG n 
1 57  THR n 
1 58  TYR n 
1 59  ARG n 
1 60  ASP n 
1 61  LYS n 
1 62  ASP n 
1 63  LYS n 
1 64  VAL n 
1 65  THR n 
1 66  ASP n 
1 67  VAL n 
1 68  ILE n 
1 69  SER n 
1 70  PHE n 
1 71  ALA n 
1 72  LEU n 
1 73  GLU n 
1 74  GLU n 
1 75  ASP n 
1 76  GLU n 
1 77  PRO n 
1 78  GLU n 
1 79  ILE n 
1 80  ASP n 
1 81  PHE n 
1 82  SER n 
1 83  GLY n 
1 84  LEU n 
1 85  ASP n 
1 86  ILE n 
1 87  PRO n 
1 88  ARG n 
1 89  VAL n 
1 90  LEU n 
1 91  GLY n 
1 92  ASP n 
1 93  ILE n 
1 94  ILE n 
1 95  ILE n 
1 96  CYS n 
1 97  THR n 
1 98  ASP n 
1 99  VAL n 
1 100 ALA n 
1 101 GLN n 
1 102 GLU n 
1 103 GLN n 
1 104 ALA n 
1 105 ASN n 
1 106 ASN n 
1 107 TYR n 
1 108 GLY n 
1 109 HIS n 
1 110 SER n 
1 111 PHE n 
1 112 GLU n 
1 113 ARG n 
1 114 GLU n 
1 115 LEU n 
1 116 GLY n 
1 117 PHE n 
1 118 LEU n 
1 119 ALA n 
1 120 LEU n 
1 121 HIS n 
1 122 GLY n 
1 123 PHE n 
1 124 LEU n 
1 125 HIS n 
1 126 LEU n 
1 127 LEU n 
1 128 GLY n 
1 129 TYR n 
1 130 ASP n 
1 131 HIS n 
1 132 MET n 
1 133 THR n 
1 134 GLU n 
1 135 ALA n 
1 136 ASP n 
1 137 GLU n 
1 138 LYS n 
1 139 GLU n 
1 140 MET n 
1 141 PHE n 
1 142 GLY n 
1 143 ARG n 
1 144 GLN n 
1 145 ASP n 
1 146 THR n 
1 147 ILE n 
1 148 LEU n 
1 149 ASN n 
1 150 ALA n 
1 151 TYR n 
1 152 GLY n 
1 153 LEU n 
1 154 THR n 
1 155 ARG n 
1 156 ASP n 
1 157 HIS n 
1 158 HIS n 
1 159 HIS n 
1 160 HIS n 
1 161 HIS n 
1 162 HIS n 
# 
_entity_src_gen.entity_id                          1 
_entity_src_gen.pdbx_src_id                        1 
_entity_src_gen.pdbx_alt_source_flag               sample 
_entity_src_gen.pdbx_seq_type                      'Biological sequence' 
_entity_src_gen.pdbx_beg_seq_num                   1 
_entity_src_gen.pdbx_end_seq_num                   162 
_entity_src_gen.gene_src_common_name               ? 
_entity_src_gen.gene_src_genus                     ? 
_entity_src_gen.pdbx_gene_src_gene                 'ybeY, SAV1570' 
_entity_src_gen.gene_src_species                   ? 
_entity_src_gen.gene_src_strain                    'Mu50 / ATCC 700699' 
_entity_src_gen.gene_src_tissue                    ? 
_entity_src_gen.gene_src_tissue_fraction           ? 
_entity_src_gen.gene_src_details                   ? 
_entity_src_gen.pdbx_gene_src_fragment             ? 
_entity_src_gen.pdbx_gene_src_scientific_name      'Staphylococcus aureus subsp. aureus Mu50' 
_entity_src_gen.pdbx_gene_src_ncbi_taxonomy_id     158878 
_entity_src_gen.pdbx_gene_src_variant              ? 
_entity_src_gen.pdbx_gene_src_cell_line            ? 
_entity_src_gen.pdbx_gene_src_atcc                 ? 
_entity_src_gen.pdbx_gene_src_organ                ? 
_entity_src_gen.pdbx_gene_src_organelle            ? 
_entity_src_gen.pdbx_gene_src_cell                 ? 
_entity_src_gen.pdbx_gene_src_cellular_location    ? 
_entity_src_gen.host_org_common_name               ? 
_entity_src_gen.pdbx_host_org_scientific_name      'Escherichia coli BL21(DE3)' 
_entity_src_gen.pdbx_host_org_ncbi_taxonomy_id     469008 
_entity_src_gen.host_org_genus                     ? 
_entity_src_gen.pdbx_host_org_gene                 ? 
_entity_src_gen.pdbx_host_org_organ                ? 
_entity_src_gen.host_org_species                   ? 
_entity_src_gen.pdbx_host_org_tissue               ? 
_entity_src_gen.pdbx_host_org_tissue_fraction      ? 
_entity_src_gen.pdbx_host_org_strain               'BL21(DE3)' 
_entity_src_gen.pdbx_host_org_variant              ? 
_entity_src_gen.pdbx_host_org_cell_line            ? 
_entity_src_gen.pdbx_host_org_atcc                 ? 
_entity_src_gen.pdbx_host_org_culture_collection   ? 
_entity_src_gen.pdbx_host_org_cell                 ? 
_entity_src_gen.pdbx_host_org_organelle            ? 
_entity_src_gen.pdbx_host_org_cellular_location    ? 
_entity_src_gen.pdbx_host_org_vector_type          ? 
_entity_src_gen.pdbx_host_org_vector               ? 
_entity_src_gen.host_org_details                   ? 
_entity_src_gen.expression_system_id               ? 
_entity_src_gen.plasmid_name                       ? 
_entity_src_gen.plasmid_details                    ? 
_entity_src_gen.pdbx_description                   ? 
# 
loop_
_chem_comp.id 
_chem_comp.type 
_chem_comp.mon_nstd_flag 
_chem_comp.name 
_chem_comp.pdbx_synonyms 
_chem_comp.formula 
_chem_comp.formula_weight 
ALA 'L-peptide linking' y ALANINE         ? 'C3 H7 N O2'     89.093  
ARG 'L-peptide linking' y ARGININE        ? 'C6 H15 N4 O2 1' 175.209 
ASN 'L-peptide linking' y ASPARAGINE      ? 'C4 H8 N2 O3'    132.118 
ASP 'L-peptide linking' y 'ASPARTIC ACID' ? 'C4 H7 N O4'     133.103 
CIT non-polymer         . 'CITRIC ACID'   ? 'C6 H8 O7'       192.124 
CYS 'L-peptide linking' y CYSTEINE        ? 'C3 H7 N O2 S'   121.158 
GLN 'L-peptide linking' y GLUTAMINE       ? 'C5 H10 N2 O3'   146.144 
GLU 'L-peptide linking' y 'GLUTAMIC ACID' ? 'C5 H9 N O4'     147.129 
GLY 'peptide linking'   y GLYCINE         ? 'C2 H5 N O2'     75.067  
HIS 'L-peptide linking' y HISTIDINE       ? 'C6 H10 N3 O2 1' 156.162 
HOH non-polymer         . WATER           ? 'H2 O'           18.015  
ILE 'L-peptide linking' y ISOLEUCINE      ? 'C6 H13 N O2'    131.173 
LEU 'L-peptide linking' y LEUCINE         ? 'C6 H13 N O2'    131.173 
LYS 'L-peptide linking' y LYSINE          ? 'C6 H15 N2 O2 1' 147.195 
MET 'L-peptide linking' y METHIONINE      ? 'C5 H11 N O2 S'  149.211 
PHE 'L-peptide linking' y PHENYLALANINE   ? 'C9 H11 N O2'    165.189 
PRO 'L-peptide linking' y PROLINE         ? 'C5 H9 N O2'     115.130 
SER 'L-peptide linking' y SERINE          ? 'C3 H7 N O3'     105.093 
THR 'L-peptide linking' y THREONINE       ? 'C4 H9 N O3'     119.119 
TRP 'L-peptide linking' y TRYPTOPHAN      ? 'C11 H12 N2 O2'  204.225 
TYR 'L-peptide linking' y TYROSINE        ? 'C9 H11 N O3'    181.189 
VAL 'L-peptide linking' y VALINE          ? 'C5 H11 N O2'    117.146 
ZN  non-polymer         . 'ZINC ION'      ? 'Zn 2'           65.409  
# 
loop_
_pdbx_poly_seq_scheme.asym_id 
_pdbx_poly_seq_scheme.entity_id 
_pdbx_poly_seq_scheme.seq_id 
_pdbx_poly_seq_scheme.mon_id 
_pdbx_poly_seq_scheme.ndb_seq_num 
_pdbx_poly_seq_scheme.pdb_seq_num 
_pdbx_poly_seq_scheme.auth_seq_num 
_pdbx_poly_seq_scheme.pdb_mon_id 
_pdbx_poly_seq_scheme.auth_mon_id 
_pdbx_poly_seq_scheme.pdb_strand_id 
_pdbx_poly_seq_scheme.pdb_ins_code 
_pdbx_poly_seq_scheme.hetero 
A 1 1   MET 1   0   ?   ?   ?   A . n 
A 1 2   ALA 2   1   1   ALA ALA A . n 
A 1 3   PHE 3   2   2   PHE PHE A . n 
A 1 4   THR 4   3   3   THR THR A . n 
A 1 5   ILE 5   4   4   ILE ILE A . n 
A 1 6   ASP 6   5   5   ASP ASP A . n 
A 1 7   PHE 7   6   6   PHE PHE A . n 
A 1 8   SER 8   7   7   SER SER A . n 
A 1 9   ASP 9   8   8   ASP ASP A . n 
A 1 10  HIS 10  9   9   HIS HIS A . n 
A 1 11  THR 11  10  10  THR THR A . n 
A 1 12  GLY 12  11  11  GLY GLY A . n 
A 1 13  LEU 13  12  12  LEU LEU A . n 
A 1 14  VAL 14  13  13  VAL VAL A . n 
A 1 15  LYS 15  14  14  LYS LYS A . n 
A 1 16  ASP 16  15  15  ASP ASP A . n 
A 1 17  ALA 17  16  16  ALA ALA A . n 
A 1 18  TRP 18  17  17  TRP TRP A . n 
A 1 19  TYR 19  18  18  TYR TYR A . n 
A 1 20  LYS 20  19  19  LYS LYS A . n 
A 1 21  GLN 21  20  20  GLN GLN A . n 
A 1 22  ILE 22  21  21  ILE ILE A . n 
A 1 23  GLU 23  22  22  GLU GLU A . n 
A 1 24  ASP 24  23  23  ASP ASP A . n 
A 1 25  LEU 25  24  24  LEU LEU A . n 
A 1 26  LEU 26  25  25  LEU LEU A . n 
A 1 27  GLU 27  26  26  GLU GLU A . n 
A 1 28  PHE 28  27  27  PHE PHE A . n 
A 1 29  ALA 29  28  28  ALA ALA A . n 
A 1 30  LYS 30  29  29  LYS LYS A . n 
A 1 31  LYS 31  30  30  LYS LYS A . n 
A 1 32  GLU 32  31  31  GLU GLU A . n 
A 1 33  GLU 33  32  32  GLU GLU A . n 
A 1 34  HIS 34  33  33  HIS HIS A . n 
A 1 35  ILE 35  34  34  ILE ILE A . n 
A 1 36  GLU 36  35  35  GLU GLU A . n 
A 1 37  ASP 37  36  36  ASP ASP A . n 
A 1 38  ASP 38  37  37  ASP ASP A . n 
A 1 39  ALA 39  38  38  ALA ALA A . n 
A 1 40  GLU 40  39  39  GLU GLU A . n 
A 1 41  LEU 41  40  40  LEU LEU A . n 
A 1 42  SER 42  41  41  SER SER A . n 
A 1 43  VAL 43  42  42  VAL VAL A . n 
A 1 44  THR 44  43  43  THR THR A . n 
A 1 45  PHE 45  44  44  PHE PHE A . n 
A 1 46  VAL 46  45  45  VAL VAL A . n 
A 1 47  ASP 47  46  46  ASP ASP A . n 
A 1 48  LYS 48  47  47  LYS LYS A . n 
A 1 49  GLN 49  48  48  GLN GLN A . n 
A 1 50  GLU 50  49  49  GLU GLU A . n 
A 1 51  ILE 51  50  50  ILE ILE A . n 
A 1 52  GLN 52  51  51  GLN GLN A . n 
A 1 53  GLU 53  52  52  GLU GLU A . n 
A 1 54  ILE 54  53  53  ILE ILE A . n 
A 1 55  ASN 55  54  54  ASN ASN A . n 
A 1 56  ARG 56  55  55  ARG ARG A . n 
A 1 57  THR 57  56  56  THR THR A . n 
A 1 58  TYR 58  57  57  TYR TYR A . n 
A 1 59  ARG 59  58  58  ARG ARG A . n 
A 1 60  ASP 60  59  59  ASP ASP A . n 
A 1 61  LYS 61  60  60  LYS LYS A . n 
A 1 62  ASP 62  61  61  ASP ASP A . n 
A 1 63  LYS 63  62  62  LYS LYS A . n 
A 1 64  VAL 64  63  63  VAL VAL A . n 
A 1 65  THR 65  64  64  THR THR A . n 
A 1 66  ASP 66  65  65  ASP ASP A . n 
A 1 67  VAL 67  66  66  VAL VAL A . n 
A 1 68  ILE 68  67  67  ILE ILE A . n 
A 1 69  SER 69  68  68  SER SER A . n 
A 1 70  PHE 70  69  69  PHE PHE A . n 
A 1 71  ALA 71  70  70  ALA ALA A . n 
A 1 72  LEU 72  71  71  LEU LEU A . n 
A 1 73  GLU 73  72  ?   ?   ?   A . n 
A 1 74  GLU 74  73  ?   ?   ?   A . n 
A 1 75  ASP 75  74  ?   ?   ?   A . n 
A 1 76  GLU 76  75  ?   ?   ?   A . n 
A 1 77  PRO 77  76  ?   ?   ?   A . n 
A 1 78  GLU 78  77  ?   ?   ?   A . n 
A 1 79  ILE 79  78  ?   ?   ?   A . n 
A 1 80  ASP 80  79  ?   ?   ?   A . n 
A 1 81  PHE 81  80  ?   ?   ?   A . n 
A 1 82  SER 82  81  ?   ?   ?   A . n 
A 1 83  GLY 83  82  ?   ?   ?   A . n 
A 1 84  LEU 84  83  ?   ?   ?   A . n 
A 1 85  ASP 85  84  ?   ?   ?   A . n 
A 1 86  ILE 86  85  ?   ?   ?   A . n 
A 1 87  PRO 87  86  86  PRO PRO A . n 
A 1 88  ARG 88  87  87  ARG ARG A . n 
A 1 89  VAL 89  88  88  VAL VAL A . n 
A 1 90  LEU 90  89  89  LEU LEU A . n 
A 1 91  GLY 91  90  90  GLY GLY A . n 
A 1 92  ASP 92  91  91  ASP ASP A . n 
A 1 93  ILE 93  92  92  ILE ILE A . n 
A 1 94  ILE 94  93  93  ILE ILE A . n 
A 1 95  ILE 95  94  94  ILE ILE A . n 
A 1 96  CYS 96  95  95  CYS CYS A . n 
A 1 97  THR 97  96  96  THR THR A . n 
A 1 98  ASP 98  97  97  ASP ASP A . n 
A 1 99  VAL 99  98  98  VAL VAL A . n 
A 1 100 ALA 100 99  99  ALA ALA A . n 
A 1 101 GLN 101 100 100 GLN GLN A . n 
A 1 102 GLU 102 101 101 GLU GLU A . n 
A 1 103 GLN 103 102 102 GLN GLN A . n 
A 1 104 ALA 104 103 103 ALA ALA A . n 
A 1 105 ASN 105 104 104 ASN ASN A . n 
A 1 106 ASN 106 105 105 ASN ASN A . n 
A 1 107 TYR 107 106 106 TYR TYR A . n 
A 1 108 GLY 108 107 107 GLY GLY A . n 
A 1 109 HIS 109 108 108 HIS HIS A . n 
A 1 110 SER 110 109 109 SER SER A . n 
A 1 111 PHE 111 110 110 PHE PHE A . n 
A 1 112 GLU 112 111 111 GLU GLU A . n 
A 1 113 ARG 113 112 112 ARG ARG A . n 
A 1 114 GLU 114 113 113 GLU GLU A . n 
A 1 115 LEU 115 114 114 LEU LEU A . n 
A 1 116 GLY 116 115 115 GLY GLY A . n 
A 1 117 PHE 117 116 116 PHE PHE A . n 
A 1 118 LEU 118 117 117 LEU LEU A . n 
A 1 119 ALA 119 118 118 ALA ALA A . n 
A 1 120 LEU 120 119 119 LEU LEU A . n 
A 1 121 HIS 121 120 120 HIS HIS A . n 
A 1 122 GLY 122 121 121 GLY GLY A . n 
A 1 123 PHE 123 122 122 PHE PHE A . n 
A 1 124 LEU 124 123 123 LEU LEU A . n 
A 1 125 HIS 125 124 124 HIS HIS A . n 
A 1 126 LEU 126 125 125 LEU LEU A . n 
A 1 127 LEU 127 126 126 LEU LEU A . n 
A 1 128 GLY 128 127 127 GLY GLY A . n 
A 1 129 TYR 129 128 128 TYR TYR A . n 
A 1 130 ASP 130 129 129 ASP ASP A . n 
A 1 131 HIS 131 130 130 HIS HIS A . n 
A 1 132 MET 132 131 131 MET MET A . n 
A 1 133 THR 133 132 132 THR THR A . n 
A 1 134 GLU 134 133 133 GLU GLU A . n 
A 1 135 ALA 135 134 134 ALA ALA A . n 
A 1 136 ASP 136 135 135 ASP ASP A . n 
A 1 137 GLU 137 136 136 GLU GLU A . n 
A 1 138 LYS 138 137 137 LYS LYS A . n 
A 1 139 GLU 139 138 138 GLU GLU A . n 
A 1 140 MET 140 139 139 MET MET A . n 
A 1 141 PHE 141 140 140 PHE PHE A . n 
A 1 142 GLY 142 141 141 GLY GLY A . n 
A 1 143 ARG 143 142 142 ARG ARG A . n 
A 1 144 GLN 144 143 143 GLN GLN A . n 
A 1 145 ASP 145 144 144 ASP ASP A . n 
A 1 146 THR 146 145 145 THR THR A . n 
A 1 147 ILE 147 146 146 ILE ILE A . n 
A 1 148 LEU 148 147 147 LEU LEU A . n 
A 1 149 ASN 149 148 148 ASN ASN A . n 
A 1 150 ALA 150 149 149 ALA ALA A . n 
A 1 151 TYR 151 150 150 TYR TYR A . n 
A 1 152 GLY 152 151 151 GLY GLY A . n 
A 1 153 LEU 153 152 152 LEU LEU A . n 
A 1 154 THR 154 153 153 THR THR A . n 
A 1 155 ARG 155 154 154 ARG ARG A . n 
A 1 156 ASP 156 155 155 ASP ASP A . n 
A 1 157 HIS 157 156 156 HIS HIS A . n 
A 1 158 HIS 158 157 157 HIS HIS A . n 
A 1 159 HIS 159 158 158 HIS HIS A . n 
A 1 160 HIS 160 159 159 HIS HIS A . n 
A 1 161 HIS 161 160 160 HIS HIS A . n 
A 1 162 HIS 162 161 161 HIS HIS A . n 
# 
loop_
_pdbx_nonpoly_scheme.asym_id 
_pdbx_nonpoly_scheme.entity_id 
_pdbx_nonpoly_scheme.mon_id 
_pdbx_nonpoly_scheme.ndb_seq_num 
_pdbx_nonpoly_scheme.pdb_seq_num 
_pdbx_nonpoly_scheme.auth_seq_num 
_pdbx_nonpoly_scheme.pdb_mon_id 
_pdbx_nonpoly_scheme.auth_mon_id 
_pdbx_nonpoly_scheme.pdb_strand_id 
_pdbx_nonpoly_scheme.pdb_ins_code 
B 2 ZN  1  201 180 ZN  ZN  A . 
C 3 CIT 1  202 200 CIT CIT A . 
D 3 CIT 1  203 201 CIT CIT A . 
E 4 HOH 1  301 170 HOH HOH A . 
E 4 HOH 2  302 116 HOH HOH A . 
E 4 HOH 3  303 92  HOH HOH A . 
E 4 HOH 4  304 45  HOH HOH A . 
E 4 HOH 5  305 37  HOH HOH A . 
E 4 HOH 6  306 186 HOH HOH A . 
E 4 HOH 7  307 39  HOH HOH A . 
E 4 HOH 8  308 176 HOH HOH A . 
E 4 HOH 9  309 30  HOH HOH A . 
E 4 HOH 10 310 28  HOH HOH A . 
E 4 HOH 11 311 190 HOH HOH A . 
E 4 HOH 12 312 152 HOH HOH A . 
E 4 HOH 13 313 158 HOH HOH A . 
E 4 HOH 14 314 164 HOH HOH A . 
E 4 HOH 15 315 25  HOH HOH A . 
E 4 HOH 16 316 184 HOH HOH A . 
E 4 HOH 17 317 161 HOH HOH A . 
E 4 HOH 18 318 19  HOH HOH A . 
E 4 HOH 19 319 24  HOH HOH A . 
E 4 HOH 20 320 32  HOH HOH A . 
E 4 HOH 21 321 49  HOH HOH A . 
E 4 HOH 22 322 174 HOH HOH A . 
E 4 HOH 23 323 12  HOH HOH A . 
E 4 HOH 24 324 88  HOH HOH A . 
E 4 HOH 25 325 20  HOH HOH A . 
E 4 HOH 26 326 185 HOH HOH A . 
E 4 HOH 27 327 157 HOH HOH A . 
E 4 HOH 28 328 175 HOH HOH A . 
E 4 HOH 29 329 16  HOH HOH A . 
E 4 HOH 30 330 141 HOH HOH A . 
E 4 HOH 31 331 13  HOH HOH A . 
E 4 HOH 32 332 168 HOH HOH A . 
E 4 HOH 33 333 72  HOH HOH A . 
E 4 HOH 34 334 22  HOH HOH A . 
E 4 HOH 35 335 60  HOH HOH A . 
E 4 HOH 36 336 173 HOH HOH A . 
E 4 HOH 37 337 172 HOH HOH A . 
E 4 HOH 38 338 85  HOH HOH A . 
E 4 HOH 39 339 71  HOH HOH A . 
E 4 HOH 40 340 53  HOH HOH A . 
E 4 HOH 41 341 109 HOH HOH A . 
E 4 HOH 42 342 188 HOH HOH A . 
E 4 HOH 43 343 21  HOH HOH A . 
E 4 HOH 44 344 15  HOH HOH A . 
E 4 HOH 45 345 151 HOH HOH A . 
E 4 HOH 46 346 40  HOH HOH A . 
E 4 HOH 47 347 98  HOH HOH A . 
E 4 HOH 48 348 189 HOH HOH A . 
E 4 HOH 49 349 177 HOH HOH A . 
E 4 HOH 50 350 187 HOH HOH A . 
E 4 HOH 51 351 18  HOH HOH A . 
E 4 HOH 52 352 169 HOH HOH A . 
E 4 HOH 53 353 125 HOH HOH A . 
E 4 HOH 54 354 82  HOH HOH A . 
# 
loop_
_software.citation_id 
_software.classification 
_software.compiler_name 
_software.compiler_version 
_software.contact_author 
_software.contact_author_email 
_software.date 
_software.description 
_software.dependencies 
_software.hardware 
_software.language 
_software.location 
_software.mods 
_software.name 
_software.os 
_software.os_version 
_software.type 
_software.version 
_software.pdbx_ordinal 
? refinement       ? ? ? ? ? ? ? ? ? ? ? PHENIX   ? ? ? 1.20.1_4487 1 
? 'data reduction' ? ? ? ? ? ? ? ? ? ? ? HKL-2000 ? ? ? .           2 
? phasing          ? ? ? ? ? ? ? ? ? ? ? PHENIX   ? ? ? .           3 
? 'data scaling'   ? ? ? ? ? ? ? ? ? ? ? HKL-2000 ? ? ? .           4 
# 
_cell.angle_alpha                  90.000 
_cell.angle_alpha_esd              ? 
_cell.angle_beta                   90.000 
_cell.angle_beta_esd               ? 
_cell.angle_gamma                  120.000 
_cell.angle_gamma_esd              ? 
_cell.entry_id                     7Y7O 
_cell.details                      ? 
_cell.formula_units_Z              ? 
_cell.length_a                     100.663 
_cell.length_a_esd                 ? 
_cell.length_b                     100.663 
_cell.length_b_esd                 ? 
_cell.length_c                     50.187 
_cell.length_c_esd                 ? 
_cell.volume                       440414.497 
_cell.volume_esd                   ? 
_cell.Z_PDB                        6 
_cell.reciprocal_angle_alpha       ? 
_cell.reciprocal_angle_beta        ? 
_cell.reciprocal_angle_gamma       ? 
_cell.reciprocal_angle_alpha_esd   ? 
_cell.reciprocal_angle_beta_esd    ? 
_cell.reciprocal_angle_gamma_esd   ? 
_cell.reciprocal_length_a          ? 
_cell.reciprocal_length_b          ? 
_cell.reciprocal_length_c          ? 
_cell.reciprocal_length_a_esd      ? 
_cell.reciprocal_length_b_esd      ? 
_cell.reciprocal_length_c_esd      ? 
_cell.pdbx_unique_axis             ? 
_cell.pdbx_esd_method              ? 
# 
_symmetry.entry_id                         7Y7O 
_symmetry.cell_setting                     ? 
_symmetry.Int_Tables_number                173 
_symmetry.space_group_name_Hall            'P 6c' 
_symmetry.space_group_name_H-M             'P 63' 
_symmetry.pdbx_full_space_group_name_H-M   ? 
# 
_exptl.absorpt_coefficient_mu     ? 
_exptl.absorpt_correction_T_max   ? 
_exptl.absorpt_correction_T_min   ? 
_exptl.absorpt_correction_type    ? 
_exptl.absorpt_process_details    ? 
_exptl.entry_id                   7Y7O 
_exptl.crystals_number            1 
_exptl.details                    ? 
_exptl.method                     'X-RAY DIFFRACTION' 
_exptl.method_details             ? 
# 
_exptl_crystal.colour                       ? 
_exptl_crystal.density_diffrn               ? 
_exptl_crystal.density_Matthews             3.89 
_exptl_crystal.density_method               ? 
_exptl_crystal.density_percent_sol          71.26 
_exptl_crystal.description                  ? 
_exptl_crystal.F_000                        ? 
_exptl_crystal.id                           1 
_exptl_crystal.preparation                  ? 
_exptl_crystal.size_max                     ? 
_exptl_crystal.size_mid                     ? 
_exptl_crystal.size_min                     ? 
_exptl_crystal.size_rad                     ? 
_exptl_crystal.colour_lustre                ? 
_exptl_crystal.colour_modifier              ? 
_exptl_crystal.colour_primary               ? 
_exptl_crystal.density_meas                 ? 
_exptl_crystal.density_meas_esd             ? 
_exptl_crystal.density_meas_gt              ? 
_exptl_crystal.density_meas_lt              ? 
_exptl_crystal.density_meas_temp            ? 
_exptl_crystal.density_meas_temp_esd        ? 
_exptl_crystal.density_meas_temp_gt         ? 
_exptl_crystal.density_meas_temp_lt         ? 
_exptl_crystal.pdbx_crystal_image_url       ? 
_exptl_crystal.pdbx_crystal_image_format    ? 
_exptl_crystal.pdbx_mosaicity               ? 
_exptl_crystal.pdbx_mosaicity_esd           ? 
_exptl_crystal.pdbx_mosaic_method           ? 
_exptl_crystal.pdbx_mosaic_block_size       ? 
_exptl_crystal.pdbx_mosaic_block_size_esd   ? 
# 
_exptl_crystal_grow.apparatus       ? 
_exptl_crystal_grow.atmosphere      ? 
_exptl_crystal_grow.crystal_id      1 
_exptl_crystal_grow.details         ? 
_exptl_crystal_grow.method          'VAPOR DIFFUSION, HANGING DROP' 
_exptl_crystal_grow.method_ref      ? 
_exptl_crystal_grow.pH              ? 
_exptl_crystal_grow.pressure        ? 
_exptl_crystal_grow.pressure_esd    ? 
_exptl_crystal_grow.seeding         ? 
_exptl_crystal_grow.seeding_ref     ? 
_exptl_crystal_grow.temp            287.15 
_exptl_crystal_grow.temp_details    ? 
_exptl_crystal_grow.temp_esd        ? 
_exptl_crystal_grow.time            ? 
_exptl_crystal_grow.pdbx_details    '0.1 M Sodium citrate (pH 5.5), 40% (v/v) PEG 400, 1 mM Zinc sulfate' 
_exptl_crystal_grow.pdbx_pH_range   ? 
# 
_diffrn.ambient_environment              ? 
_diffrn.ambient_temp                     80 
_diffrn.ambient_temp_details             ? 
_diffrn.ambient_temp_esd                 ? 
_diffrn.crystal_id                       1 
_diffrn.crystal_support                  ? 
_diffrn.crystal_treatment                ? 
_diffrn.details                          ? 
_diffrn.id                               1 
_diffrn.ambient_pressure                 ? 
_diffrn.ambient_pressure_esd             ? 
_diffrn.ambient_pressure_gt              ? 
_diffrn.ambient_pressure_lt              ? 
_diffrn.ambient_temp_gt                  ? 
_diffrn.ambient_temp_lt                  ? 
_diffrn.pdbx_serial_crystal_experiment   N 
# 
_diffrn_detector.details                      ? 
_diffrn_detector.detector                     PIXEL 
_diffrn_detector.diffrn_id                    1 
_diffrn_detector.type                         'DECTRIS EIGER X 9M' 
_diffrn_detector.area_resol_mean              ? 
_diffrn_detector.dtime                        ? 
_diffrn_detector.pdbx_frames_total            ? 
_diffrn_detector.pdbx_collection_time_total   ? 
_diffrn_detector.pdbx_collection_date         2020-08-06 
_diffrn_detector.pdbx_frequency               ? 
# 
_diffrn_radiation.collimation                      ? 
_diffrn_radiation.diffrn_id                        1 
_diffrn_radiation.filter_edge                      ? 
_diffrn_radiation.inhomogeneity                    ? 
_diffrn_radiation.monochromator                    ? 
_diffrn_radiation.polarisn_norm                    ? 
_diffrn_radiation.polarisn_ratio                   ? 
_diffrn_radiation.probe                            ? 
_diffrn_radiation.type                             ? 
_diffrn_radiation.xray_symbol                      ? 
_diffrn_radiation.wavelength_id                    1 
_diffrn_radiation.pdbx_monochromatic_or_laue_m_l   M 
_diffrn_radiation.pdbx_wavelength_list             ? 
_diffrn_radiation.pdbx_wavelength                  ? 
_diffrn_radiation.pdbx_diffrn_protocol             'SINGLE WAVELENGTH' 
_diffrn_radiation.pdbx_analyzer                    ? 
_diffrn_radiation.pdbx_scattering_type             x-ray 
# 
_diffrn_radiation_wavelength.id           1 
_diffrn_radiation_wavelength.wavelength   1.28176 
_diffrn_radiation_wavelength.wt           1.0 
# 
_diffrn_source.current                     ? 
_diffrn_source.details                     ? 
_diffrn_source.diffrn_id                   1 
_diffrn_source.power                       ? 
_diffrn_source.size                        ? 
_diffrn_source.source                      SYNCHROTRON 
_diffrn_source.target                      ? 
_diffrn_source.type                        'PAL/PLS BEAMLINE 5C (4A)' 
_diffrn_source.voltage                     ? 
_diffrn_source.take-off_angle              ? 
_diffrn_source.pdbx_wavelength_list        1.28176 
_diffrn_source.pdbx_wavelength             ? 
_diffrn_source.pdbx_synchrotron_beamline   '5C (4A)' 
_diffrn_source.pdbx_synchrotron_site       PAL/PLS 
# 
_reflns.B_iso_Wilson_estimate                          17.58 
_reflns.entry_id                                       7Y7O 
_reflns.data_reduction_details                         ? 
_reflns.data_reduction_method                          ? 
_reflns.d_resolution_high                              1.90 
_reflns.d_resolution_low                               50.0 
_reflns.details                                        ? 
_reflns.limit_h_max                                    ? 
_reflns.limit_h_min                                    ? 
_reflns.limit_k_max                                    ? 
_reflns.limit_k_min                                    ? 
_reflns.limit_l_max                                    ? 
_reflns.limit_l_min                                    ? 
_reflns.number_all                                     ? 
_reflns.number_obs                                     22303 
_reflns.observed_criterion                             ? 
_reflns.observed_criterion_F_max                       ? 
_reflns.observed_criterion_F_min                       ? 
_reflns.observed_criterion_I_max                       ? 
_reflns.observed_criterion_I_min                       ? 
_reflns.observed_criterion_sigma_F                     ? 
_reflns.observed_criterion_sigma_I                     ? 
_reflns.percent_possible_obs                           96.6 
_reflns.R_free_details                                 ? 
_reflns.Rmerge_F_all                                   ? 
_reflns.Rmerge_F_obs                                   ? 
_reflns.Friedel_coverage                               ? 
_reflns.number_gt                                      ? 
_reflns.threshold_expression                           ? 
_reflns.pdbx_redundancy                                21.1 
_reflns.pdbx_Rmerge_I_obs                              0.056 
_reflns.pdbx_Rmerge_I_all                              ? 
_reflns.pdbx_Rsym_value                                ? 
_reflns.pdbx_netI_over_av_sigmaI                       ? 
_reflns.pdbx_netI_over_sigmaI                          56 
_reflns.pdbx_res_netI_over_av_sigmaI_2                 ? 
_reflns.pdbx_res_netI_over_sigmaI_2                    ? 
_reflns.pdbx_chi_squared                               ? 
_reflns.pdbx_scaling_rejects                           ? 
_reflns.pdbx_d_res_high_opt                            ? 
_reflns.pdbx_d_res_low_opt                             ? 
_reflns.pdbx_d_res_opt_method                          ? 
_reflns.phase_calculation_details                      ? 
_reflns.pdbx_Rrim_I_all                                0.055 
_reflns.pdbx_Rpim_I_all                                0.012 
_reflns.pdbx_d_opt                                     ? 
_reflns.pdbx_number_measured_all                       ? 
_reflns.pdbx_diffrn_id                                 1 
_reflns.pdbx_ordinal                                   1 
_reflns.pdbx_CC_half                                   1.000 
_reflns.pdbx_CC_star                                   1.000 
_reflns.pdbx_R_split                                   ? 
_reflns.pdbx_aniso_diffraction_limit_axis_1_ortho[1]   ? 
_reflns.pdbx_aniso_diffraction_limit_axis_1_ortho[2]   ? 
_reflns.pdbx_aniso_diffraction_limit_axis_1_ortho[3]   ? 
_reflns.pdbx_aniso_diffraction_limit_axis_2_ortho[1]   ? 
_reflns.pdbx_aniso_diffraction_limit_axis_2_ortho[2]   ? 
_reflns.pdbx_aniso_diffraction_limit_axis_2_ortho[3]   ? 
_reflns.pdbx_aniso_diffraction_limit_axis_3_ortho[1]   ? 
_reflns.pdbx_aniso_diffraction_limit_axis_3_ortho[2]   ? 
_reflns.pdbx_aniso_diffraction_limit_axis_3_ortho[3]   ? 
_reflns.pdbx_aniso_diffraction_limit_1                 ? 
_reflns.pdbx_aniso_diffraction_limit_2                 ? 
_reflns.pdbx_aniso_diffraction_limit_3                 ? 
_reflns.pdbx_aniso_B_tensor_eigenvector_1_ortho[1]     ? 
_reflns.pdbx_aniso_B_tensor_eigenvector_1_ortho[2]     ? 
_reflns.pdbx_aniso_B_tensor_eigenvector_1_ortho[3]     ? 
_reflns.pdbx_aniso_B_tensor_eigenvector_2_ortho[1]     ? 
_reflns.pdbx_aniso_B_tensor_eigenvector_2_ortho[2]     ? 
_reflns.pdbx_aniso_B_tensor_eigenvector_2_ortho[3]     ? 
_reflns.pdbx_aniso_B_tensor_eigenvector_3_ortho[1]     ? 
_reflns.pdbx_aniso_B_tensor_eigenvector_3_ortho[2]     ? 
_reflns.pdbx_aniso_B_tensor_eigenvector_3_ortho[3]     ? 
_reflns.pdbx_aniso_B_tensor_eigenvalue_1               ? 
_reflns.pdbx_aniso_B_tensor_eigenvalue_2               ? 
_reflns.pdbx_aniso_B_tensor_eigenvalue_3               ? 
_reflns.pdbx_orthogonalization_convention              ? 
_reflns.pdbx_percent_possible_ellipsoidal              ? 
_reflns.pdbx_percent_possible_spherical                ? 
_reflns.pdbx_percent_possible_ellipsoidal_anomalous    ? 
_reflns.pdbx_percent_possible_spherical_anomalous      ? 
_reflns.pdbx_redundancy_anomalous                      ? 
_reflns.pdbx_CC_half_anomalous                         ? 
_reflns.pdbx_absDiff_over_sigma_anomalous              ? 
_reflns.pdbx_percent_possible_anomalous                ? 
_reflns.pdbx_observed_signal_threshold                 ? 
_reflns.pdbx_signal_type                               ? 
_reflns.pdbx_signal_details                            ? 
_reflns.pdbx_signal_software_id                        ? 
_reflns.pdbx_CC_split_method                           ? 
# 
_reflns_shell.d_res_high                                    1.90 
_reflns_shell.d_res_low                                     1.93 
_reflns_shell.meanI_over_sigI_all                           ? 
_reflns_shell.meanI_over_sigI_obs                           14.6 
_reflns_shell.number_measured_all                           ? 
_reflns_shell.number_measured_obs                           ? 
_reflns_shell.number_possible                               ? 
_reflns_shell.number_unique_all                             ? 
_reflns_shell.number_unique_obs                             1017 
_reflns_shell.percent_possible_all                          88.7 
_reflns_shell.percent_possible_obs                          ? 
_reflns_shell.Rmerge_F_all                                  ? 
_reflns_shell.Rmerge_F_obs                                  ? 
_reflns_shell.Rmerge_I_all                                  ? 
_reflns_shell.Rmerge_I_obs                                  0.184 
_reflns_shell.meanI_over_sigI_gt                            ? 
_reflns_shell.meanI_over_uI_all                             ? 
_reflns_shell.meanI_over_uI_gt                              ? 
_reflns_shell.number_measured_gt                            ? 
_reflns_shell.number_unique_gt                              ? 
_reflns_shell.percent_possible_gt                           ? 
_reflns_shell.Rmerge_F_gt                                   ? 
_reflns_shell.Rmerge_I_gt                                   ? 
_reflns_shell.pdbx_redundancy                               18.8 
_reflns_shell.pdbx_Rsym_value                               ? 
_reflns_shell.pdbx_chi_squared                              ? 
_reflns_shell.pdbx_netI_over_sigmaI_all                     ? 
_reflns_shell.pdbx_netI_over_sigmaI_obs                     ? 
_reflns_shell.pdbx_Rrim_I_all                               0.194 
_reflns_shell.pdbx_Rpim_I_all                               0.044 
_reflns_shell.pdbx_rejects                                  ? 
_reflns_shell.pdbx_ordinal                                  1 
_reflns_shell.pdbx_diffrn_id                                1 
_reflns_shell.pdbx_CC_half                                  0.988 
_reflns_shell.pdbx_CC_star                                  0.997 
_reflns_shell.pdbx_R_split                                  ? 
_reflns_shell.pdbx_percent_possible_ellipsoidal             ? 
_reflns_shell.pdbx_percent_possible_spherical               ? 
_reflns_shell.pdbx_percent_possible_ellipsoidal_anomalous   ? 
_reflns_shell.pdbx_percent_possible_spherical_anomalous     ? 
_reflns_shell.pdbx_redundancy_anomalous                     ? 
_reflns_shell.pdbx_CC_half_anomalous                        ? 
_reflns_shell.pdbx_absDiff_over_sigma_anomalous             ? 
_reflns_shell.pdbx_percent_possible_anomalous               ? 
# 
_refine.aniso_B[1][1]                            ? 
_refine.aniso_B[1][2]                            ? 
_refine.aniso_B[1][3]                            ? 
_refine.aniso_B[2][2]                            ? 
_refine.aniso_B[2][3]                            ? 
_refine.aniso_B[3][3]                            ? 
_refine.B_iso_max                                ? 
_refine.B_iso_mean                               20.83 
_refine.B_iso_min                                ? 
_refine.correlation_coeff_Fo_to_Fc               ? 
_refine.correlation_coeff_Fo_to_Fc_free          ? 
_refine.details                                  ? 
_refine.diff_density_max                         ? 
_refine.diff_density_max_esd                     ? 
_refine.diff_density_min                         ? 
_refine.diff_density_min_esd                     ? 
_refine.diff_density_rms                         ? 
_refine.diff_density_rms_esd                     ? 
_refine.entry_id                                 7Y7O 
_refine.pdbx_refine_id                           'X-RAY DIFFRACTION' 
_refine.ls_abs_structure_details                 ? 
_refine.ls_abs_structure_Flack                   ? 
_refine.ls_abs_structure_Flack_esd               ? 
_refine.ls_abs_structure_Rogers                  ? 
_refine.ls_abs_structure_Rogers_esd              ? 
_refine.ls_d_res_high                            1.90 
_refine.ls_d_res_low                             43.59 
_refine.ls_extinction_coef                       ? 
_refine.ls_extinction_coef_esd                   ? 
_refine.ls_extinction_expression                 ? 
_refine.ls_extinction_method                     ? 
_refine.ls_goodness_of_fit_all                   ? 
_refine.ls_goodness_of_fit_all_esd               ? 
_refine.ls_goodness_of_fit_obs                   ? 
_refine.ls_goodness_of_fit_obs_esd               ? 
_refine.ls_hydrogen_treatment                    ? 
_refine.ls_matrix_type                           ? 
_refine.ls_number_constraints                    ? 
_refine.ls_number_parameters                     ? 
_refine.ls_number_reflns_all                     ? 
_refine.ls_number_reflns_obs                     22298 
_refine.ls_number_reflns_R_free                  2002 
_refine.ls_number_reflns_R_work                  20296 
_refine.ls_number_restraints                     ? 
_refine.ls_percent_reflns_obs                    96.53 
_refine.ls_percent_reflns_R_free                 8.98 
_refine.ls_R_factor_all                          ? 
_refine.ls_R_factor_obs                          0.1993 
_refine.ls_R_factor_R_free                       0.2256 
_refine.ls_R_factor_R_free_error                 ? 
_refine.ls_R_factor_R_free_error_details         ? 
_refine.ls_R_factor_R_work                       0.1967 
_refine.ls_R_Fsqd_factor_obs                     ? 
_refine.ls_R_I_factor_obs                        ? 
_refine.ls_redundancy_reflns_all                 ? 
_refine.ls_redundancy_reflns_obs                 ? 
_refine.ls_restrained_S_all                      ? 
_refine.ls_restrained_S_obs                      ? 
_refine.ls_shift_over_esd_max                    ? 
_refine.ls_shift_over_esd_mean                   ? 
_refine.ls_structure_factor_coef                 ? 
_refine.ls_weighting_details                     ? 
_refine.ls_weighting_scheme                      ? 
_refine.ls_wR_factor_all                         ? 
_refine.ls_wR_factor_obs                         ? 
_refine.ls_wR_factor_R_free                      ? 
_refine.ls_wR_factor_R_work                      ? 
_refine.occupancy_max                            ? 
_refine.occupancy_min                            ? 
_refine.solvent_model_details                    'FLAT BULK SOLVENT MODEL' 
_refine.solvent_model_param_bsol                 ? 
_refine.solvent_model_param_ksol                 ? 
_refine.pdbx_R_complete                          ? 
_refine.ls_R_factor_gt                           ? 
_refine.ls_goodness_of_fit_gt                    ? 
_refine.ls_goodness_of_fit_ref                   ? 
_refine.ls_shift_over_su_max                     ? 
_refine.ls_shift_over_su_max_lt                  ? 
_refine.ls_shift_over_su_mean                    ? 
_refine.ls_shift_over_su_mean_lt                 ? 
_refine.pdbx_ls_sigma_I                          ? 
_refine.pdbx_ls_sigma_F                          1.42 
_refine.pdbx_ls_sigma_Fsqd                       ? 
_refine.pdbx_data_cutoff_high_absF               ? 
_refine.pdbx_data_cutoff_high_rms_absF           ? 
_refine.pdbx_data_cutoff_low_absF                ? 
_refine.pdbx_isotropic_thermal_model             ? 
_refine.pdbx_ls_cross_valid_method               'FREE R-VALUE' 
_refine.pdbx_method_to_determine_struct          SAD 
_refine.pdbx_starting_model                      ? 
_refine.pdbx_stereochemistry_target_values       'GeoStd + Monomer Library + CDL v1.2' 
_refine.pdbx_R_Free_selection_details            ? 
_refine.pdbx_stereochem_target_val_spec_case     ? 
_refine.pdbx_overall_ESU_R                       ? 
_refine.pdbx_overall_ESU_R_Free                  ? 
_refine.pdbx_solvent_vdw_probe_radii             1.1000 
_refine.pdbx_solvent_ion_probe_radii             ? 
_refine.pdbx_solvent_shrinkage_radii             0.9000 
_refine.pdbx_real_space_R                        ? 
_refine.pdbx_density_correlation                 ? 
_refine.pdbx_pd_number_of_powder_patterns        ? 
_refine.pdbx_pd_number_of_points                 ? 
_refine.pdbx_pd_meas_number_of_points            ? 
_refine.pdbx_pd_proc_ls_prof_R_factor            ? 
_refine.pdbx_pd_proc_ls_prof_wR_factor           ? 
_refine.pdbx_pd_Marquardt_correlation_coeff      ? 
_refine.pdbx_pd_Fsqrd_R_factor                   ? 
_refine.pdbx_pd_ls_matrix_band_width             ? 
_refine.pdbx_overall_phase_error                 21.3305 
_refine.pdbx_overall_SU_R_free_Cruickshank_DPI   ? 
_refine.pdbx_overall_SU_R_free_Blow_DPI          ? 
_refine.pdbx_overall_SU_R_Blow_DPI               ? 
_refine.pdbx_TLS_residual_ADP_flag               ? 
_refine.pdbx_diffrn_id                           1 
_refine.overall_SU_B                             ? 
_refine.overall_SU_ML                            0.2008 
_refine.overall_SU_R_Cruickshank_DPI             ? 
_refine.overall_SU_R_free                        ? 
_refine.overall_FOM_free_R_set                   ? 
_refine.overall_FOM_work_R_set                   ? 
_refine.pdbx_average_fsc_overall                 ? 
_refine.pdbx_average_fsc_work                    ? 
_refine.pdbx_average_fsc_free                    ? 
# 
_refine_hist.pdbx_refine_id                   'X-RAY DIFFRACTION' 
_refine_hist.cycle_id                         LAST 
_refine_hist.details                          ? 
_refine_hist.d_res_high                       1.90 
_refine_hist.d_res_low                        43.59 
_refine_hist.number_atoms_solvent             54 
_refine_hist.number_atoms_total               1291 
_refine_hist.number_reflns_all                ? 
_refine_hist.number_reflns_obs                ? 
_refine_hist.number_reflns_R_free             ? 
_refine_hist.number_reflns_R_work             ? 
_refine_hist.R_factor_all                     ? 
_refine_hist.R_factor_obs                     ? 
_refine_hist.R_factor_R_free                  ? 
_refine_hist.R_factor_R_work                  ? 
_refine_hist.pdbx_number_residues_total       ? 
_refine_hist.pdbx_B_iso_mean_ligand           ? 
_refine_hist.pdbx_B_iso_mean_solvent          ? 
_refine_hist.pdbx_number_atoms_protein        1210 
_refine_hist.pdbx_number_atoms_nucleic_acid   0 
_refine_hist.pdbx_number_atoms_ligand         27 
_refine_hist.pdbx_number_atoms_lipid          ? 
_refine_hist.pdbx_number_atoms_carb           ? 
_refine_hist.pdbx_pseudo_atom_details         ? 
# 
loop_
_refine_ls_restr.pdbx_refine_id 
_refine_ls_restr.criterion 
_refine_ls_restr.dev_ideal 
_refine_ls_restr.dev_ideal_target 
_refine_ls_restr.number 
_refine_ls_restr.rejects 
_refine_ls_restr.type 
_refine_ls_restr.weight 
_refine_ls_restr.pdbx_restraint_function 
'X-RAY DIFFRACTION' ? 0.0068  ? 1261 ? f_bond_d           ? ? 
'X-RAY DIFFRACTION' ? 0.8994  ? 1702 ? f_angle_d          ? ? 
'X-RAY DIFFRACTION' ? 0.0568  ? 179  ? f_chiral_restr     ? ? 
'X-RAY DIFFRACTION' ? 0.0077  ? 224  ? f_plane_restr      ? ? 
'X-RAY DIFFRACTION' ? 18.7362 ? 166  ? f_dihedral_angle_d ? ? 
# 
loop_
_refine_ls_shell.pdbx_refine_id 
_refine_ls_shell.d_res_high 
_refine_ls_shell.d_res_low 
_refine_ls_shell.number_reflns_all 
_refine_ls_shell.number_reflns_obs 
_refine_ls_shell.number_reflns_R_free 
_refine_ls_shell.number_reflns_R_work 
_refine_ls_shell.percent_reflns_obs 
_refine_ls_shell.percent_reflns_R_free 
_refine_ls_shell.R_factor_all 
_refine_ls_shell.R_factor_obs 
_refine_ls_shell.R_factor_R_free 
_refine_ls_shell.R_factor_R_free_error 
_refine_ls_shell.R_factor_R_work 
_refine_ls_shell.redundancy_reflns_all 
_refine_ls_shell.redundancy_reflns_obs 
_refine_ls_shell.wR_factor_all 
_refine_ls_shell.wR_factor_obs 
_refine_ls_shell.wR_factor_R_free 
_refine_ls_shell.wR_factor_R_work 
_refine_ls_shell.pdbx_R_complete 
_refine_ls_shell.pdbx_total_number_of_bins_used 
_refine_ls_shell.pdbx_phase_error 
_refine_ls_shell.pdbx_fsc_work 
_refine_ls_shell.pdbx_fsc_free 
'X-RAY DIFFRACTION' 1.90 1.95  . . 134 1329 89.04 . . . 0.2311 . 0.2151 . . . . . . . . . . . 
'X-RAY DIFFRACTION' 1.95 2.00  . . 136 1374 93.04 . . . 0.2057 . 0.2088 . . . . . . . . . . . 
'X-RAY DIFFRACTION' 2.00 2.06  . . 140 1432 95.50 . . . 0.2916 . 0.2069 . . . . . . . . . . . 
'X-RAY DIFFRACTION' 2.06 2.12  . . 139 1434 96.21 . . . 0.2456 . 0.2046 . . . . . . . . . . . 
'X-RAY DIFFRACTION' 2.12 2.20  . . 142 1433 96.80 . . . 0.2680 . 0.2055 . . . . . . . . . . . 
'X-RAY DIFFRACTION' 2.20 2.29  . . 139 1453 95.96 . . . 0.2379 . 0.1957 . . . . . . . . . . . 
'X-RAY DIFFRACTION' 2.29 2.39  . . 139 1450 96.65 . . . 0.2065 . 0.1993 . . . . . . . . . . . 
'X-RAY DIFFRACTION' 2.39 2.52  . . 143 1445 97.36 . . . 0.2638 . 0.2087 . . . . . . . . . . . 
'X-RAY DIFFRACTION' 2.52 2.68  . . 144 1469 97.94 . . . 0.2180 . 0.2056 . . . . . . . . . . . 
'X-RAY DIFFRACTION' 2.68 2.88  . . 151 1480 98.31 . . . 0.2430 . 0.2267 . . . . . . . . . . . 
'X-RAY DIFFRACTION' 2.88 3.17  . . 142 1450 97.79 . . . 0.2506 . 0.2257 . . . . . . . . . . . 
'X-RAY DIFFRACTION' 3.17 3.63  . . 145 1505 98.68 . . . 0.2233 . 0.1965 . . . . . . . . . . . 
'X-RAY DIFFRACTION' 3.63 4.57  . . 149 1508 99.10 . . . 0.1862 . 0.1598 . . . . . . . . . . . 
'X-RAY DIFFRACTION' 4.58 43.59 . . 159 1534 99.12 . . . 0.2025 . 0.1779 . . . . . . . . . . . 
# 
_struct.entry_id                     7Y7O 
_struct.title                        'Crystal structure of metallo-endoribonuclease YbeY from Staphylococcus aureus' 
_struct.pdbx_model_details           ? 
_struct.pdbx_formula_weight          ? 
_struct.pdbx_formula_weight_method   ? 
_struct.pdbx_model_type_details      ? 
_struct.pdbx_CASP_flag               N 
# 
_struct_keywords.entry_id        7Y7O 
_struct_keywords.text            'RNA, endoribonuclease, metalloprotein, zinc, HYDROLASE' 
_struct_keywords.pdbx_keywords   HYDROLASE 
# 
loop_
_struct_asym.id 
_struct_asym.pdbx_blank_PDB_chainid_flag 
_struct_asym.pdbx_modified 
_struct_asym.entity_id 
_struct_asym.details 
A N N 1 ? 
B N N 2 ? 
C N N 3 ? 
D N N 3 ? 
E N N 4 ? 
# 
_struct_ref.id                         1 
_struct_ref.db_name                    UNP 
_struct_ref.db_code                    YBEY_STAAM 
_struct_ref.pdbx_db_accession          P67136 
_struct_ref.pdbx_db_isoform            ? 
_struct_ref.entity_id                  1 
_struct_ref.pdbx_seq_one_letter_code   
;FTIDFSDHTGLVKDAWYKQIEDLLEFAKKEEHIEDDAELSVTFVDKQEIQEINRTYRDKDKVTDVISFALEEDEPEIDFS
GLDIPRVLGDIIICTDVAQEQANNYGHSFERELGFLALHGFLHLLGYDHMTEADEKEMFGRQDTILNAYGLTRD
;
_struct_ref.pdbx_align_begin           2 
# 
_struct_ref_seq.align_id                      1 
_struct_ref_seq.ref_id                        1 
_struct_ref_seq.pdbx_PDB_id_code              7Y7O 
_struct_ref_seq.pdbx_strand_id                A 
_struct_ref_seq.seq_align_beg                 3 
_struct_ref_seq.pdbx_seq_align_beg_ins_code   ? 
_struct_ref_seq.seq_align_end                 156 
_struct_ref_seq.pdbx_seq_align_end_ins_code   ? 
_struct_ref_seq.pdbx_db_accession             P67136 
_struct_ref_seq.db_align_beg                  2 
_struct_ref_seq.pdbx_db_align_beg_ins_code    ? 
_struct_ref_seq.db_align_end                  155 
_struct_ref_seq.pdbx_db_align_end_ins_code    ? 
_struct_ref_seq.pdbx_auth_seq_align_beg       2 
_struct_ref_seq.pdbx_auth_seq_align_end       155 
# 
loop_
_struct_ref_seq_dif.align_id 
_struct_ref_seq_dif.pdbx_pdb_id_code 
_struct_ref_seq_dif.mon_id 
_struct_ref_seq_dif.pdbx_pdb_strand_id 
_struct_ref_seq_dif.seq_num 
_struct_ref_seq_dif.pdbx_pdb_ins_code 
_struct_ref_seq_dif.pdbx_seq_db_name 
_struct_ref_seq_dif.pdbx_seq_db_accession_code 
_struct_ref_seq_dif.db_mon_id 
_struct_ref_seq_dif.pdbx_seq_db_seq_num 
_struct_ref_seq_dif.details 
_struct_ref_seq_dif.pdbx_auth_seq_num 
_struct_ref_seq_dif.pdbx_ordinal 
1 7Y7O MET A 1   ? UNP P67136 ? ? 'initiating methionine' 0   1 
1 7Y7O ALA A 2   ? UNP P67136 ? ? 'expression tag'        1   2 
1 7Y7O HIS A 157 ? UNP P67136 ? ? 'expression tag'        156 3 
1 7Y7O HIS A 158 ? UNP P67136 ? ? 'expression tag'        157 4 
1 7Y7O HIS A 159 ? UNP P67136 ? ? 'expression tag'        158 5 
1 7Y7O HIS A 160 ? UNP P67136 ? ? 'expression tag'        159 6 
1 7Y7O HIS A 161 ? UNP P67136 ? ? 'expression tag'        160 7 
1 7Y7O HIS A 162 ? UNP P67136 ? ? 'expression tag'        161 8 
# 
_pdbx_struct_assembly.id                   1 
_pdbx_struct_assembly.details              author_and_software_defined_assembly 
_pdbx_struct_assembly.method_details       PISA 
_pdbx_struct_assembly.oligomeric_details   monomeric 
_pdbx_struct_assembly.oligomeric_count     1 
# 
loop_
_pdbx_struct_assembly_prop.biol_id 
_pdbx_struct_assembly_prop.type 
_pdbx_struct_assembly_prop.value 
_pdbx_struct_assembly_prop.details 
1 'ABSA (A^2)' 60   ? 
1 MORE         -19  ? 
1 'SSA (A^2)'  7920 ? 
# 
_pdbx_struct_assembly_gen.assembly_id       1 
_pdbx_struct_assembly_gen.oper_expression   1 
_pdbx_struct_assembly_gen.asym_id_list      A,B,C,D,E 
# 
_pdbx_struct_assembly_auth_evidence.id                     1 
_pdbx_struct_assembly_auth_evidence.assembly_id            1 
_pdbx_struct_assembly_auth_evidence.experimental_support   none 
_pdbx_struct_assembly_auth_evidence.details                ? 
# 
_pdbx_struct_oper_list.id                   1 
_pdbx_struct_oper_list.type                 'identity operation' 
_pdbx_struct_oper_list.name                 1_555 
_pdbx_struct_oper_list.symmetry_operation   x,y,z 
_pdbx_struct_oper_list.matrix[1][1]         1.0000000000 
_pdbx_struct_oper_list.matrix[1][2]         0.0000000000 
_pdbx_struct_oper_list.matrix[1][3]         0.0000000000 
_pdbx_struct_oper_list.vector[1]            0.0000000000 
_pdbx_struct_oper_list.matrix[2][1]         0.0000000000 
_pdbx_struct_oper_list.matrix[2][2]         1.0000000000 
_pdbx_struct_oper_list.matrix[2][3]         0.0000000000 
_pdbx_struct_oper_list.vector[2]            0.0000000000 
_pdbx_struct_oper_list.matrix[3][1]         0.0000000000 
_pdbx_struct_oper_list.matrix[3][2]         0.0000000000 
_pdbx_struct_oper_list.matrix[3][3]         1.0000000000 
_pdbx_struct_oper_list.vector[3]            0.0000000000 
# 
loop_
_struct_conf.conf_type_id 
_struct_conf.id 
_struct_conf.pdbx_PDB_helix_id 
_struct_conf.beg_label_comp_id 
_struct_conf.beg_label_asym_id 
_struct_conf.beg_label_seq_id 
_struct_conf.pdbx_beg_PDB_ins_code 
_struct_conf.end_label_comp_id 
_struct_conf.end_label_asym_id 
_struct_conf.end_label_seq_id 
_struct_conf.pdbx_end_PDB_ins_code 
_struct_conf.beg_auth_comp_id 
_struct_conf.beg_auth_asym_id 
_struct_conf.beg_auth_seq_id 
_struct_conf.end_auth_comp_id 
_struct_conf.end_auth_asym_id 
_struct_conf.end_auth_seq_id 
_struct_conf.pdbx_PDB_helix_class 
_struct_conf.details 
_struct_conf.pdbx_PDB_helix_length 
HELX_P HELX_P1 AA1 LYS A 15  ? GLU A 33  ? LYS A 14  GLU A 32  1 ? 19 
HELX_P HELX_P2 AA2 ASP A 47  ? ASP A 60  ? ASP A 46  ASP A 59  1 ? 14 
HELX_P HELX_P3 AA3 THR A 97  ? GLY A 108 ? THR A 96  GLY A 107 1 ? 12 
HELX_P HELX_P4 AA4 SER A 110 ? LEU A 127 ? SER A 109 LEU A 126 1 ? 18 
HELX_P HELX_P5 AA5 THR A 133 ? TYR A 151 ? THR A 132 TYR A 150 1 ? 19 
HELX_P HELX_P6 AA6 ARG A 155 ? HIS A 160 ? ARG A 154 HIS A 159 5 ? 6  
# 
_struct_conf_type.id          HELX_P 
_struct_conf_type.criteria    ? 
_struct_conf_type.reference   ? 
# 
loop_
_struct_conn.id 
_struct_conn.conn_type_id 
_struct_conn.pdbx_leaving_atom_flag 
_struct_conn.pdbx_PDB_id 
_struct_conn.ptnr1_label_asym_id 
_struct_conn.ptnr1_label_comp_id 
_struct_conn.ptnr1_label_seq_id 
_struct_conn.ptnr1_label_atom_id 
_struct_conn.pdbx_ptnr1_label_alt_id 
_struct_conn.pdbx_ptnr1_PDB_ins_code 
_struct_conn.pdbx_ptnr1_standard_comp_id 
_struct_conn.ptnr1_symmetry 
_struct_conn.ptnr2_label_asym_id 
_struct_conn.ptnr2_label_comp_id 
_struct_conn.ptnr2_label_seq_id 
_struct_conn.ptnr2_label_atom_id 
_struct_conn.pdbx_ptnr2_label_alt_id 
_struct_conn.pdbx_ptnr2_PDB_ins_code 
_struct_conn.ptnr1_auth_asym_id 
_struct_conn.ptnr1_auth_comp_id 
_struct_conn.ptnr1_auth_seq_id 
_struct_conn.ptnr2_auth_asym_id 
_struct_conn.ptnr2_auth_comp_id 
_struct_conn.ptnr2_auth_seq_id 
_struct_conn.ptnr2_symmetry 
_struct_conn.pdbx_ptnr3_label_atom_id 
_struct_conn.pdbx_ptnr3_label_seq_id 
_struct_conn.pdbx_ptnr3_label_comp_id 
_struct_conn.pdbx_ptnr3_label_asym_id 
_struct_conn.pdbx_ptnr3_label_alt_id 
_struct_conn.pdbx_ptnr3_PDB_ins_code 
_struct_conn.details 
_struct_conn.pdbx_dist_value 
_struct_conn.pdbx_value_order 
_struct_conn.pdbx_role 
metalc1 metalc ? ? A HIS 121 NE2 ? ? ? 1_555 B ZN  . ZN ? ? A HIS 120 A ZN  201 1_555 ? ? ? ? ? ? ? 2.221 ? ? 
metalc2 metalc ? ? A HIS 125 NE2 ? ? ? 1_555 B ZN  . ZN ? ? A HIS 124 A ZN  201 1_555 ? ? ? ? ? ? ? 2.216 ? ? 
metalc3 metalc ? ? A HIS 131 NE2 ? ? ? 1_555 B ZN  . ZN ? ? A HIS 130 A ZN  201 1_555 ? ? ? ? ? ? ? 2.232 ? ? 
metalc4 metalc ? ? B ZN  .   ZN  ? ? ? 1_555 C CIT . O2 ? ? A ZN  201 A CIT 202 1_555 ? ? ? ? ? ? ? 2.063 ? ? 
metalc5 metalc ? ? B ZN  .   ZN  ? ? ? 1_555 C CIT . O5 ? ? A ZN  201 A CIT 202 1_555 ? ? ? ? ? ? ? 2.186 ? ? 
metalc6 metalc ? ? B ZN  .   ZN  ? ? ? 1_555 C CIT . O7 ? ? A ZN  201 A CIT 202 1_555 ? ? ? ? ? ? ? 2.143 ? ? 
# 
_struct_conn_type.id          metalc 
_struct_conn_type.criteria    ? 
_struct_conn_type.reference   ? 
# 
loop_
_pdbx_struct_conn_angle.id 
_pdbx_struct_conn_angle.ptnr1_label_atom_id 
_pdbx_struct_conn_angle.ptnr1_label_alt_id 
_pdbx_struct_conn_angle.ptnr1_label_asym_id 
_pdbx_struct_conn_angle.ptnr1_label_comp_id 
_pdbx_struct_conn_angle.ptnr1_label_seq_id 
_pdbx_struct_conn_angle.ptnr1_auth_atom_id 
_pdbx_struct_conn_angle.ptnr1_auth_asym_id 
_pdbx_struct_conn_angle.ptnr1_auth_comp_id 
_pdbx_struct_conn_angle.ptnr1_auth_seq_id 
_pdbx_struct_conn_angle.ptnr1_PDB_ins_code 
_pdbx_struct_conn_angle.ptnr1_symmetry 
_pdbx_struct_conn_angle.ptnr2_label_atom_id 
_pdbx_struct_conn_angle.ptnr2_label_alt_id 
_pdbx_struct_conn_angle.ptnr2_label_asym_id 
_pdbx_struct_conn_angle.ptnr2_label_comp_id 
_pdbx_struct_conn_angle.ptnr2_label_seq_id 
_pdbx_struct_conn_angle.ptnr2_auth_atom_id 
_pdbx_struct_conn_angle.ptnr2_auth_asym_id 
_pdbx_struct_conn_angle.ptnr2_auth_comp_id 
_pdbx_struct_conn_angle.ptnr2_auth_seq_id 
_pdbx_struct_conn_angle.ptnr2_PDB_ins_code 
_pdbx_struct_conn_angle.ptnr2_symmetry 
_pdbx_struct_conn_angle.ptnr3_label_atom_id 
_pdbx_struct_conn_angle.ptnr3_label_alt_id 
_pdbx_struct_conn_angle.ptnr3_label_asym_id 
_pdbx_struct_conn_angle.ptnr3_label_comp_id 
_pdbx_struct_conn_angle.ptnr3_label_seq_id 
_pdbx_struct_conn_angle.ptnr3_auth_atom_id 
_pdbx_struct_conn_angle.ptnr3_auth_asym_id 
_pdbx_struct_conn_angle.ptnr3_auth_comp_id 
_pdbx_struct_conn_angle.ptnr3_auth_seq_id 
_pdbx_struct_conn_angle.ptnr3_PDB_ins_code 
_pdbx_struct_conn_angle.ptnr3_symmetry 
_pdbx_struct_conn_angle.value 
_pdbx_struct_conn_angle.value_esd 
1  NE2 ? A HIS 121 ? A HIS 120 ? 1_555 ZN ? B ZN . ? A ZN 201 ? 1_555 NE2 ? A HIS 125 ? A HIS 124 ? 1_555 94.0  ? 
2  NE2 ? A HIS 121 ? A HIS 120 ? 1_555 ZN ? B ZN . ? A ZN 201 ? 1_555 NE2 ? A HIS 131 ? A HIS 130 ? 1_555 96.6  ? 
3  NE2 ? A HIS 125 ? A HIS 124 ? 1_555 ZN ? B ZN . ? A ZN 201 ? 1_555 NE2 ? A HIS 131 ? A HIS 130 ? 1_555 96.5  ? 
4  NE2 ? A HIS 121 ? A HIS 120 ? 1_555 ZN ? B ZN . ? A ZN 201 ? 1_555 O2  ? C CIT .   ? A CIT 202 ? 1_555 90.1  ? 
5  NE2 ? A HIS 125 ? A HIS 124 ? 1_555 ZN ? B ZN . ? A ZN 201 ? 1_555 O2  ? C CIT .   ? A CIT 202 ? 1_555 173.6 ? 
6  NE2 ? A HIS 131 ? A HIS 130 ? 1_555 ZN ? B ZN . ? A ZN 201 ? 1_555 O2  ? C CIT .   ? A CIT 202 ? 1_555 87.9  ? 
7  NE2 ? A HIS 121 ? A HIS 120 ? 1_555 ZN ? B ZN . ? A ZN 201 ? 1_555 O5  ? C CIT .   ? A CIT 202 ? 1_555 174.6 ? 
8  NE2 ? A HIS 125 ? A HIS 124 ? 1_555 ZN ? B ZN . ? A ZN 201 ? 1_555 O5  ? C CIT .   ? A CIT 202 ? 1_555 88.4  ? 
9  NE2 ? A HIS 131 ? A HIS 130 ? 1_555 ZN ? B ZN . ? A ZN 201 ? 1_555 O5  ? C CIT .   ? A CIT 202 ? 1_555 87.9  ? 
10 O2  ? C CIT .   ? A CIT 202 ? 1_555 ZN ? B ZN . ? A ZN 201 ? 1_555 O5  ? C CIT .   ? A CIT 202 ? 1_555 87.1  ? 
11 NE2 ? A HIS 121 ? A HIS 120 ? 1_555 ZN ? B ZN . ? A ZN 201 ? 1_555 O7  ? C CIT .   ? A CIT 202 ? 1_555 96.4  ? 
12 NE2 ? A HIS 125 ? A HIS 124 ? 1_555 ZN ? B ZN . ? A ZN 201 ? 1_555 O7  ? C CIT .   ? A CIT 202 ? 1_555 91.5  ? 
13 NE2 ? A HIS 131 ? A HIS 130 ? 1_555 ZN ? B ZN . ? A ZN 201 ? 1_555 O7  ? C CIT .   ? A CIT 202 ? 1_555 164.1 ? 
14 O2  ? C CIT .   ? A CIT 202 ? 1_555 ZN ? B ZN . ? A ZN 201 ? 1_555 O7  ? C CIT .   ? A CIT 202 ? 1_555 83.1  ? 
15 O5  ? C CIT .   ? A CIT 202 ? 1_555 ZN ? B ZN . ? A ZN 201 ? 1_555 O7  ? C CIT .   ? A CIT 202 ? 1_555 78.6  ? 
# 
_struct_sheet.id               AA1 
_struct_sheet.type             ? 
_struct_sheet.number_strands   4 
_struct_sheet.details          ? 
# 
loop_
_struct_sheet_order.sheet_id 
_struct_sheet_order.range_id_1 
_struct_sheet_order.range_id_2 
_struct_sheet_order.offset 
_struct_sheet_order.sense 
AA1 1 2 ? parallel      
AA1 2 3 ? parallel      
AA1 3 4 ? anti-parallel 
# 
loop_
_struct_sheet_range.sheet_id 
_struct_sheet_range.id 
_struct_sheet_range.beg_label_comp_id 
_struct_sheet_range.beg_label_asym_id 
_struct_sheet_range.beg_label_seq_id 
_struct_sheet_range.pdbx_beg_PDB_ins_code 
_struct_sheet_range.end_label_comp_id 
_struct_sheet_range.end_label_asym_id 
_struct_sheet_range.end_label_seq_id 
_struct_sheet_range.pdbx_end_PDB_ins_code 
_struct_sheet_range.beg_auth_comp_id 
_struct_sheet_range.beg_auth_asym_id 
_struct_sheet_range.beg_auth_seq_id 
_struct_sheet_range.end_auth_comp_id 
_struct_sheet_range.end_auth_asym_id 
_struct_sheet_range.end_auth_seq_id 
AA1 1 PHE A 3  ? ASP A 9  ? PHE A 2  ASP A 8  
AA1 2 ALA A 39 ? VAL A 46 ? ALA A 38 VAL A 45 
AA1 3 ARG A 88 ? CYS A 96 ? ARG A 87 CYS A 95 
AA1 4 VAL A 67 ? ALA A 71 ? VAL A 66 ALA A 70 
# 
loop_
_pdbx_struct_sheet_hbond.sheet_id 
_pdbx_struct_sheet_hbond.range_id_1 
_pdbx_struct_sheet_hbond.range_id_2 
_pdbx_struct_sheet_hbond.range_1_label_atom_id 
_pdbx_struct_sheet_hbond.range_1_label_comp_id 
_pdbx_struct_sheet_hbond.range_1_label_asym_id 
_pdbx_struct_sheet_hbond.range_1_label_seq_id 
_pdbx_struct_sheet_hbond.range_1_PDB_ins_code 
_pdbx_struct_sheet_hbond.range_1_auth_atom_id 
_pdbx_struct_sheet_hbond.range_1_auth_comp_id 
_pdbx_struct_sheet_hbond.range_1_auth_asym_id 
_pdbx_struct_sheet_hbond.range_1_auth_seq_id 
_pdbx_struct_sheet_hbond.range_2_label_atom_id 
_pdbx_struct_sheet_hbond.range_2_label_comp_id 
_pdbx_struct_sheet_hbond.range_2_label_asym_id 
_pdbx_struct_sheet_hbond.range_2_label_seq_id 
_pdbx_struct_sheet_hbond.range_2_PDB_ins_code 
_pdbx_struct_sheet_hbond.range_2_auth_atom_id 
_pdbx_struct_sheet_hbond.range_2_auth_comp_id 
_pdbx_struct_sheet_hbond.range_2_auth_asym_id 
_pdbx_struct_sheet_hbond.range_2_auth_seq_id 
AA1 1 2 N SER A 8  ? N SER A 7  O PHE A 45 ? O PHE A 44 
AA1 2 3 N GLU A 40 ? N GLU A 39 O LEU A 90 ? O LEU A 89 
AA1 3 4 O ASP A 92 ? O ASP A 91 N PHE A 70 ? N PHE A 69 
# 
_pdbx_validate_torsion.id              1 
_pdbx_validate_torsion.PDB_model_num   1 
_pdbx_validate_torsion.auth_comp_id    HIS 
_pdbx_validate_torsion.auth_asym_id    A 
_pdbx_validate_torsion.auth_seq_id     130 
_pdbx_validate_torsion.PDB_ins_code    ? 
_pdbx_validate_torsion.label_alt_id    ? 
_pdbx_validate_torsion.phi             -142.12 
_pdbx_validate_torsion.psi             38.11 
# 
loop_
_space_group_symop.id 
_space_group_symop.operation_xyz 
1 x,y,z        
2 x-y,x,z+1/2  
3 y,-x+y,z+1/2 
4 -y,x-y,z     
5 -x+y,-x,z    
6 -x,-y,z+1/2  
# 
_pdbx_entry_details.entry_id                 7Y7O 
_pdbx_entry_details.has_ligand_of_interest   Y 
_pdbx_entry_details.compound_details         ? 
_pdbx_entry_details.source_details           ? 
_pdbx_entry_details.nonpolymer_details       ? 
_pdbx_entry_details.sequence_details         ? 
# 
loop_
_pdbx_unobs_or_zero_occ_residues.id 
_pdbx_unobs_or_zero_occ_residues.PDB_model_num 
_pdbx_unobs_or_zero_occ_residues.polymer_flag 
_pdbx_unobs_or_zero_occ_residues.occupancy_flag 
_pdbx_unobs_or_zero_occ_residues.auth_asym_id 
_pdbx_unobs_or_zero_occ_residues.auth_comp_id 
_pdbx_unobs_or_zero_occ_residues.auth_seq_id 
_pdbx_unobs_or_zero_occ_residues.PDB_ins_code 
_pdbx_unobs_or_zero_occ_residues.label_asym_id 
_pdbx_unobs_or_zero_occ_residues.label_comp_id 
_pdbx_unobs_or_zero_occ_residues.label_seq_id 
1  1 Y 1 A MET 0  ? A MET 1  
2  1 Y 1 A GLU 72 ? A GLU 73 
3  1 Y 1 A GLU 73 ? A GLU 74 
4  1 Y 1 A ASP 74 ? A ASP 75 
5  1 Y 1 A GLU 75 ? A GLU 76 
6  1 Y 1 A PRO 76 ? A PRO 77 
7  1 Y 1 A GLU 77 ? A GLU 78 
8  1 Y 1 A ILE 78 ? A ILE 79 
9  1 Y 1 A ASP 79 ? A ASP 80 
10 1 Y 1 A PHE 80 ? A PHE 81 
11 1 Y 1 A SER 81 ? A SER 82 
12 1 Y 1 A GLY 82 ? A GLY 83 
13 1 Y 1 A LEU 83 ? A LEU 84 
14 1 Y 1 A ASP 84 ? A ASP 85 
15 1 Y 1 A ILE 85 ? A ILE 86 
# 
loop_
_chem_comp_atom.comp_id 
_chem_comp_atom.atom_id 
_chem_comp_atom.type_symbol 
_chem_comp_atom.pdbx_aromatic_flag 
_chem_comp_atom.pdbx_stereo_config 
_chem_comp_atom.pdbx_ordinal 
ALA N    N  N N 1   
ALA CA   C  N S 2   
ALA C    C  N N 3   
ALA O    O  N N 4   
ALA CB   C  N N 5   
ALA OXT  O  N N 6   
ALA H    H  N N 7   
ALA H2   H  N N 8   
ALA HA   H  N N 9   
ALA HB1  H  N N 10  
ALA HB2  H  N N 11  
ALA HB3  H  N N 12  
ALA HXT  H  N N 13  
ARG N    N  N N 14  
ARG CA   C  N S 15  
ARG C    C  N N 16  
ARG O    O  N N 17  
ARG CB   C  N N 18  
ARG CG   C  N N 19  
ARG CD   C  N N 20  
ARG NE   N  N N 21  
ARG CZ   C  N N 22  
ARG NH1  N  N N 23  
ARG NH2  N  N N 24  
ARG OXT  O  N N 25  
ARG H    H  N N 26  
ARG H2   H  N N 27  
ARG HA   H  N N 28  
ARG HB2  H  N N 29  
ARG HB3  H  N N 30  
ARG HG2  H  N N 31  
ARG HG3  H  N N 32  
ARG HD2  H  N N 33  
ARG HD3  H  N N 34  
ARG HE   H  N N 35  
ARG HH11 H  N N 36  
ARG HH12 H  N N 37  
ARG HH21 H  N N 38  
ARG HH22 H  N N 39  
ARG HXT  H  N N 40  
ASN N    N  N N 41  
ASN CA   C  N S 42  
ASN C    C  N N 43  
ASN O    O  N N 44  
ASN CB   C  N N 45  
ASN CG   C  N N 46  
ASN OD1  O  N N 47  
ASN ND2  N  N N 48  
ASN OXT  O  N N 49  
ASN H    H  N N 50  
ASN H2   H  N N 51  
ASN HA   H  N N 52  
ASN HB2  H  N N 53  
ASN HB3  H  N N 54  
ASN HD21 H  N N 55  
ASN HD22 H  N N 56  
ASN HXT  H  N N 57  
ASP N    N  N N 58  
ASP CA   C  N S 59  
ASP C    C  N N 60  
ASP O    O  N N 61  
ASP CB   C  N N 62  
ASP CG   C  N N 63  
ASP OD1  O  N N 64  
ASP OD2  O  N N 65  
ASP OXT  O  N N 66  
ASP H    H  N N 67  
ASP H2   H  N N 68  
ASP HA   H  N N 69  
ASP HB2  H  N N 70  
ASP HB3  H  N N 71  
ASP HD2  H  N N 72  
ASP HXT  H  N N 73  
CIT C1   C  N N 74  
CIT O1   O  N N 75  
CIT O2   O  N N 76  
CIT C2   C  N N 77  
CIT C3   C  N N 78  
CIT O7   O  N N 79  
CIT C4   C  N N 80  
CIT C5   C  N N 81  
CIT O3   O  N N 82  
CIT O4   O  N N 83  
CIT C6   C  N N 84  
CIT O5   O  N N 85  
CIT O6   O  N N 86  
CIT HO2  H  N N 87  
CIT H21  H  N N 88  
CIT H22  H  N N 89  
CIT HO7  H  N N 90  
CIT H41  H  N N 91  
CIT H42  H  N N 92  
CIT HO4  H  N N 93  
CIT HO6  H  N N 94  
CYS N    N  N N 95  
CYS CA   C  N R 96  
CYS C    C  N N 97  
CYS O    O  N N 98  
CYS CB   C  N N 99  
CYS SG   S  N N 100 
CYS OXT  O  N N 101 
CYS H    H  N N 102 
CYS H2   H  N N 103 
CYS HA   H  N N 104 
CYS HB2  H  N N 105 
CYS HB3  H  N N 106 
CYS HG   H  N N 107 
CYS HXT  H  N N 108 
GLN N    N  N N 109 
GLN CA   C  N S 110 
GLN C    C  N N 111 
GLN O    O  N N 112 
GLN CB   C  N N 113 
GLN CG   C  N N 114 
GLN CD   C  N N 115 
GLN OE1  O  N N 116 
GLN NE2  N  N N 117 
GLN OXT  O  N N 118 
GLN H    H  N N 119 
GLN H2   H  N N 120 
GLN HA   H  N N 121 
GLN HB2  H  N N 122 
GLN HB3  H  N N 123 
GLN HG2  H  N N 124 
GLN HG3  H  N N 125 
GLN HE21 H  N N 126 
GLN HE22 H  N N 127 
GLN HXT  H  N N 128 
GLU N    N  N N 129 
GLU CA   C  N S 130 
GLU C    C  N N 131 
GLU O    O  N N 132 
GLU CB   C  N N 133 
GLU CG   C  N N 134 
GLU CD   C  N N 135 
GLU OE1  O  N N 136 
GLU OE2  O  N N 137 
GLU OXT  O  N N 138 
GLU H    H  N N 139 
GLU H2   H  N N 140 
GLU HA   H  N N 141 
GLU HB2  H  N N 142 
GLU HB3  H  N N 143 
GLU HG2  H  N N 144 
GLU HG3  H  N N 145 
GLU HE2  H  N N 146 
GLU HXT  H  N N 147 
GLY N    N  N N 148 
GLY CA   C  N N 149 
GLY C    C  N N 150 
GLY O    O  N N 151 
GLY OXT  O  N N 152 
GLY H    H  N N 153 
GLY H2   H  N N 154 
GLY HA2  H  N N 155 
GLY HA3  H  N N 156 
GLY HXT  H  N N 157 
HIS N    N  N N 158 
HIS CA   C  N S 159 
HIS C    C  N N 160 
HIS O    O  N N 161 
HIS CB   C  N N 162 
HIS CG   C  Y N 163 
HIS ND1  N  Y N 164 
HIS CD2  C  Y N 165 
HIS CE1  C  Y N 166 
HIS NE2  N  Y N 167 
HIS OXT  O  N N 168 
HIS H    H  N N 169 
HIS H2   H  N N 170 
HIS HA   H  N N 171 
HIS HB2  H  N N 172 
HIS HB3  H  N N 173 
HIS HD1  H  N N 174 
HIS HD2  H  N N 175 
HIS HE1  H  N N 176 
HIS HE2  H  N N 177 
HIS HXT  H  N N 178 
HOH O    O  N N 179 
HOH H1   H  N N 180 
HOH H2   H  N N 181 
ILE N    N  N N 182 
ILE CA   C  N S 183 
ILE C    C  N N 184 
ILE O    O  N N 185 
ILE CB   C  N S 186 
ILE CG1  C  N N 187 
ILE CG2  C  N N 188 
ILE CD1  C  N N 189 
ILE OXT  O  N N 190 
ILE H    H  N N 191 
ILE H2   H  N N 192 
ILE HA   H  N N 193 
ILE HB   H  N N 194 
ILE HG12 H  N N 195 
ILE HG13 H  N N 196 
ILE HG21 H  N N 197 
ILE HG22 H  N N 198 
ILE HG23 H  N N 199 
ILE HD11 H  N N 200 
ILE HD12 H  N N 201 
ILE HD13 H  N N 202 
ILE HXT  H  N N 203 
LEU N    N  N N 204 
LEU CA   C  N S 205 
LEU C    C  N N 206 
LEU O    O  N N 207 
LEU CB   C  N N 208 
LEU CG   C  N N 209 
LEU CD1  C  N N 210 
LEU CD2  C  N N 211 
LEU OXT  O  N N 212 
LEU H    H  N N 213 
LEU H2   H  N N 214 
LEU HA   H  N N 215 
LEU HB2  H  N N 216 
LEU HB3  H  N N 217 
LEU HG   H  N N 218 
LEU HD11 H  N N 219 
LEU HD12 H  N N 220 
LEU HD13 H  N N 221 
LEU HD21 H  N N 222 
LEU HD22 H  N N 223 
LEU HD23 H  N N 224 
LEU HXT  H  N N 225 
LYS N    N  N N 226 
LYS CA   C  N S 227 
LYS C    C  N N 228 
LYS O    O  N N 229 
LYS CB   C  N N 230 
LYS CG   C  N N 231 
LYS CD   C  N N 232 
LYS CE   C  N N 233 
LYS NZ   N  N N 234 
LYS OXT  O  N N 235 
LYS H    H  N N 236 
LYS H2   H  N N 237 
LYS HA   H  N N 238 
LYS HB2  H  N N 239 
LYS HB3  H  N N 240 
LYS HG2  H  N N 241 
LYS HG3  H  N N 242 
LYS HD2  H  N N 243 
LYS HD3  H  N N 244 
LYS HE2  H  N N 245 
LYS HE3  H  N N 246 
LYS HZ1  H  N N 247 
LYS HZ2  H  N N 248 
LYS HZ3  H  N N 249 
LYS HXT  H  N N 250 
MET N    N  N N 251 
MET CA   C  N S 252 
MET C    C  N N 253 
MET O    O  N N 254 
MET CB   C  N N 255 
MET CG   C  N N 256 
MET SD   S  N N 257 
MET CE   C  N N 258 
MET OXT  O  N N 259 
MET H    H  N N 260 
MET H2   H  N N 261 
MET HA   H  N N 262 
MET HB2  H  N N 263 
MET HB3  H  N N 264 
MET HG2  H  N N 265 
MET HG3  H  N N 266 
MET HE1  H  N N 267 
MET HE2  H  N N 268 
MET HE3  H  N N 269 
MET HXT  H  N N 270 
PHE N    N  N N 271 
PHE CA   C  N S 272 
PHE C    C  N N 273 
PHE O    O  N N 274 
PHE CB   C  N N 275 
PHE CG   C  Y N 276 
PHE CD1  C  Y N 277 
PHE CD2  C  Y N 278 
PHE CE1  C  Y N 279 
PHE CE2  C  Y N 280 
PHE CZ   C  Y N 281 
PHE OXT  O  N N 282 
PHE H    H  N N 283 
PHE H2   H  N N 284 
PHE HA   H  N N 285 
PHE HB2  H  N N 286 
PHE HB3  H  N N 287 
PHE HD1  H  N N 288 
PHE HD2  H  N N 289 
PHE HE1  H  N N 290 
PHE HE2  H  N N 291 
PHE HZ   H  N N 292 
PHE HXT  H  N N 293 
PRO N    N  N N 294 
PRO CA   C  N S 295 
PRO C    C  N N 296 
PRO O    O  N N 297 
PRO CB   C  N N 298 
PRO CG   C  N N 299 
PRO CD   C  N N 300 
PRO OXT  O  N N 301 
PRO H    H  N N 302 
PRO HA   H  N N 303 
PRO HB2  H  N N 304 
PRO HB3  H  N N 305 
PRO HG2  H  N N 306 
PRO HG3  H  N N 307 
PRO HD2  H  N N 308 
PRO HD3  H  N N 309 
PRO HXT  H  N N 310 
SER N    N  N N 311 
SER CA   C  N S 312 
SER C    C  N N 313 
SER O    O  N N 314 
SER CB   C  N N 315 
SER OG   O  N N 316 
SER OXT  O  N N 317 
SER H    H  N N 318 
SER H2   H  N N 319 
SER HA   H  N N 320 
SER HB2  H  N N 321 
SER HB3  H  N N 322 
SER HG   H  N N 323 
SER HXT  H  N N 324 
THR N    N  N N 325 
THR CA   C  N S 326 
THR C    C  N N 327 
THR O    O  N N 328 
THR CB   C  N R 329 
THR OG1  O  N N 330 
THR CG2  C  N N 331 
THR OXT  O  N N 332 
THR H    H  N N 333 
THR H2   H  N N 334 
THR HA   H  N N 335 
THR HB   H  N N 336 
THR HG1  H  N N 337 
THR HG21 H  N N 338 
THR HG22 H  N N 339 
THR HG23 H  N N 340 
THR HXT  H  N N 341 
TRP N    N  N N 342 
TRP CA   C  N S 343 
TRP C    C  N N 344 
TRP O    O  N N 345 
TRP CB   C  N N 346 
TRP CG   C  Y N 347 
TRP CD1  C  Y N 348 
TRP CD2  C  Y N 349 
TRP NE1  N  Y N 350 
TRP CE2  C  Y N 351 
TRP CE3  C  Y N 352 
TRP CZ2  C  Y N 353 
TRP CZ3  C  Y N 354 
TRP CH2  C  Y N 355 
TRP OXT  O  N N 356 
TRP H    H  N N 357 
TRP H2   H  N N 358 
TRP HA   H  N N 359 
TRP HB2  H  N N 360 
TRP HB3  H  N N 361 
TRP HD1  H  N N 362 
TRP HE1  H  N N 363 
TRP HE3  H  N N 364 
TRP HZ2  H  N N 365 
TRP HZ3  H  N N 366 
TRP HH2  H  N N 367 
TRP HXT  H  N N 368 
TYR N    N  N N 369 
TYR CA   C  N S 370 
TYR C    C  N N 371 
TYR O    O  N N 372 
TYR CB   C  N N 373 
TYR CG   C  Y N 374 
TYR CD1  C  Y N 375 
TYR CD2  C  Y N 376 
TYR CE1  C  Y N 377 
TYR CE2  C  Y N 378 
TYR CZ   C  Y N 379 
TYR OH   O  N N 380 
TYR OXT  O  N N 381 
TYR H    H  N N 382 
TYR H2   H  N N 383 
TYR HA   H  N N 384 
TYR HB2  H  N N 385 
TYR HB3  H  N N 386 
TYR HD1  H  N N 387 
TYR HD2  H  N N 388 
TYR HE1  H  N N 389 
TYR HE2  H  N N 390 
TYR HH   H  N N 391 
TYR HXT  H  N N 392 
VAL N    N  N N 393 
VAL CA   C  N S 394 
VAL C    C  N N 395 
VAL O    O  N N 396 
VAL CB   C  N N 397 
VAL CG1  C  N N 398 
VAL CG2  C  N N 399 
VAL OXT  O  N N 400 
VAL H    H  N N 401 
VAL H2   H  N N 402 
VAL HA   H  N N 403 
VAL HB   H  N N 404 
VAL HG11 H  N N 405 
VAL HG12 H  N N 406 
VAL HG13 H  N N 407 
VAL HG21 H  N N 408 
VAL HG22 H  N N 409 
VAL HG23 H  N N 410 
VAL HXT  H  N N 411 
ZN  ZN   ZN N N 412 
# 
loop_
_chem_comp_bond.comp_id 
_chem_comp_bond.atom_id_1 
_chem_comp_bond.atom_id_2 
_chem_comp_bond.value_order 
_chem_comp_bond.pdbx_aromatic_flag 
_chem_comp_bond.pdbx_stereo_config 
_chem_comp_bond.pdbx_ordinal 
ALA N   CA   sing N N 1   
ALA N   H    sing N N 2   
ALA N   H2   sing N N 3   
ALA CA  C    sing N N 4   
ALA CA  CB   sing N N 5   
ALA CA  HA   sing N N 6   
ALA C   O    doub N N 7   
ALA C   OXT  sing N N 8   
ALA CB  HB1  sing N N 9   
ALA CB  HB2  sing N N 10  
ALA CB  HB3  sing N N 11  
ALA OXT HXT  sing N N 12  
ARG N   CA   sing N N 13  
ARG N   H    sing N N 14  
ARG N   H2   sing N N 15  
ARG CA  C    sing N N 16  
ARG CA  CB   sing N N 17  
ARG CA  HA   sing N N 18  
ARG C   O    doub N N 19  
ARG C   OXT  sing N N 20  
ARG CB  CG   sing N N 21  
ARG CB  HB2  sing N N 22  
ARG CB  HB3  sing N N 23  
ARG CG  CD   sing N N 24  
ARG CG  HG2  sing N N 25  
ARG CG  HG3  sing N N 26  
ARG CD  NE   sing N N 27  
ARG CD  HD2  sing N N 28  
ARG CD  HD3  sing N N 29  
ARG NE  CZ   sing N N 30  
ARG NE  HE   sing N N 31  
ARG CZ  NH1  sing N N 32  
ARG CZ  NH2  doub N N 33  
ARG NH1 HH11 sing N N 34  
ARG NH1 HH12 sing N N 35  
ARG NH2 HH21 sing N N 36  
ARG NH2 HH22 sing N N 37  
ARG OXT HXT  sing N N 38  
ASN N   CA   sing N N 39  
ASN N   H    sing N N 40  
ASN N   H2   sing N N 41  
ASN CA  C    sing N N 42  
ASN CA  CB   sing N N 43  
ASN CA  HA   sing N N 44  
ASN C   O    doub N N 45  
ASN C   OXT  sing N N 46  
ASN CB  CG   sing N N 47  
ASN CB  HB2  sing N N 48  
ASN CB  HB3  sing N N 49  
ASN CG  OD1  doub N N 50  
ASN CG  ND2  sing N N 51  
ASN ND2 HD21 sing N N 52  
ASN ND2 HD22 sing N N 53  
ASN OXT HXT  sing N N 54  
ASP N   CA   sing N N 55  
ASP N   H    sing N N 56  
ASP N   H2   sing N N 57  
ASP CA  C    sing N N 58  
ASP CA  CB   sing N N 59  
ASP CA  HA   sing N N 60  
ASP C   O    doub N N 61  
ASP C   OXT  sing N N 62  
ASP CB  CG   sing N N 63  
ASP CB  HB2  sing N N 64  
ASP CB  HB3  sing N N 65  
ASP CG  OD1  doub N N 66  
ASP CG  OD2  sing N N 67  
ASP OD2 HD2  sing N N 68  
ASP OXT HXT  sing N N 69  
CIT C1  O1   doub N N 70  
CIT C1  O2   sing N N 71  
CIT C1  C2   sing N N 72  
CIT O2  HO2  sing N N 73  
CIT C2  C3   sing N N 74  
CIT C2  H21  sing N N 75  
CIT C2  H22  sing N N 76  
CIT C3  O7   sing N N 77  
CIT C3  C4   sing N N 78  
CIT C3  C6   sing N N 79  
CIT O7  HO7  sing N N 80  
CIT C4  C5   sing N N 81  
CIT C4  H41  sing N N 82  
CIT C4  H42  sing N N 83  
CIT C5  O3   doub N N 84  
CIT C5  O4   sing N N 85  
CIT O4  HO4  sing N N 86  
CIT C6  O5   doub N N 87  
CIT C6  O6   sing N N 88  
CIT O6  HO6  sing N N 89  
CYS N   CA   sing N N 90  
CYS N   H    sing N N 91  
CYS N   H2   sing N N 92  
CYS CA  C    sing N N 93  
CYS CA  CB   sing N N 94  
CYS CA  HA   sing N N 95  
CYS C   O    doub N N 96  
CYS C   OXT  sing N N 97  
CYS CB  SG   sing N N 98  
CYS CB  HB2  sing N N 99  
CYS CB  HB3  sing N N 100 
CYS SG  HG   sing N N 101 
CYS OXT HXT  sing N N 102 
GLN N   CA   sing N N 103 
GLN N   H    sing N N 104 
GLN N   H2   sing N N 105 
GLN CA  C    sing N N 106 
GLN CA  CB   sing N N 107 
GLN CA  HA   sing N N 108 
GLN C   O    doub N N 109 
GLN C   OXT  sing N N 110 
GLN CB  CG   sing N N 111 
GLN CB  HB2  sing N N 112 
GLN CB  HB3  sing N N 113 
GLN CG  CD   sing N N 114 
GLN CG  HG2  sing N N 115 
GLN CG  HG3  sing N N 116 
GLN CD  OE1  doub N N 117 
GLN CD  NE2  sing N N 118 
GLN NE2 HE21 sing N N 119 
GLN NE2 HE22 sing N N 120 
GLN OXT HXT  sing N N 121 
GLU N   CA   sing N N 122 
GLU N   H    sing N N 123 
GLU N   H2   sing N N 124 
GLU CA  C    sing N N 125 
GLU CA  CB   sing N N 126 
GLU CA  HA   sing N N 127 
GLU C   O    doub N N 128 
GLU C   OXT  sing N N 129 
GLU CB  CG   sing N N 130 
GLU CB  HB2  sing N N 131 
GLU CB  HB3  sing N N 132 
GLU CG  CD   sing N N 133 
GLU CG  HG2  sing N N 134 
GLU CG  HG3  sing N N 135 
GLU CD  OE1  doub N N 136 
GLU CD  OE2  sing N N 137 
GLU OE2 HE2  sing N N 138 
GLU OXT HXT  sing N N 139 
GLY N   CA   sing N N 140 
GLY N   H    sing N N 141 
GLY N   H2   sing N N 142 
GLY CA  C    sing N N 143 
GLY CA  HA2  sing N N 144 
GLY CA  HA3  sing N N 145 
GLY C   O    doub N N 146 
GLY C   OXT  sing N N 147 
GLY OXT HXT  sing N N 148 
HIS N   CA   sing N N 149 
HIS N   H    sing N N 150 
HIS N   H2   sing N N 151 
HIS CA  C    sing N N 152 
HIS CA  CB   sing N N 153 
HIS CA  HA   sing N N 154 
HIS C   O    doub N N 155 
HIS C   OXT  sing N N 156 
HIS CB  CG   sing N N 157 
HIS CB  HB2  sing N N 158 
HIS CB  HB3  sing N N 159 
HIS CG  ND1  sing Y N 160 
HIS CG  CD2  doub Y N 161 
HIS ND1 CE1  doub Y N 162 
HIS ND1 HD1  sing N N 163 
HIS CD2 NE2  sing Y N 164 
HIS CD2 HD2  sing N N 165 
HIS CE1 NE2  sing Y N 166 
HIS CE1 HE1  sing N N 167 
HIS NE2 HE2  sing N N 168 
HIS OXT HXT  sing N N 169 
HOH O   H1   sing N N 170 
HOH O   H2   sing N N 171 
ILE N   CA   sing N N 172 
ILE N   H    sing N N 173 
ILE N   H2   sing N N 174 
ILE CA  C    sing N N 175 
ILE CA  CB   sing N N 176 
ILE CA  HA   sing N N 177 
ILE C   O    doub N N 178 
ILE C   OXT  sing N N 179 
ILE CB  CG1  sing N N 180 
ILE CB  CG2  sing N N 181 
ILE CB  HB   sing N N 182 
ILE CG1 CD1  sing N N 183 
ILE CG1 HG12 sing N N 184 
ILE CG1 HG13 sing N N 185 
ILE CG2 HG21 sing N N 186 
ILE CG2 HG22 sing N N 187 
ILE CG2 HG23 sing N N 188 
ILE CD1 HD11 sing N N 189 
ILE CD1 HD12 sing N N 190 
ILE CD1 HD13 sing N N 191 
ILE OXT HXT  sing N N 192 
LEU N   CA   sing N N 193 
LEU N   H    sing N N 194 
LEU N   H2   sing N N 195 
LEU CA  C    sing N N 196 
LEU CA  CB   sing N N 197 
LEU CA  HA   sing N N 198 
LEU C   O    doub N N 199 
LEU C   OXT  sing N N 200 
LEU CB  CG   sing N N 201 
LEU CB  HB2  sing N N 202 
LEU CB  HB3  sing N N 203 
LEU CG  CD1  sing N N 204 
LEU CG  CD2  sing N N 205 
LEU CG  HG   sing N N 206 
LEU CD1 HD11 sing N N 207 
LEU CD1 HD12 sing N N 208 
LEU CD1 HD13 sing N N 209 
LEU CD2 HD21 sing N N 210 
LEU CD2 HD22 sing N N 211 
LEU CD2 HD23 sing N N 212 
LEU OXT HXT  sing N N 213 
LYS N   CA   sing N N 214 
LYS N   H    sing N N 215 
LYS N   H2   sing N N 216 
LYS CA  C    sing N N 217 
LYS CA  CB   sing N N 218 
LYS CA  HA   sing N N 219 
LYS C   O    doub N N 220 
LYS C   OXT  sing N N 221 
LYS CB  CG   sing N N 222 
LYS CB  HB2  sing N N 223 
LYS CB  HB3  sing N N 224 
LYS CG  CD   sing N N 225 
LYS CG  HG2  sing N N 226 
LYS CG  HG3  sing N N 227 
LYS CD  CE   sing N N 228 
LYS CD  HD2  sing N N 229 
LYS CD  HD3  sing N N 230 
LYS CE  NZ   sing N N 231 
LYS CE  HE2  sing N N 232 
LYS CE  HE3  sing N N 233 
LYS NZ  HZ1  sing N N 234 
LYS NZ  HZ2  sing N N 235 
LYS NZ  HZ3  sing N N 236 
LYS OXT HXT  sing N N 237 
MET N   CA   sing N N 238 
MET N   H    sing N N 239 
MET N   H2   sing N N 240 
MET CA  C    sing N N 241 
MET CA  CB   sing N N 242 
MET CA  HA   sing N N 243 
MET C   O    doub N N 244 
MET C   OXT  sing N N 245 
MET CB  CG   sing N N 246 
MET CB  HB2  sing N N 247 
MET CB  HB3  sing N N 248 
MET CG  SD   sing N N 249 
MET CG  HG2  sing N N 250 
MET CG  HG3  sing N N 251 
MET SD  CE   sing N N 252 
MET CE  HE1  sing N N 253 
MET CE  HE2  sing N N 254 
MET CE  HE3  sing N N 255 
MET OXT HXT  sing N N 256 
PHE N   CA   sing N N 257 
PHE N   H    sing N N 258 
PHE N   H2   sing N N 259 
PHE CA  C    sing N N 260 
PHE CA  CB   sing N N 261 
PHE CA  HA   sing N N 262 
PHE C   O    doub N N 263 
PHE C   OXT  sing N N 264 
PHE CB  CG   sing N N 265 
PHE CB  HB2  sing N N 266 
PHE CB  HB3  sing N N 267 
PHE CG  CD1  doub Y N 268 
PHE CG  CD2  sing Y N 269 
PHE CD1 CE1  sing Y N 270 
PHE CD1 HD1  sing N N 271 
PHE CD2 CE2  doub Y N 272 
PHE CD2 HD2  sing N N 273 
PHE CE1 CZ   doub Y N 274 
PHE CE1 HE1  sing N N 275 
PHE CE2 CZ   sing Y N 276 
PHE CE2 HE2  sing N N 277 
PHE CZ  HZ   sing N N 278 
PHE OXT HXT  sing N N 279 
PRO N   CA   sing N N 280 
PRO N   CD   sing N N 281 
PRO N   H    sing N N 282 
PRO CA  C    sing N N 283 
PRO CA  CB   sing N N 284 
PRO CA  HA   sing N N 285 
PRO C   O    doub N N 286 
PRO C   OXT  sing N N 287 
PRO CB  CG   sing N N 288 
PRO CB  HB2  sing N N 289 
PRO CB  HB3  sing N N 290 
PRO CG  CD   sing N N 291 
PRO CG  HG2  sing N N 292 
PRO CG  HG3  sing N N 293 
PRO CD  HD2  sing N N 294 
PRO CD  HD3  sing N N 295 
PRO OXT HXT  sing N N 296 
SER N   CA   sing N N 297 
SER N   H    sing N N 298 
SER N   H2   sing N N 299 
SER CA  C    sing N N 300 
SER CA  CB   sing N N 301 
SER CA  HA   sing N N 302 
SER C   O    doub N N 303 
SER C   OXT  sing N N 304 
SER CB  OG   sing N N 305 
SER CB  HB2  sing N N 306 
SER CB  HB3  sing N N 307 
SER OG  HG   sing N N 308 
SER OXT HXT  sing N N 309 
THR N   CA   sing N N 310 
THR N   H    sing N N 311 
THR N   H2   sing N N 312 
THR CA  C    sing N N 313 
THR CA  CB   sing N N 314 
THR CA  HA   sing N N 315 
THR C   O    doub N N 316 
THR C   OXT  sing N N 317 
THR CB  OG1  sing N N 318 
THR CB  CG2  sing N N 319 
THR CB  HB   sing N N 320 
THR OG1 HG1  sing N N 321 
THR CG2 HG21 sing N N 322 
THR CG2 HG22 sing N N 323 
THR CG2 HG23 sing N N 324 
THR OXT HXT  sing N N 325 
TRP N   CA   sing N N 326 
TRP N   H    sing N N 327 
TRP N   H2   sing N N 328 
TRP CA  C    sing N N 329 
TRP CA  CB   sing N N 330 
TRP CA  HA   sing N N 331 
TRP C   O    doub N N 332 
TRP C   OXT  sing N N 333 
TRP CB  CG   sing N N 334 
TRP CB  HB2  sing N N 335 
TRP CB  HB3  sing N N 336 
TRP CG  CD1  doub Y N 337 
TRP CG  CD2  sing Y N 338 
TRP CD1 NE1  sing Y N 339 
TRP CD1 HD1  sing N N 340 
TRP CD2 CE2  doub Y N 341 
TRP CD2 CE3  sing Y N 342 
TRP NE1 CE2  sing Y N 343 
TRP NE1 HE1  sing N N 344 
TRP CE2 CZ2  sing Y N 345 
TRP CE3 CZ3  doub Y N 346 
TRP CE3 HE3  sing N N 347 
TRP CZ2 CH2  doub Y N 348 
TRP CZ2 HZ2  sing N N 349 
TRP CZ3 CH2  sing Y N 350 
TRP CZ3 HZ3  sing N N 351 
TRP CH2 HH2  sing N N 352 
TRP OXT HXT  sing N N 353 
TYR N   CA   sing N N 354 
TYR N   H    sing N N 355 
TYR N   H2   sing N N 356 
TYR CA  C    sing N N 357 
TYR CA  CB   sing N N 358 
TYR CA  HA   sing N N 359 
TYR C   O    doub N N 360 
TYR C   OXT  sing N N 361 
TYR CB  CG   sing N N 362 
TYR CB  HB2  sing N N 363 
TYR CB  HB3  sing N N 364 
TYR CG  CD1  doub Y N 365 
TYR CG  CD2  sing Y N 366 
TYR CD1 CE1  sing Y N 367 
TYR CD1 HD1  sing N N 368 
TYR CD2 CE2  doub Y N 369 
TYR CD2 HD2  sing N N 370 
TYR CE1 CZ   doub Y N 371 
TYR CE1 HE1  sing N N 372 
TYR CE2 CZ   sing Y N 373 
TYR CE2 HE2  sing N N 374 
TYR CZ  OH   sing N N 375 
TYR OH  HH   sing N N 376 
TYR OXT HXT  sing N N 377 
VAL N   CA   sing N N 378 
VAL N   H    sing N N 379 
VAL N   H2   sing N N 380 
VAL CA  C    sing N N 381 
VAL CA  CB   sing N N 382 
VAL CA  HA   sing N N 383 
VAL C   O    doub N N 384 
VAL C   OXT  sing N N 385 
VAL CB  CG1  sing N N 386 
VAL CB  CG2  sing N N 387 
VAL CB  HB   sing N N 388 
VAL CG1 HG11 sing N N 389 
VAL CG1 HG12 sing N N 390 
VAL CG1 HG13 sing N N 391 
VAL CG2 HG21 sing N N 392 
VAL CG2 HG22 sing N N 393 
VAL CG2 HG23 sing N N 394 
VAL OXT HXT  sing N N 395 
# 
_pdbx_audit_support.funding_organization   'Not funded' 
_pdbx_audit_support.country                ? 
_pdbx_audit_support.grant_number           ? 
_pdbx_audit_support.ordinal                1 
# 
_pdbx_entity_instance_feature.ordinal        1 
_pdbx_entity_instance_feature.comp_id        CIT 
_pdbx_entity_instance_feature.asym_id        ? 
_pdbx_entity_instance_feature.seq_num        ? 
_pdbx_entity_instance_feature.auth_comp_id   CIT 
_pdbx_entity_instance_feature.auth_asym_id   ? 
_pdbx_entity_instance_feature.auth_seq_num   ? 
_pdbx_entity_instance_feature.feature_type   'SUBJECT OF INVESTIGATION' 
_pdbx_entity_instance_feature.details        ? 
# 
_space_group.name_H-M_alt     'P 63' 
_space_group.name_Hall        'P 6c' 
_space_group.IT_number        173 
_space_group.crystal_system   hexagonal 
_space_group.id               1 
# 
_atom_sites.entry_id                    7Y7O 
_atom_sites.Cartn_transf_matrix[1][1]   ? 
_atom_sites.Cartn_transf_matrix[1][2]   ? 
_atom_sites.Cartn_transf_matrix[1][3]   ? 
_atom_sites.Cartn_transf_matrix[2][1]   ? 
_atom_sites.Cartn_transf_matrix[2][2]   ? 
_atom_sites.Cartn_transf_matrix[2][3]   ? 
_atom_sites.Cartn_transf_matrix[3][1]   ? 
_atom_sites.Cartn_transf_matrix[3][2]   ? 
_atom_sites.Cartn_transf_matrix[3][3]   ? 
_atom_sites.Cartn_transf_vector[1]      ? 
_atom_sites.Cartn_transf_vector[2]      ? 
_atom_sites.Cartn_transf_vector[3]      ? 
_atom_sites.fract_transf_matrix[1][1]   0.00846188 
_atom_sites.fract_transf_matrix[1][2]   0.00629283 
_atom_sites.fract_transf_matrix[1][3]   0.00451348 
_atom_sites.fract_transf_matrix[2][1]   0.01091061 
_atom_sites.fract_transf_matrix[2][2]   -0.00226372 
_atom_sites.fract_transf_matrix[2][3]   -0.00272360 
_atom_sites.fract_transf_matrix[3][1]   -0.00121032 
_atom_sites.fract_transf_matrix[3][2]   0.01264040 
_atom_sites.fract_transf_matrix[3][3]   -0.01535451 
_atom_sites.fract_transf_vector[1]      0.507399 
_atom_sites.fract_transf_vector[2]      0.415841 
_atom_sites.fract_transf_vector[3]      0.491815 
_atom_sites.solution_primary            ? 
_atom_sites.solution_secondary          ? 
_atom_sites.solution_hydrogens          ? 
_atom_sites.special_details             ? 
# 
loop_
_atom_type.symbol 
_atom_type.scat_dispersion_real 
_atom_type.scat_dispersion_imag 
_atom_type.scat_Cromer_Mann_a1 
_atom_type.scat_Cromer_Mann_a2 
_atom_type.scat_Cromer_Mann_a3 
_atom_type.scat_Cromer_Mann_a4 
_atom_type.scat_Cromer_Mann_b1 
_atom_type.scat_Cromer_Mann_b2 
_atom_type.scat_Cromer_Mann_b3 
_atom_type.scat_Cromer_Mann_b4 
_atom_type.scat_Cromer_Mann_c 
_atom_type.scat_source 
_atom_type.scat_dispersion_source 
C  ? ? 3.54356  2.42580 ? ? 25.62398 1.50364  ? ? 0.0 
;2-Gaussian fit: Grosse-Kunstleve RW, Sauter NK, Adams PD: Newsletter of the IUCr Commission on Crystallographic Computing 2004, 3, 22-31.
;
? 
N  ? ? 4.01032  2.96436 ? ? 19.97189 1.75589  ? ? 0.0 
;2-Gaussian fit: Grosse-Kunstleve RW, Sauter NK, Adams PD: Newsletter of the IUCr Commission on Crystallographic Computing 2004, 3, 22-31.
;
? 
O  ? ? 4.49882  3.47563 ? ? 15.80542 1.70748  ? ? 0.0 
;2-Gaussian fit: Grosse-Kunstleve RW, Sauter NK, Adams PD: Newsletter of the IUCr Commission on Crystallographic Computing 2004, 3, 22-31.
;
? 
S  ? ? 9.55732  6.39887 ? ? 1.23737  29.19336 ? ? 0.0 
;2-Gaussian fit: Grosse-Kunstleve RW, Sauter NK, Adams PD: Newsletter of the IUCr Commission on Crystallographic Computing 2004, 3, 22-31.
;
? 
ZN ? ? 24.64596 5.25405 ? ? 2.14387  29.76375 ? ? 0.0 
;2-Gaussian fit: Grosse-Kunstleve RW, Sauter NK, Adams PD: Newsletter of the IUCr Commission on Crystallographic Computing 2004, 3, 22-31.
;
? 
# 
loop_
_atom_site.group_PDB 
_atom_site.id 
_atom_site.type_symbol 
_atom_site.label_atom_id 
_atom_site.label_alt_id 
_atom_site.label_comp_id 
_atom_site.label_asym_id 
_atom_site.label_entity_id 
_atom_site.label_seq_id 
_atom_site.pdbx_PDB_ins_code 
_atom_site.Cartn_x 
_atom_site.Cartn_y 
_atom_site.Cartn_z 
_atom_site.occupancy 
_atom_site.B_iso_or_equiv 
_atom_site.pdbx_formal_charge 
_atom_site.auth_seq_id 
_atom_site.auth_comp_id 
_atom_site.auth_asym_id 
_atom_site.auth_atom_id 
_atom_site.pdbx_PDB_model_num 
ATOM   1    N  N   . ALA A 1 2   ? -8.32395  -8.02994  -16.11482 1.000 36.19128 ? 1   ALA A N   1 
ATOM   2    C  CA  . ALA A 1 2   ? -6.90350  -7.71956  -16.05185 1.000 35.21202 ? 1   ALA A CA  1 
ATOM   3    C  C   . ALA A 1 2   ? -6.62604  -6.75273  -14.90319 1.000 30.50169 ? 1   ALA A C   1 
ATOM   4    O  O   . ALA A 1 2   ? -7.53813  -6.12741  -14.36257 1.000 31.45328 ? 1   ALA A O   1 
ATOM   5    C  CB  . ALA A 1 2   ? -6.41584  -7.12882  -17.37194 1.000 32.54312 ? 1   ALA A CB  1 
ATOM   6    N  N   . PHE A 1 3   ? -5.35549  -6.64746  -14.53130 1.000 33.57423 ? 2   PHE A N   1 
ATOM   7    C  CA  . PHE A 1 3   ? -4.94153  -5.76688  -13.44475 1.000 26.62499 ? 2   PHE A CA  1 
ATOM   8    C  C   . PHE A 1 3   ? -3.47322  -5.45149  -13.66748 1.000 23.14513 ? 2   PHE A C   1 
ATOM   9    O  O   . PHE A 1 3   ? -2.64474  -6.36474  -13.67680 1.000 28.75889 ? 2   PHE A O   1 
ATOM   10   C  CB  . PHE A 1 3   ? -5.17519  -6.43971  -12.08834 1.000 28.81295 ? 2   PHE A CB  1 
ATOM   11   C  CG  . PHE A 1 3   ? -4.62390  -5.67634  -10.92503 1.000 24.36762 ? 2   PHE A CG  1 
ATOM   12   C  CD1 . PHE A 1 3   ? -3.45895  -6.07986  -10.30139 1.000 28.20815 ? 2   PHE A CD1 1 
ATOM   13   C  CD2 . PHE A 1 3   ? -5.26397  -4.53224  -10.47714 1.000 27.00808 ? 2   PHE A CD2 1 
ATOM   14   C  CE1 . PHE A 1 3   ? -2.94622  -5.36231  -9.22506  1.000 27.73080 ? 2   PHE A CE1 1 
ATOM   15   C  CE2 . PHE A 1 3   ? -4.76904  -3.80891  -9.40821  1.000 30.40205 ? 2   PHE A CE2 1 
ATOM   16   C  CZ  . PHE A 1 3   ? -3.60080  -4.22536  -8.78336  1.000 29.12158 ? 2   PHE A CZ  1 
ATOM   17   N  N   . THR A 1 4   ? -3.14881  -4.18105  -13.90077 1.000 24.47795 ? 3   THR A N   1 
ATOM   18   C  CA  . THR A 1 4   ? -1.77071  -3.79636  -14.16261 1.000 20.55624 ? 3   THR A CA  1 
ATOM   19   C  C   . THR A 1 4   ? -1.34286  -2.73866  -13.15570 1.000 15.57080 ? 3   THR A C   1 
ATOM   20   O  O   . THR A 1 4   ? -2.09989  -1.81024  -12.86062 1.000 18.19509 ? 3   THR A O   1 
ATOM   21   C  CB  . THR A 1 4   ? -1.59300  -3.25155  -15.59656 1.000 29.28964 ? 3   THR A CB  1 
ATOM   22   O  OG1 . THR A 1 4   ? -2.02390  -1.88683  -15.65781 1.000 33.02599 ? 3   THR A OG1 1 
ATOM   23   C  CG2 . THR A 1 4   ? -2.46093  -4.05390  -16.56656 1.000 24.06820 ? 3   THR A CG2 1 
ATOM   24   N  N   . ILE A 1 5   ? -0.13395  -2.88595  -12.63245 1.000 16.92060 ? 4   ILE A N   1 
ATOM   25   C  CA  . ILE A 1 5   ? 0.48818   -1.87354  -11.78819 1.000 16.96403 ? 4   ILE A CA  1 
ATOM   26   C  C   . ILE A 1 5   ? 1.66285   -1.29192  -12.54804 1.000 15.71056 ? 4   ILE A C   1 
ATOM   27   O  O   . ILE A 1 5   ? 2.56923   -2.03123  -12.95392 1.000 21.35256 ? 4   ILE A O   1 
ATOM   28   C  CB  . ILE A 1 5   ? 0.97022   -2.45909  -10.45423 1.000 19.67532 ? 4   ILE A CB  1 
ATOM   29   C  CG1 . ILE A 1 5   ? -0.17318  -3.06949  -9.66574  1.000 20.15998 ? 4   ILE A CG1 1 
ATOM   30   C  CG2 . ILE A 1 5   ? 1.68695   -1.38688  -9.64067  1.000 16.37752 ? 4   ILE A CG2 1 
ATOM   31   C  CD1 . ILE A 1 5   ? 0.29886   -3.52657  -8.25990  1.000 21.16965 ? 4   ILE A CD1 1 
ATOM   32   N  N   . ASP A 1 6   ? 1.66077   0.02402   -12.73140 1.000 12.24476 ? 5   ASP A N   1 
ATOM   33   C  CA  . ASP A 1 6   ? 2.85182   0.73238   -13.17269 1.000 12.73867 ? 5   ASP A CA  1 
ATOM   34   C  C   . ASP A 1 6   ? 3.74041   1.01768   -11.96544 1.000 17.33712 ? 5   ASP A C   1 
ATOM   35   O  O   . ASP A 1 6   ? 3.45720   1.94002   -11.19006 1.000 19.43940 ? 5   ASP A O   1 
ATOM   36   C  CB  . ASP A 1 6   ? 2.47877   2.03932   -13.84929 1.000 13.57500 ? 5   ASP A CB  1 
ATOM   37   C  CG  . ASP A 1 6   ? 1.85207   1.82815   -15.20284 1.000 17.15546 ? 5   ASP A CG  1 
ATOM   38   O  OD1 . ASP A 1 6   ? 1.90994   0.67504   -15.71140 1.000 13.03848 ? 5   ASP A OD1 1 
ATOM   39   O  OD2 . ASP A 1 6   ? 1.27771   2.81598   -15.71846 1.000 19.09443 ? 5   ASP A OD2 1 
ATOM   40   N  N   . PHE A 1 7   ? 4.83461   0.28198   -11.83890 1.000 14.19701 ? 6   PHE A N   1 
ATOM   41   C  CA  . PHE A 1 7   ? 5.78400   0.48173   -10.74852 1.000 13.01474 ? 6   PHE A CA  1 
ATOM   42   C  C   . PHE A 1 7   ? 6.87757   1.45408   -11.16036 1.000 16.16250 ? 6   PHE A C   1 
ATOM   43   O  O   . PHE A 1 7   ? 7.31077   1.48099   -12.31796 1.000 13.89267 ? 6   PHE A O   1 
ATOM   44   C  CB  . PHE A 1 7   ? 6.45922   -0.83461  -10.36525 1.000 14.05477 ? 6   PHE A CB  1 
ATOM   45   C  CG  . PHE A 1 7   ? 5.62864   -1.74317  -9.52921  1.000 14.00923 ? 6   PHE A CG  1 
ATOM   46   C  CD1 . PHE A 1 7   ? 5.36416   -1.43981  -8.20013  1.000 11.66838 ? 6   PHE A CD1 1 
ATOM   47   C  CD2 . PHE A 1 7   ? 5.14482   -2.94167  -10.05797 1.000 12.16452 ? 6   PHE A CD2 1 
ATOM   48   C  CE1 . PHE A 1 7   ? 4.63070   -2.29286  -7.41966  1.000 11.38530 ? 6   PHE A CE1 1 
ATOM   49   C  CE2 . PHE A 1 7   ? 4.40042   -3.80098  -9.28347  1.000 14.79919 ? 6   PHE A CE2 1 
ATOM   50   C  CZ  . PHE A 1 7   ? 4.12886   -3.46833  -7.94131  1.000 13.28314 ? 6   PHE A CZ  1 
ATOM   51   N  N   . SER A 1 8   ? 7.36286   2.22309   -10.18677 1.000 10.21317 ? 7   SER A N   1 
ATOM   52   C  CA  . SER A 1 8   ? 8.55856   3.03543   -10.35972 1.000 11.98018 ? 7   SER A CA  1 
ATOM   53   C  C   . SER A 1 8   ? 9.33847   3.03005   -9.05132  1.000 12.67626 ? 7   SER A C   1 
ATOM   54   O  O   . SER A 1 8   ? 8.73715   3.07151   -7.97598  1.000 12.11770 ? 7   SER A O   1 
ATOM   55   C  CB  . SER A 1 8   ? 8.20372   4.46916   -10.74481 1.000 14.36323 ? 7   SER A CB  1 
ATOM   56   O  OG  . SER A 1 8   ? 9.37770   5.24407   -10.83327 1.000 21.07816 ? 7   SER A OG  1 
ATOM   57   N  N   . ASP A 1 9   ? 10.66479  2.98034   -9.13069  1.000 9.87466  ? 8   ASP A N   1 
ATOM   58   C  CA  . ASP A 1 9   ? 11.48631  2.98818   -7.91921  1.000 12.46431 ? 8   ASP A CA  1 
ATOM   59   C  C   . ASP A 1 9   ? 12.58661  4.02651   -8.08407  1.000 12.40445 ? 8   ASP A C   1 
ATOM   60   O  O   . ASP A 1 9   ? 13.54970  3.79506   -8.81740  1.000 13.67797 ? 8   ASP A O   1 
ATOM   61   C  CB  . ASP A 1 9   ? 12.07637  1.60014   -7.63560  1.000 11.06671 ? 8   ASP A CB  1 
ATOM   62   C  CG  . ASP A 1 9   ? 13.02938  1.60000   -6.43674  1.000 13.35917 ? 8   ASP A CG  1 
ATOM   63   O  OD1 . ASP A 1 9   ? 12.91579  2.51124   -5.58529  1.000 13.52921 ? 8   ASP A OD1 1 
ATOM   64   O  OD2 . ASP A 1 9   ? 13.88968  0.70142   -6.34928  1.000 14.05255 ? 8   ASP A OD2 1 
ATOM   65   N  N   . HIS A 1 10  ? 12.45190  5.15947   -7.39488  1.000 10.45342 ? 9   HIS A N   1 
ATOM   66   C  CA  . HIS A 1 10  ? 13.44313  6.22561   -7.44373  1.000 12.91793 ? 9   HIS A CA  1 
ATOM   67   C  C   . HIS A 1 10  ? 14.65523  5.95055   -6.56239  1.000 17.82321 ? 9   HIS A C   1 
ATOM   68   O  O   . HIS A 1 10  ? 15.56532  6.78099   -6.52748  1.000 22.93569 ? 9   HIS A O   1 
ATOM   69   C  CB  . HIS A 1 10  ? 12.81949  7.55747   -7.01668  1.000 14.92428 ? 9   HIS A CB  1 
ATOM   70   C  CG  . HIS A 1 10  ? 11.69833  8.02037   -7.89168  1.000 14.72694 ? 9   HIS A CG  1 
ATOM   71   N  ND1 . HIS A 1 10  ? 11.10040  9.25104   -7.73564  1.000 16.64865 ? 9   HIS A ND1 1 
ATOM   72   C  CD2 . HIS A 1 10  ? 11.06081  7.42061   -8.92387  1.000 15.81174 ? 9   HIS A CD2 1 
ATOM   73   C  CE1 . HIS A 1 10  ? 10.13705  9.38860   -8.62917  1.000 18.93069 ? 9   HIS A CE1 1 
ATOM   74   N  NE2 . HIS A 1 10  ? 10.09312  8.29183   -9.36429  1.000 17.73485 ? 9   HIS A NE2 1 
ATOM   75   N  N   . THR A 1 11  ? 14.68468  4.82357   -5.84823  1.000 12.94864 ? 10  THR A N   1 
ATOM   76   C  CA  . THR A 1 11  ? 15.73017  4.52973   -4.87298  1.000 15.59345 ? 10  THR A CA  1 
ATOM   77   C  C   . THR A 1 11  ? 16.69321  3.44124   -5.32292  1.000 18.96654 ? 10  THR A C   1 
ATOM   78   O  O   . THR A 1 11  ? 17.78633  3.32775   -4.75607  1.000 21.64169 ? 10  THR A O   1 
ATOM   79   C  CB  . THR A 1 11  ? 15.11276  4.08896   -3.53008  1.000 14.48039 ? 10  THR A CB  1 
ATOM   80   O  OG1 . THR A 1 11  ? 14.65001  2.73496   -3.62723  1.000 14.88646 ? 10  THR A OG1 1 
ATOM   81   C  CG2 . THR A 1 11  ? 13.95148  4.98835   -3.12252  1.000 13.00523 ? 10  THR A CG2 1 
ATOM   82   N  N   . GLY A 1 12  ? 16.30412  2.61679   -6.28344  1.000 19.26223 ? 11  GLY A N   1 
ATOM   83   C  CA  . GLY A 1 12  ? 17.12354  1.48618   -6.66337  1.000 21.20439 ? 11  GLY A CA  1 
ATOM   84   C  C   . GLY A 1 12  ? 17.14977  0.34429   -5.67312  1.000 24.13131 ? 11  GLY A C   1 
ATOM   85   O  O   . GLY A 1 12  ? 17.86756  -0.62963  -5.90466  1.000 22.92582 ? 11  GLY A O   1 
ATOM   86   N  N   . LEU A 1 13  ? 16.37502  0.42032   -4.58623  1.000 17.09490 ? 12  LEU A N   1 
ATOM   87   C  CA  . LEU A 1 13  ? 16.38114  -0.59642  -3.54096  1.000 17.48737 ? 12  LEU A CA  1 
ATOM   88   C  C   . LEU A 1 13  ? 15.44521  -1.76904  -3.82222  1.000 19.62660 ? 12  LEU A C   1 
ATOM   89   O  O   . LEU A 1 13  ? 15.64350  -2.85628  -3.26103  1.000 19.40633 ? 12  LEU A O   1 
ATOM   90   C  CB  . LEU A 1 13  ? 15.99203  0.03426   -2.19734  1.000 19.13979 ? 12  LEU A CB  1 
ATOM   91   C  CG  . LEU A 1 13  ? 16.95879  1.04340   -1.57523  1.000 18.28428 ? 12  LEU A CG  1 
ATOM   92   C  CD1 . LEU A 1 13  ? 16.28934  1.73888   -0.40489  1.000 20.61321 ? 12  LEU A CD1 1 
ATOM   93   C  CD2 . LEU A 1 13  ? 18.24954  0.34664   -1.13428  1.000 24.85293 ? 12  LEU A CD2 1 
ATOM   94   N  N   . VAL A 1 14  ? 14.43552  -1.58907  -4.66556  1.000 16.06526 ? 13  VAL A N   1 
ATOM   95   C  CA  . VAL A 1 14  ? 13.38377  -2.59091  -4.79725  1.000 14.57512 ? 13  VAL A CA  1 
ATOM   96   C  C   . VAL A 1 14  ? 13.82701  -3.68001  -5.76344  1.000 18.94337 ? 13  VAL A C   1 
ATOM   97   O  O   . VAL A 1 14  ? 14.08532  -3.41239  -6.94374  1.000 17.86803 ? 13  VAL A O   1 
ATOM   98   C  CB  . VAL A 1 14  ? 12.06272  -1.96363  -5.25727  1.000 14.47936 ? 13  VAL A CB  1 
ATOM   99   C  CG1 . VAL A 1 14  ? 11.01885  -3.04754  -5.39203  1.000 14.27667 ? 13  VAL A CG1 1 
ATOM   100  C  CG2 . VAL A 1 14  ? 11.57865  -0.93342  -4.23398  1.000 14.66417 ? 13  VAL A CG2 1 
ATOM   101  N  N   . LYS A 1 15  ? 13.85751  -4.91583  -5.26859  1.000 19.42243 ? 14  LYS A N   1 
ATOM   102  C  CA  . LYS A 1 15  ? 14.26468  -6.08042  -6.03657  1.000 22.05265 ? 14  LYS A CA  1 
ATOM   103  C  C   . LYS A 1 15  ? 13.14379  -6.52089  -6.95988  1.000 21.20847 ? 14  LYS A C   1 
ATOM   104  O  O   . LYS A 1 15  ? 11.95380  -6.35279  -6.67627  1.000 13.98621 ? 14  LYS A O   1 
ATOM   105  C  CB  . LYS A 1 15  ? 14.61999  -7.24091  -5.09941  1.000 20.95083 ? 14  LYS A CB  1 
ATOM   106  C  CG  . LYS A 1 15  ? 15.81226  -6.96900  -4.19432  1.000 25.51181 ? 14  LYS A CG  1 
ATOM   107  C  CD  . LYS A 1 15  ? 16.48912  -8.25061  -3.75939  1.000 26.30612 ? 14  LYS A CD  1 
ATOM   108  C  CE  . LYS A 1 15  ? 17.61788  -7.95136  -2.77717  1.000 34.61941 ? 14  LYS A CE  1 
ATOM   109  N  NZ  . LYS A 1 15  ? 17.66051  -8.94546  -1.64679  1.000 39.36785 ? 14  LYS A NZ  1 
ATOM   110  N  N   . ASP A 1 16  ? 13.53309  -7.16783  -8.05261  1.000 23.58702 ? 15  ASP A N   1 
ATOM   111  C  CA  . ASP A 1 16  ? 12.55028  -7.51189  -9.06364  1.000 18.19871 ? 15  ASP A CA  1 
ATOM   112  C  C   . ASP A 1 16  ? 11.53024  -8.49866  -8.51145  1.000 19.23698 ? 15  ASP A C   1 
ATOM   113  O  O   . ASP A 1 16  ? 10.33635  -8.41835  -8.82037  1.000 24.89115 ? 15  ASP A O   1 
ATOM   114  C  CB  . ASP A 1 16  ? 13.28521  -8.07368  -10.28129 1.000 28.57101 ? 15  ASP A CB  1 
ATOM   115  C  CG  . ASP A 1 16  ? 12.62241  -7.69739  -11.56324 1.000 28.25119 ? 15  ASP A CG  1 
ATOM   116  O  OD1 . ASP A 1 16  ? 12.73082  -6.49950  -11.90420 1.000 27.85248 ? 15  ASP A OD1 1 
ATOM   117  O  OD2 . ASP A 1 16  ? 12.00306  -8.55778  -12.21433 1.000 42.43393 ? 15  ASP A OD2 1 
ATOM   118  N  N   . ALA A 1 17  ? 11.97683  -9.41266  -7.65036  1.000 17.91997 ? 16  ALA A N   1 
ATOM   119  C  CA  . ALA A 1 17  ? 11.07257  -10.37159 -7.02834  1.000 18.24866 ? 16  ALA A CA  1 
ATOM   120  C  C   . ALA A 1 17  ? 10.02125  -9.68724  -6.16986  1.000 19.31301 ? 16  ALA A C   1 
ATOM   121  O  O   . ALA A 1 17  ? 8.93434   -10.23406 -5.96304  1.000 16.93561 ? 16  ALA A O   1 
ATOM   122  C  CB  . ALA A 1 17  ? 11.86563  -11.35111 -6.16744  1.000 20.31332 ? 16  ALA A CB  1 
ATOM   123  N  N   . TRP A 1 18  ? 10.33475  -8.50932  -5.63666  1.000 17.25444 ? 17  TRP A N   1 
ATOM   124  C  CA  . TRP A 1 18  ? 9.40298   -7.83915  -4.73924  1.000 14.67888 ? 17  TRP A CA  1 
ATOM   125  C  C   . TRP A 1 18  ? 8.25932   -7.20504  -5.49999  1.000 13.64594 ? 17  TRP A C   1 
ATOM   126  O  O   . TRP A 1 18  ? 7.12522   -7.17565  -5.00634  1.000 12.89382 ? 17  TRP A O   1 
ATOM   127  C  CB  . TRP A 1 18  ? 10.12670  -6.77360  -3.92364  1.000 13.67650 ? 17  TRP A CB  1 
ATOM   128  C  CG  . TRP A 1 18  ? 11.24943  -7.29682  -3.10610  1.000 17.84335 ? 17  TRP A CG  1 
ATOM   129  C  CD1 . TRP A 1 18  ? 11.57452  -8.60773  -2.86480  1.000 21.51658 ? 17  TRP A CD1 1 
ATOM   130  C  CD2 . TRP A 1 18  ? 12.19954  -6.51015  -2.39974  1.000 17.41340 ? 17  TRP A CD2 1 
ATOM   131  N  NE1 . TRP A 1 18  ? 12.69457  -8.67192  -2.06245  1.000 20.90966 ? 17  TRP A NE1 1 
ATOM   132  C  CE2 . TRP A 1 18  ? 13.09069  -7.39586  -1.76186  1.000 18.50604 ? 17  TRP A CE2 1 
ATOM   133  C  CE3 . TRP A 1 18  ? 12.38333  -5.13611  -2.24498  1.000 18.34713 ? 17  TRP A CE3 1 
ATOM   134  C  CZ2 . TRP A 1 18  ? 14.15360  -6.94611  -0.98183  1.000 25.14040 ? 17  TRP A CZ2 1 
ATOM   135  C  CZ3 . TRP A 1 18  ? 13.44100  -4.69129  -1.48047  1.000 21.55783 ? 17  TRP A CZ3 1 
ATOM   136  C  CH2 . TRP A 1 18  ? 14.31032  -5.59421  -0.85469  1.000 22.64348 ? 17  TRP A CH2 1 
ATOM   137  N  N   . TYR A 1 19  ? 8.54709   -6.66676  -6.68759  1.000 12.57701 ? 18  TYR A N   1 
ATOM   138  C  CA  . TYR A 1 19  ? 7.48517   -6.15945  -7.54992  1.000 14.25269 ? 18  TYR A CA  1 
ATOM   139  C  C   . TYR A 1 19  ? 6.41315   -7.21984  -7.75607  1.000 14.07554 ? 18  TYR A C   1 
ATOM   140  O  O   . TYR A 1 19  ? 5.21570   -6.95860  -7.60649  1.000 10.92479 ? 18  TYR A O   1 
ATOM   141  C  CB  . TYR A 1 19  ? 8.06226   -5.75103  -8.90105  1.000 13.87978 ? 18  TYR A CB  1 
ATOM   142  C  CG  . TYR A 1 19  ? 8.83352   -4.43644  -8.96963  1.000 14.66474 ? 18  TYR A CG  1 
ATOM   143  C  CD1 . TYR A 1 19  ? 8.30882   -3.26258  -8.43400  1.000 12.68029 ? 18  TYR A CD1 1 
ATOM   144  C  CD2 . TYR A 1 19  ? 10.06570  -4.36969  -9.61964  1.000 16.14745 ? 18  TYR A CD2 1 
ATOM   145  C  CE1 . TYR A 1 19  ? 9.00097   -2.05768  -8.52475  1.000 14.35802 ? 18  TYR A CE1 1 
ATOM   146  C  CE2 . TYR A 1 19  ? 10.77520  -3.16197  -9.71150  1.000 16.82156 ? 18  TYR A CE2 1 
ATOM   147  C  CZ  . TYR A 1 19  ? 10.22043  -2.01107  -9.17260  1.000 14.09486 ? 18  TYR A CZ  1 
ATOM   148  O  OH  . TYR A 1 19  ? 10.87609  -0.81113  -9.27252  1.000 15.17930 ? 18  TYR A OH  1 
ATOM   149  N  N   . LYS A 1 20  ? 6.84104   -8.42876  -8.12952  1.000 15.36880 ? 19  LYS A N   1 
ATOM   150  C  CA  . LYS A 1 20  ? 5.91345   -9.54375  -8.29504  1.000 16.81643 ? 19  LYS A CA  1 
ATOM   151  C  C   . LYS A 1 20  ? 5.13325   -9.83837  -7.01803  1.000 11.93294 ? 19  LYS A C   1 
ATOM   152  O  O   . LYS A 1 20  ? 3.92096   -10.09878 -7.07442  1.000 13.61115 ? 19  LYS A O   1 
ATOM   153  C  CB  . LYS A 1 20  ? 6.69613   -10.78318 -8.72818  1.000 19.13898 ? 19  LYS A CB  1 
ATOM   154  C  CG  . LYS A 1 20  ? 5.92359   -12.08098 -8.69816  1.000 23.55906 ? 19  LYS A CG  1 
ATOM   155  C  CD  . LYS A 1 20  ? 5.49088   -12.52706 -10.07757 1.000 31.79349 ? 19  LYS A CD  1 
ATOM   156  C  CE  . LYS A 1 20  ? 5.11032   -14.00581 -10.04346 1.000 30.51593 ? 19  LYS A CE  1 
ATOM   157  N  NZ  . LYS A 1 20  ? 3.63760   -14.18437 -10.04059 1.000 33.13802 ? 19  LYS A NZ  1 
ATOM   158  N  N   . GLN A 1 21  ? 5.80810   -9.83594  -5.85331  1.000 12.68764 ? 20  GLN A N   1 
ATOM   159  C  CA  . GLN A 1 21  ? 5.10674   -10.16151 -4.61292  1.000 12.91698 ? 20  GLN A CA  1 
ATOM   160  C  C   . GLN A 1 21  ? 4.03459   -9.12424  -4.32999  1.000 12.55223 ? 20  GLN A C   1 
ATOM   161  O  O   . GLN A 1 21  ? 2.93555   -9.45350  -3.86291  1.000 13.21092 ? 20  GLN A O   1 
ATOM   162  C  CB  . GLN A 1 21  ? 6.06500   -10.21618 -3.41343  1.000 16.87156 ? 20  GLN A CB  1 
ATOM   163  C  CG  . GLN A 1 21  ? 7.16907   -11.26403 -3.44239  1.000 20.97780 ? 20  GLN A CG  1 
ATOM   164  C  CD  . GLN A 1 21  ? 8.16002   -11.05767 -2.29837  1.000 23.79107 ? 20  GLN A CD  1 
ATOM   165  O  OE1 . GLN A 1 21  ? 9.06282   -11.85861 -2.09449  1.000 34.26850 ? 20  GLN A OE1 1 
ATOM   166  N  NE2 . GLN A 1 21  ? 7.91370   -10.03678 -1.47859  1.000 25.22182 ? 20  GLN A NE2 1 
ATOM   167  N  N   . ILE A 1 22  ? 4.34837   -7.85354  -4.58687  1.000 12.20076 ? 21  ILE A N   1 
ATOM   168  C  CA  . ILE A 1 22  ? 3.38281   -6.79374  -4.31454  1.000 12.36012 ? 21  ILE A CA  1 
ATOM   169  C  C   . ILE A 1 22  ? 2.23046   -6.86416  -5.30576  1.000 11.89049 ? 21  ILE A C   1 
ATOM   170  O  O   . ILE A 1 22  ? 1.05509   -6.76506  -4.92723  1.000 9.68240  ? 21  ILE A O   1 
ATOM   171  C  CB  . ILE A 1 22  ? 4.09585   -5.43079  -4.34219  1.000 11.26171 ? 21  ILE A CB  1 
ATOM   172  C  CG1 . ILE A 1 22  ? 5.11184   -5.36018  -3.18076  1.000 11.83733 ? 21  ILE A CG1 1 
ATOM   173  C  CG2 . ILE A 1 22  ? 3.07991   -4.28953  -4.33749  1.000 11.77559 ? 21  ILE A CG2 1 
ATOM   174  C  CD1 . ILE A 1 22  ? 6.08945   -4.17508  -3.24953  1.000 13.01074 ? 21  ILE A CD1 1 
ATOM   175  N  N   . GLU A 1 23  ? 2.54366   -7.05340  -6.58962  1.000 9.55330  ? 22  GLU A N   1 
ATOM   176  C  CA  . GLU A 1 23  ? 1.48294   -7.15684  -7.58696  1.000 14.32321 ? 22  GLU A CA  1 
ATOM   177  C  C   . GLU A 1 23  ? 0.55951   -8.33547  -7.29523  1.000 13.00264 ? 22  GLU A C   1 
ATOM   178  O  O   . GLU A 1 23  ? -0.66751  -8.21223  -7.40394  1.000 14.93545 ? 22  GLU A O   1 
ATOM   179  C  CB  . GLU A 1 23  ? 2.10684   -7.27087  -8.97851  1.000 18.36720 ? 22  GLU A CB  1 
ATOM   180  C  CG  . GLU A 1 23  ? 1.13302   -7.16614  -10.14234 1.000 22.96366 ? 22  GLU A CG  1 
ATOM   181  C  CD  . GLU A 1 23  ? 1.86394   -7.13298  -11.47620 1.000 24.15668 ? 22  GLU A CD  1 
ATOM   182  O  OE1 . GLU A 1 23  ? 2.66186   -8.05804  -11.73724 1.000 28.32170 ? 22  GLU A OE1 1 
ATOM   183  O  OE2 . GLU A 1 23  ? 1.67977   -6.14708  -12.23078 1.000 31.09043 ? 22  GLU A OE2 1 
ATOM   184  N  N   . ASP A 1 24  ? 1.12380   -9.48172  -6.90422  1.000 14.01337 ? 23  ASP A N   1 
ATOM   185  C  CA  . ASP A 1 24  ? 0.29207   -10.65800 -6.63355  1.000 14.84498 ? 23  ASP A CA  1 
ATOM   186  C  C   . ASP A 1 24  ? -0.64503  -10.42620 -5.44785  1.000 12.93733 ? 23  ASP A C   1 
ATOM   187  O  O   . ASP A 1 24  ? -1.79364  -10.89224 -5.44598  1.000 12.17470 ? 23  ASP A O   1 
ATOM   188  C  CB  . ASP A 1 24  ? 1.17328   -11.87537 -6.37212  1.000 14.71995 ? 23  ASP A CB  1 
ATOM   189  C  CG  . ASP A 1 24  ? 1.82762   -12.41303 -7.63971  1.000 21.53835 ? 23  ASP A CG  1 
ATOM   190  O  OD1 . ASP A 1 24  ? 1.42805   -12.00342 -8.75025  1.000 23.55382 ? 23  ASP A OD1 1 
ATOM   191  O  OD2 . ASP A 1 24  ? 2.74420   -13.24339 -7.51199  1.000 25.92609 ? 23  ASP A OD2 1 
ATOM   192  N  N   . LEU A 1 25  ? -0.17220  -9.71562  -4.42319  1.000 12.30376 ? 24  LEU A N   1 
ATOM   193  C  CA  . LEU A 1 25  ? -1.03393  -9.40935  -3.28350  1.000 10.93999 ? 24  LEU A CA  1 
ATOM   194  C  C   . LEU A 1 25  ? -2.18558  -8.49642  -3.69430  1.000 11.72000 ? 24  LEU A C   1 
ATOM   195  O  O   . LEU A 1 25  ? -3.34162  -8.71511  -3.30537  1.000 10.73986 ? 24  LEU A O   1 
ATOM   196  C  CB  . LEU A 1 25  ? -0.20482  -8.76457  -2.17070  1.000 12.28585 ? 24  LEU A CB  1 
ATOM   197  C  CG  . LEU A 1 25  ? -1.00871  -8.22208  -0.97920  1.000 11.97732 ? 24  LEU A CG  1 
ATOM   198  C  CD1 . LEU A 1 25  ? -1.84070  -9.33374  -0.32032  1.000 10.70582 ? 24  LEU A CD1 1 
ATOM   199  C  CD2 . LEU A 1 25  ? -0.06521  -7.58441  0.00953   1.000 9.91035  ? 24  LEU A CD2 1 
ATOM   200  N  N   . LEU A 1 26  ? -1.87934  -7.44547  -4.46071  1.000 10.82261 ? 25  LEU A N   1 
ATOM   201  C  CA  . LEU A 1 26  ? -2.91495  -6.50033  -4.86273  1.000 13.16396 ? 25  LEU A CA  1 
ATOM   202  C  C   . LEU A 1 26  ? -3.89029  -7.12586  -5.85976  1.000 14.51866 ? 25  LEU A C   1 
ATOM   203  O  O   . LEU A 1 26  ? -5.08755  -6.80227  -5.85120  1.000 13.14439 ? 25  LEU A O   1 
ATOM   204  C  CB  . LEU A 1 26  ? -2.25884  -5.23640  -5.43464  1.000 14.08917 ? 25  LEU A CB  1 
ATOM   205  C  CG  . LEU A 1 26  ? -2.06972  -4.10475  -4.40464  1.000 18.71441 ? 25  LEU A CG  1 
ATOM   206  C  CD1 . LEU A 1 26  ? -1.46194  -4.62543  -3.13282  1.000 15.09688 ? 25  LEU A CD1 1 
ATOM   207  C  CD2 . LEU A 1 26  ? -1.25013  -2.95951  -4.96060  1.000 18.44473 ? 25  LEU A CD2 1 
ATOM   208  N  N   . GLU A 1 27  ? -3.40668  -8.02555  -6.71537  1.000 14.16619 ? 26  GLU A N   1 
ATOM   209  C  CA  . GLU A 1 27  ? -4.32249  -8.73803  -7.60076  1.000 17.24327 ? 26  GLU A CA  1 
ATOM   210  C  C   . GLU A 1 27  ? -5.25742  -9.64682  -6.81719  1.000 17.54981 ? 26  GLU A C   1 
ATOM   211  O  O   . GLU A 1 27  ? -6.45247  -9.73324  -7.13031  1.000 16.71581 ? 26  GLU A O   1 
ATOM   212  C  CB  . GLU A 1 27  ? -3.54432  -9.54904  -8.63206  1.000 19.30347 ? 26  GLU A CB  1 
ATOM   213  C  CG  . GLU A 1 27  ? -4.45319  -10.10241 -9.70644  1.000 30.88229 ? 26  GLU A CG  1 
ATOM   214  C  CD  . GLU A 1 27  ? -3.71208  -10.42187 -10.98020 1.000 40.76255 ? 26  GLU A CD  1 
ATOM   215  O  OE1 . GLU A 1 27  ? -4.35017  -10.35350 -12.05645 1.000 44.21067 ? 26  GLU A OE1 1 
ATOM   216  O  OE2 . GLU A 1 27  ? -2.49407  -10.71990 -10.89613 1.000 40.81096 ? 26  GLU A OE2 1 
ATOM   217  N  N   . PHE A 1 28  ? -4.73689  -10.31702 -5.78524  1.000 14.17993 ? 27  PHE A N   1 
ATOM   218  C  CA  . PHE A 1 28  ? -5.59092  -11.10785 -4.90544  1.000 16.63575 ? 27  PHE A CA  1 
ATOM   219  C  C   . PHE A 1 28  ? -6.63094  -10.23454 -4.21411  1.000 17.25607 ? 27  PHE A C   1 
ATOM   220  O  O   . PHE A 1 28  ? -7.79520  -10.62907 -4.08149  1.000 15.03202 ? 27  PHE A O   1 
ATOM   221  C  CB  . PHE A 1 28  ? -4.72961  -11.82564 -3.86818  1.000 13.96380 ? 27  PHE A CB  1 
ATOM   222  C  CG  . PHE A 1 28  ? -5.50725  -12.65528 -2.88609  1.000 16.23221 ? 27  PHE A CG  1 
ATOM   223  C  CD1 . PHE A 1 28  ? -6.01226  -13.89511 -3.24592  1.000 20.65187 ? 27  PHE A CD1 1 
ATOM   224  C  CD2 . PHE A 1 28  ? -5.70902  -12.20899 -1.58655  1.000 14.90370 ? 27  PHE A CD2 1 
ATOM   225  C  CE1 . PHE A 1 28  ? -6.71055  -14.67361 -2.32117  1.000 24.50837 ? 27  PHE A CE1 1 
ATOM   226  C  CE2 . PHE A 1 28  ? -6.40735  -12.97411 -0.66613  1.000 17.28947 ? 27  PHE A CE2 1 
ATOM   227  C  CZ  . PHE A 1 28  ? -6.90886  -14.20800 -1.02563  1.000 19.02516 ? 27  PHE A CZ  1 
ATOM   228  N  N   . ALA A 1 29  ? -6.21560  -9.05725  -3.72996  1.000 14.87291 ? 28  ALA A N   1 
ATOM   229  C  CA  . ALA A 1 29  ? -7.14913  -8.15019  -3.06818  1.000 14.34994 ? 28  ALA A CA  1 
ATOM   230  C  C   . ALA A 1 29  ? -8.25691  -7.71152  -4.01411  1.000 16.20972 ? 28  ALA A C   1 
ATOM   231  O  O   . ALA A 1 29  ? -9.43298  -7.64253  -3.62632  1.000 17.09975 ? 28  ALA A O   1 
ATOM   232  C  CB  . ALA A 1 29  ? -6.39692  -6.92786  -2.52967  1.000 12.78714 ? 28  ALA A CB  1 
ATOM   233  N  N   . LYS A 1 30  ? -7.90017  -7.40037  -5.25685  1.000 13.93189 ? 29  LYS A N   1 
ATOM   234  C  CA  . LYS A 1 30  ? -8.90482  -6.98257  -6.22689  1.000 14.89865 ? 29  LYS A CA  1 
ATOM   235  C  C   . LYS A 1 30  ? -9.94512  -8.07724  -6.44140  1.000 17.37099 ? 29  LYS A C   1 
ATOM   236  O  O   . LYS A 1 30  ? -11.14230 -7.79236  -6.54517  1.000 18.87135 ? 29  LYS A O   1 
ATOM   237  C  CB  . LYS A 1 30  ? -8.22668  -6.61024  -7.53932  1.000 20.19948 ? 29  LYS A CB  1 
ATOM   238  C  CG  . LYS A 1 30  ? -9.18194  -6.52354  -8.70396  1.000 23.30554 ? 29  LYS A CG  1 
ATOM   239  C  CD  . LYS A 1 30  ? -8.44837  -6.25463  -9.99314  1.000 27.27786 ? 29  LYS A CD  1 
ATOM   240  C  CE  . LYS A 1 30  ? -9.43085  -5.76738  -11.03998 1.000 27.97628 ? 29  LYS A CE  1 
ATOM   241  N  NZ  . LYS A 1 30  ? -9.88330  -6.93171  -11.84740 1.000 30.05501 ? 29  LYS A NZ  1 
ATOM   242  N  N   . LYS A 1 31  ? -9.50731  -9.33570  -6.48684  1.000 17.95055 ? 30  LYS A N   1 
ATOM   243  C  CA  . LYS A 1 31  ? -10.44498 -10.45141 -6.61967  1.000 17.32458 ? 30  LYS A CA  1 
ATOM   244  C  C   . LYS A 1 31  ? -11.28188 -10.64121 -5.35880  1.000 23.28422 ? 30  LYS A C   1 
ATOM   245  O  O   . LYS A 1 31  ? -12.48253 -10.91691 -5.44744  1.000 22.04537 ? 30  LYS A O   1 
ATOM   246  C  CB  . LYS A 1 31  ? -9.68065  -11.72875 -6.96446  1.000 22.02390 ? 30  LYS A CB  1 
ATOM   247  C  CG  . LYS A 1 31  ? -10.47890 -13.01569 -6.81318  1.000 30.63200 ? 30  LYS A CG  1 
ATOM   248  C  CD  . LYS A 1 31  ? -9.58057  -14.26167 -6.73519  1.000 33.91062 ? 30  LYS A CD  1 
ATOM   249  C  CE  . LYS A 1 31  ? -9.31634  -14.72333 -5.29381  1.000 38.30369 ? 30  LYS A CE  1 
ATOM   250  N  NZ  . LYS A 1 31  ? -8.18915  -15.71262 -5.23842  1.000 41.28442 ? 30  LYS A NZ  1 
ATOM   251  N  N   . GLU A 1 32  ? -10.67001 -10.51095 -4.17374  1.000 20.37933 ? 31  GLU A N   1 
ATOM   252  C  CA  . GLU A 1 32  ? -11.43991 -10.59816 -2.93527  1.000 21.62260 ? 31  GLU A CA  1 
ATOM   253  C  C   . GLU A 1 32  ? -12.47804 -9.49279  -2.84734  1.000 23.25904 ? 31  GLU A C   1 
ATOM   254  O  O   . GLU A 1 32  ? -13.53512 -9.68202  -2.23680  1.000 25.62142 ? 31  GLU A O   1 
ATOM   255  C  CB  . GLU A 1 32  ? -10.51994 -10.51871 -1.72173  1.000 18.18177 ? 31  GLU A CB  1 
ATOM   256  C  CG  . GLU A 1 32  ? -9.63492  -11.72178 -1.53320  1.000 20.56579 ? 31  GLU A CG  1 
ATOM   257  C  CD  . GLU A 1 32  ? -10.37295 -12.88712 -0.88875  1.000 30.05589 ? 31  GLU A CD  1 
ATOM   258  O  OE1 . GLU A 1 32  ? -10.85418 -12.73992 0.26034   1.000 34.35948 ? 31  GLU A OE1 1 
ATOM   259  O  OE2 . GLU A 1 32  ? -10.46916 -13.94238 -1.54325  1.000 30.48734 ? 31  GLU A OE2 1 
ATOM   260  N  N   . GLU A 1 33  ? -12.18761 -8.33023  -3.42952  1.000 19.47469 ? 32  GLU A N   1 
ATOM   261  C  CA  . GLU A 1 33  ? -13.14194 -7.23095  -3.47942  1.000 20.06952 ? 32  GLU A CA  1 
ATOM   262  C  C   . GLU A 1 33  ? -14.15202 -7.38824  -4.60681  1.000 25.49087 ? 32  GLU A C   1 
ATOM   263  O  O   . GLU A 1 33  ? -14.95836 -6.47843  -4.82205  1.000 26.16038 ? 32  GLU A O   1 
ATOM   264  C  CB  . GLU A 1 33  ? -12.40384 -5.90471  -3.63520  1.000 19.20307 ? 32  GLU A CB  1 
ATOM   265  C  CG  . GLU A 1 33  ? -11.66183 -5.45798  -2.39000  1.000 17.39529 ? 32  GLU A CG  1 
ATOM   266  C  CD  . GLU A 1 33  ? -12.60849 -5.12365  -1.25016  1.000 21.07899 ? 32  GLU A CD  1 
ATOM   267  O  OE1 . GLU A 1 33  ? -13.42450 -4.19847  -1.40977  1.000 18.99355 ? 32  GLU A OE1 1 
ATOM   268  O  OE2 . GLU A 1 33  ? -12.53013 -5.76873  -0.18852  1.000 22.20454 ? 32  GLU A OE2 1 
ATOM   269  N  N   . HIS A 1 34  ? -14.09955 -8.50331  -5.33884  1.000 24.63651 ? 33  HIS A N   1 
ATOM   270  C  CA  . HIS A 1 34  ? -15.07193 -8.82922  -6.38619  1.000 27.44984 ? 33  HIS A CA  1 
ATOM   271  C  C   . HIS A 1 34  ? -15.12787 -7.76836  -7.47509  1.000 29.96289 ? 33  HIS A C   1 
ATOM   272  O  O   . HIS A 1 34  ? -16.17126 -7.55106  -8.09543  1.000 32.44983 ? 33  HIS A O   1 
ATOM   273  C  CB  . HIS A 1 34  ? -16.46138 -9.07162  -5.79235  1.000 30.05753 ? 33  HIS A CB  1 
ATOM   274  C  CG  . HIS A 1 34  ? -16.52878 -10.29563 -4.93704  1.000 30.64634 ? 33  HIS A CG  1 
ATOM   275  N  ND1 . HIS A 1 34  ? -16.54184 -10.24631 -3.56167  1.000 32.73232 ? 33  HIS A ND1 1 
ATOM   276  C  CD2 . HIS A 1 34  ? -16.52879 -11.60952 -5.26638  1.000 39.21669 ? 33  HIS A CD2 1 
ATOM   277  C  CE1 . HIS A 1 34  ? -16.58460 -11.47536 -3.07933  1.000 36.25497 ? 33  HIS A CE1 1 
ATOM   278  N  NE2 . HIS A 1 34  ? -16.57185 -12.32194 -4.09333  1.000 41.79002 ? 33  HIS A NE2 1 
ATOM   279  N  N   . ILE A 1 35  ? -14.00333 -7.10199  -7.71374  1.000 27.87645 ? 34  ILE A N   1 
ATOM   280  C  CA  . ILE A 1 35  ? -13.88625 -6.14989  -8.80941  1.000 27.35644 ? 34  ILE A CA  1 
ATOM   281  C  C   . ILE A 1 35  ? -13.60174 -6.96793  -10.06223 1.000 32.43333 ? 34  ILE A C   1 
ATOM   282  O  O   . ILE A 1 35  ? -12.51884 -7.53962  -10.20514 1.000 27.44635 ? 34  ILE A O   1 
ATOM   283  C  CB  . ILE A 1 35  ? -12.78550 -5.11806  -8.54215  1.000 25.80626 ? 34  ILE A CB  1 
ATOM   284  C  CG1 . ILE A 1 35  ? -13.09835 -4.33058  -7.26564  1.000 27.65955 ? 34  ILE A CG1 1 
ATOM   285  C  CG2 . ILE A 1 35  ? -12.64848 -4.15269  -9.70751  1.000 28.98350 ? 34  ILE A CG2 1 
ATOM   286  C  CD1 . ILE A 1 35  ? -11.91358 -3.56734  -6.73165  1.000 26.33287 ? 34  ILE A CD1 1 
ATOM   287  N  N   . GLU A 1 36  ? -14.59572 -7.06655  -10.94599 1.000 34.93182 ? 35  GLU A N   1 
ATOM   288  C  CA  . GLU A 1 36  ? -14.48037 -7.87633  -12.15303 1.000 41.10975 ? 35  GLU A CA  1 
ATOM   289  C  C   . GLU A 1 36  ? -13.88097 -7.10444  -13.31864 1.000 38.32036 ? 35  GLU A C   1 
ATOM   290  O  O   . GLU A 1 36  ? -13.24455 -7.70758  -14.19067 1.000 42.86737 ? 35  GLU A O   1 
ATOM   291  C  CB  . GLU A 1 36  ? -15.85703 -8.41916  -12.55823 1.000 45.69181 ? 35  GLU A CB  1 
ATOM   292  C  CG  . GLU A 1 36  ? -16.42941 -9.46954  -11.61314 1.000 47.22385 ? 35  GLU A CG  1 
ATOM   293  C  CD  . GLU A 1 36  ? -15.48491 -10.63618 -11.38204 1.000 52.48373 ? 35  GLU A CD  1 
ATOM   294  O  OE1 . GLU A 1 36  ? -14.71102 -10.97832 -12.30419 1.000 57.76127 ? 35  GLU A OE1 1 
ATOM   295  O  OE2 . GLU A 1 36  ? -15.51630 -11.21227 -10.27310 1.000 56.89806 ? 35  GLU A OE2 1 
ATOM   296  N  N   . ASP A 1 37  ? -14.05602 -5.78618  -13.33640 1.000 36.43894 ? 36  ASP A N   1 
ATOM   297  C  CA  . ASP A 1 37  ? -13.53574 -4.94518  -14.40093 1.000 39.14306 ? 36  ASP A CA  1 
ATOM   298  C  C   . ASP A 1 37  ? -12.01148 -4.91487  -14.39025 1.000 36.59094 ? 36  ASP A C   1 
ATOM   299  O  O   . ASP A 1 37  ? -11.36091 -5.20042  -13.38290 1.000 33.04698 ? 36  ASP A O   1 
ATOM   300  C  CB  . ASP A 1 37  ? -14.05574 -3.51941  -14.25145 1.000 36.66671 ? 36  ASP A CB  1 
ATOM   301  C  CG  . ASP A 1 37  ? -15.48638 -3.47245  -13.78437 1.000 50.78167 ? 36  ASP A CG  1 
ATOM   302  O  OD1 . ASP A 1 37  ? -16.38238 -3.33204  -14.64604 1.000 50.52122 ? 36  ASP A OD1 1 
ATOM   303  O  OD2 . ASP A 1 37  ? -15.71052 -3.58214  -12.55614 1.000 52.10405 ? 36  ASP A OD2 1 
ATOM   304  N  N   . ASP A 1 38  ? -11.44648 -4.54395  -15.53660 1.000 34.52568 ? 37  ASP A N   1 
ATOM   305  C  CA  . ASP A 1 38  ? -10.02268 -4.25518  -15.61558 1.000 31.97746 ? 37  ASP A CA  1 
ATOM   306  C  C   . ASP A 1 38  ? -9.69698  -3.02535  -14.77740 1.000 28.32565 ? 37  ASP A C   1 
ATOM   307  O  O   . ASP A 1 38  ? -10.42904 -2.02963  -14.78761 1.000 27.85478 ? 37  ASP A O   1 
ATOM   308  C  CB  . ASP A 1 38  ? -9.60444  -4.01391  -17.06531 1.000 35.85971 ? 37  ASP A CB  1 
ATOM   309  C  CG  . ASP A 1 38  ? -9.74690  -5.25230  -17.92976 1.000 42.72452 ? 37  ASP A CG  1 
ATOM   310  O  OD1 . ASP A 1 38  ? -9.73404  -6.37880  -17.38000 1.000 40.61313 ? 37  ASP A OD1 1 
ATOM   311  O  OD2 . ASP A 1 38  ? -9.85670  -5.09299  -19.16437 1.000 42.21879 ? 37  ASP A OD2 1 
ATOM   312  N  N   . ALA A 1 39  ? -8.59665  -3.09232  -14.04217 1.000 27.07089 ? 38  ALA A N   1 
ATOM   313  C  CA  . ALA A 1 39  ? -8.18031  -1.96167  -13.23144 1.000 23.62956 ? 38  ALA A CA  1 
ATOM   314  C  C   . ALA A 1 39  ? -6.69677  -1.69819  -13.43488 1.000 19.12361 ? 38  ALA A C   1 
ATOM   315  O  O   . ALA A 1 39  ? -5.92518  -2.59903  -13.76832 1.000 20.87591 ? 38  ALA A O   1 
ATOM   316  C  CB  . ALA A 1 39  ? -8.48384  -2.19239  -11.73703 1.000 20.39538 ? 38  ALA A CB  1 
ATOM   317  N  N   . GLU A 1 40  ? -6.30731  -0.44377  -13.22790 1.000 19.61678 ? 39  GLU A N   1 
ATOM   318  C  CA  . GLU A 1 40  ? -4.91179  -0.05422  -13.31360 1.000 18.88743 ? 39  GLU A CA  1 
ATOM   319  C  C   . GLU A 1 40  ? -4.58842  0.94273   -12.20988 1.000 15.75992 ? 39  GLU A C   1 
ATOM   320  O  O   . GLU A 1 40  ? -5.44527  1.70717   -11.76290 1.000 17.30432 ? 39  GLU A O   1 
ATOM   321  C  CB  . GLU A 1 40  ? -4.56385  0.52986   -14.69823 1.000 23.60437 ? 39  GLU A CB  1 
ATOM   322  C  CG  . GLU A 1 40  ? -4.58899  2.05205   -14.78330 1.000 27.18346 ? 39  GLU A CG  1 
ATOM   323  C  CD  . GLU A 1 40  ? -4.12411  2.58232   -16.14659 1.000 37.00899 ? 39  GLU A CD  1 
ATOM   324  O  OE1 . GLU A 1 40  ? -3.26081  3.49436   -16.15978 1.000 31.55305 ? 39  GLU A OE1 1 
ATOM   325  O  OE2 . GLU A 1 40  ? -4.57814  2.04987   -17.19319 1.000 31.34579 ? 39  GLU A OE2 1 
ATOM   326  N  N   . LEU A 1 41  ? -3.33125  0.92772   -11.78643 1.000 13.80518 ? 40  LEU A N   1 
ATOM   327  C  CA  . LEU A 1 41  ? -2.87792  1.83746   -10.74746 1.000 15.10136 ? 40  LEU A CA  1 
ATOM   328  C  C   . LEU A 1 41  ? -1.37261  1.97468   -10.87048 1.000 13.32718 ? 40  LEU A C   1 
ATOM   329  O  O   . LEU A 1 41  ? -0.71830  1.22976   -11.60490 1.000 12.82333 ? 40  LEU A O   1 
ATOM   330  C  CB  . LEU A 1 41  ? -3.32983  1.33675   -9.37250  1.000 16.77462 ? 40  LEU A CB  1 
ATOM   331  C  CG  . LEU A 1 41  ? -2.69233  0.17615   -8.60177  1.000 17.42425 ? 40  LEU A CG  1 
ATOM   332  C  CD1 . LEU A 1 41  ? -1.38486  0.53330   -8.00604  1.000 19.80150 ? 40  LEU A CD1 1 
ATOM   333  C  CD2 . LEU A 1 41  ? -3.62546  -0.25660  -7.48630  1.000 25.15339 ? 40  LEU A CD2 1 
ATOM   334  N  N   . SER A 1 42  ? -0.81859  2.93832   -10.13881 1.000 11.48534 ? 41  SER A N   1 
ATOM   335  C  CA  . SER A 1 42  ? 0.62596   3.08614   -10.10654 1.000 10.06422 ? 41  SER A CA  1 
ATOM   336  C  C   . SER A 1 42  ? 1.12413   3.08790   -8.66619  1.000 14.51396 ? 41  SER A C   1 
ATOM   337  O  O   . SER A 1 42  ? 0.44555   3.58364   -7.75719  1.000 11.24348 ? 41  SER A O   1 
ATOM   338  C  CB  . SER A 1 42  ? 1.06437   4.36220   -10.84557 1.000 16.02845 ? 41  SER A CB  1 
ATOM   339  O  OG  . SER A 1 42  ? 0.97108   5.48784   -10.00028 1.000 23.02229 ? 41  SER A OG  1 
ATOM   340  N  N   . VAL A 1 43  ? 2.30287   2.50190   -8.47156  1.000 12.23887 ? 42  VAL A N   1 
ATOM   341  C  CA  . VAL A 1 43  ? 2.98588   2.44149   -7.18188  1.000 11.94356 ? 42  VAL A CA  1 
ATOM   342  C  C   . VAL A 1 43  ? 4.39400   2.96193   -7.40579  1.000 13.39444 ? 42  VAL A C   1 
ATOM   343  O  O   . VAL A 1 43  ? 5.09749   2.47567   -8.29676  1.000 12.72301 ? 42  VAL A O   1 
ATOM   344  C  CB  . VAL A 1 43  ? 3.02956   1.00939   -6.61257  1.000 10.36447 ? 42  VAL A CB  1 
ATOM   345  C  CG1 . VAL A 1 43  ? 3.78515   0.97916   -5.27521  1.000 10.74480 ? 42  VAL A CG1 1 
ATOM   346  C  CG2 . VAL A 1 43  ? 1.63791   0.44613   -6.43721  1.000 10.92288 ? 42  VAL A CG2 1 
ATOM   347  N  N   . THR A 1 44  ? 4.80389   3.95570   -6.61488  1.000 8.42542  ? 43  THR A N   1 
ATOM   348  C  CA  . THR A 1 44  ? 6.11294   4.56784   -6.75925  1.000 8.66993  ? 43  THR A CA  1 
ATOM   349  C  C   . THR A 1 44  ? 6.81958   4.55127   -5.41583  1.000 10.88381 ? 43  THR A C   1 
ATOM   350  O  O   . THR A 1 44  ? 6.23692   4.96284   -4.40800  1.000 8.51675  ? 43  THR A O   1 
ATOM   351  C  CB  . THR A 1 44  ? 5.98988   6.00686   -7.27137  1.000 13.34375 ? 43  THR A CB  1 
ATOM   352  O  OG1 . THR A 1 44  ? 5.32383   5.98493   -8.54139  1.000 13.74638 ? 43  THR A OG1 1 
ATOM   353  C  CG2 . THR A 1 44  ? 7.36488   6.67089   -7.40845  1.000 11.21289 ? 43  THR A CG2 1 
ATOM   354  N  N   . PHE A 1 45  ? 8.06681   4.08540   -5.41082  1.000 8.67243  ? 44  PHE A N   1 
ATOM   355  C  CA  . PHE A 1 45  ? 8.88590   4.03265   -4.20434  1.000 8.74050  ? 44  PHE A CA  1 
ATOM   356  C  C   . PHE A 1 45  ? 9.89291   5.17421   -4.21806  1.000 9.98347  ? 44  PHE A C   1 
ATOM   357  O  O   . PHE A 1 45  ? 10.61384  5.35897   -5.20371  1.000 9.64251  ? 44  PHE A O   1 
ATOM   358  C  CB  . PHE A 1 45  ? 9.60923   2.68919   -4.10681  1.000 6.45829  ? 44  PHE A CB  1 
ATOM   359  C  CG  . PHE A 1 45  ? 8.67556   1.51051   -4.15767  1.000 8.91225  ? 44  PHE A CG  1 
ATOM   360  C  CD1 . PHE A 1 45  ? 7.97035   1.11597   -3.02493  1.000 5.95870  ? 44  PHE A CD1 1 
ATOM   361  C  CD2 . PHE A 1 45  ? 8.48110   0.81538   -5.35170  1.000 10.81953 ? 44  PHE A CD2 1 
ATOM   362  C  CE1 . PHE A 1 45  ? 7.09831   0.03885   -3.06248  1.000 10.16556 ? 44  PHE A CE1 1 
ATOM   363  C  CE2 . PHE A 1 45  ? 7.61092   -0.26041  -5.40790  1.000 12.54935 ? 44  PHE A CE2 1 
ATOM   364  C  CZ  . PHE A 1 45  ? 6.90993   -0.65898  -4.25716  1.000 11.25033 ? 44  PHE A CZ  1 
ATOM   365  N  N   . VAL A 1 46  ? 9.97403   5.91773   -3.10527  1.000 9.85937  ? 45  VAL A N   1 
ATOM   366  C  CA  . VAL A 1 46  ? 10.79857  7.11721   -3.04880  1.000 10.54656 ? 45  VAL A CA  1 
ATOM   367  C  C   . VAL A 1 46  ? 11.50989  7.15685   -1.70160  1.000 14.32453 ? 45  VAL A C   1 
ATOM   368  O  O   . VAL A 1 46  ? 11.11934  6.47584   -0.75229  1.000 10.65714 ? 45  VAL A O   1 
ATOM   369  C  CB  . VAL A 1 46  ? 9.97221   8.41218   -3.23694  1.000 11.26206 ? 45  VAL A CB  1 
ATOM   370  C  CG1 . VAL A 1 46  ? 9.17579   8.39626   -4.54225  1.000 11.40911 ? 45  VAL A CG1 1 
ATOM   371  C  CG2 . VAL A 1 46  ? 9.03192   8.63771   -2.03857  1.000 10.96055 ? 45  VAL A CG2 1 
ATOM   372  N  N   . ASP A 1 47  ? 12.56651  7.97381   -1.61818  1.000 14.79642 ? 46  ASP A N   1 
ATOM   373  C  CA  . ASP A 1 47  ? 13.28280  8.06309   -0.35005  1.000 15.84524 ? 46  ASP A CA  1 
ATOM   374  C  C   . ASP A 1 47  ? 12.66742  9.14054   0.54061   1.000 15.37501 ? 46  ASP A C   1 
ATOM   375  O  O   . ASP A 1 47  ? 11.71217  9.81222   0.17014   1.000 14.98438 ? 46  ASP A O   1 
ATOM   376  C  CB  . ASP A 1 47  ? 14.77791  8.28123   -0.58020  1.000 15.39065 ? 46  ASP A CB  1 
ATOM   377  C  CG  . ASP A 1 47  ? 15.11473  9.62691   -1.22260  1.000 19.60084 ? 46  ASP A CG  1 
ATOM   378  O  OD1 . ASP A 1 47  ? 14.26658  10.53871  -1.29990  1.000 20.05124 ? 46  ASP A OD1 1 
ATOM   379  O  OD2 . ASP A 1 47  ? 16.28099  9.75802   -1.64068  1.000 21.89074 ? 46  ASP A OD2 1 
ATOM   380  N  N   . LYS A 1 48  ? 13.20730  9.28966   1.75522   1.000 13.04636 ? 47  LYS A N   1 
ATOM   381  C  CA  . LYS A 1 48  ? 12.57199  10.16591  2.73243   1.000 16.64027 ? 47  LYS A CA  1 
ATOM   382  C  C   . LYS A 1 48  ? 12.60817  11.63660  2.30806   1.000 15.01533 ? 47  LYS A C   1 
ATOM   383  O  O   . LYS A 1 48  ? 11.68754  12.39165  2.63196   1.000 16.45831 ? 47  LYS A O   1 
ATOM   384  C  CB  . LYS A 1 48  ? 13.24065  9.97811   4.08892   1.000 17.57511 ? 47  LYS A CB  1 
ATOM   385  C  CG  . LYS A 1 48  ? 14.55503  10.67258  4.20030   1.000 22.55513 ? 47  LYS A CG  1 
ATOM   386  C  CD  . LYS A 1 48  ? 15.26060  10.40094  5.49665   1.000 23.36004 ? 47  LYS A CD  1 
ATOM   387  C  CE  . LYS A 1 48  ? 16.55318  11.20553  5.51727   1.000 30.85180 ? 47  LYS A CE  1 
ATOM   388  N  NZ  . LYS A 1 48  ? 17.69595  10.32926  5.87896   1.000 33.30447 ? 47  LYS A NZ  1 
ATOM   389  N  N   . GLN A 1 49  ? 13.64635  12.05872  1.59379   1.000 17.61045 ? 48  GLN A N   1 
ATOM   390  C  CA  . GLN A 1 49  ? 13.68226  13.43411  1.10974   1.000 20.52617 ? 48  GLN A CA  1 
ATOM   391  C  C   . GLN A 1 49  ? 12.54903  13.68297  0.12202   1.000 20.72980 ? 48  GLN A C   1 
ATOM   392  O  O   . GLN A 1 49  ? 11.82035  14.67738  0.23032   1.000 15.98548 ? 48  GLN A O   1 
ATOM   393  C  CB  . GLN A 1 49  ? 15.03928  13.72603  0.47280   1.000 22.46760 ? 48  GLN A CB  1 
ATOM   394  C  CG  . GLN A 1 49  ? 15.13586  15.13187  -0.12793  1.000 30.85338 ? 48  GLN A CG  1 
ATOM   395  C  CD  . GLN A 1 49  ? 16.53007  15.46113  -0.61805  1.000 37.02199 ? 48  GLN A CD  1 
ATOM   396  O  OE1 . GLN A 1 49  ? 16.99140  14.92942  -1.63108  1.000 40.75655 ? 48  GLN A OE1 1 
ATOM   397  N  NE2 . GLN A 1 49  ? 17.20777  16.34936  0.09475   1.000 47.51291 ? 48  GLN A NE2 1 
ATOM   398  N  N   . GLU A 1 50  ? 12.33816  12.74875  -0.80305  1.000 19.54812 ? 49  GLU A N   1 
ATOM   399  C  CA  . GLU A 1 50  ? 11.31417  12.94449  -1.81947  1.000 18.32643 ? 49  GLU A CA  1 
ATOM   400  C  C   . GLU A 1 50  ? 9.90386   12.82335  -1.24318  1.000 15.96527 ? 49  GLU A C   1 
ATOM   401  O  O   . GLU A 1 50  ? 9.00669   13.56323  -1.66247  1.000 19.01338 ? 49  GLU A O   1 
ATOM   402  C  CB  . GLU A 1 50  ? 11.51524  11.95620  -2.96787  1.000 17.30221 ? 49  GLU A CB  1 
ATOM   403  C  CG  . GLU A 1 50  ? 10.41483  12.06140  -4.02409  1.000 20.61756 ? 49  GLU A CG  1 
ATOM   404  C  CD  . GLU A 1 50  ? 10.81279  11.50422  -5.38603  1.000 22.53884 ? 49  GLU A CD  1 
ATOM   405  O  OE1 . GLU A 1 50  ? 11.79578  10.72422  -5.47516  1.000 21.27157 ? 49  GLU A OE1 1 
ATOM   406  O  OE2 . GLU A 1 50  ? 10.14380  11.88217  -6.37354  1.000 26.58201 ? 49  GLU A OE2 1 
ATOM   407  N  N   . ILE A 1 51  ? 9.66391   11.88381  -0.31010  1.000 14.72687 ? 50  ILE A N   1 
ATOM   408  C  CA  . ILE A 1 51  ? 8.31625   11.77089  0.25414   1.000 13.11471 ? 50  ILE A CA  1 
ATOM   409  C  C   . ILE A 1 51  ? 7.95486   13.03584  1.01703   1.000 15.48325 ? 50  ILE A C   1 
ATOM   410  O  O   . ILE A 1 51  ? 6.79705   13.47008  1.00287   1.000 15.07293 ? 50  ILE A O   1 
ATOM   411  C  CB  . ILE A 1 51  ? 8.15376   10.51244  1.13836   1.000 14.28160 ? 50  ILE A CB  1 
ATOM   412  C  CG1 . ILE A 1 51  ? 6.67805   10.13119  1.26004   1.000 14.17171 ? 50  ILE A CG1 1 
ATOM   413  C  CG2 . ILE A 1 51  ? 8.64943   10.72414  2.56679   1.000 14.56985 ? 50  ILE A CG2 1 
ATOM   414  C  CD1 . ILE A 1 51  ? 6.12708   9.34718   0.07833   1.000 15.06279 ? 50  ILE A CD1 1 
ATOM   415  N  N   . GLN A 1 52  ? 8.93403   13.64564  1.69535   1.000 16.34951 ? 51  GLN A N   1 
ATOM   416  C  CA  . GLN A 1 52  ? 8.64424   14.87238  2.42462   1.000 18.03280 ? 51  GLN A CA  1 
ATOM   417  C  C   . GLN A 1 52  ? 8.27274   15.98292  1.45582   1.000 15.54618 ? 51  GLN A C   1 
ATOM   418  O  O   . GLN A 1 52  ? 7.32849   16.73133  1.70569   1.000 20.43295 ? 51  GLN A O   1 
ATOM   419  C  CB  . GLN A 1 52  ? 9.83618   15.28069  3.29799   1.000 18.17816 ? 51  GLN A CB  1 
ATOM   420  C  CG  . GLN A 1 52  ? 9.50037   16.42252  4.29037   1.000 19.47828 ? 51  GLN A CG  1 
ATOM   421  C  CD  . GLN A 1 52  ? 10.68999  16.88366  5.13893   1.000 23.32667 ? 51  GLN A CD  1 
ATOM   422  O  OE1 . GLN A 1 52  ? 11.65307  16.14235  5.35972   1.000 23.45027 ? 51  GLN A OE1 1 
ATOM   423  N  NE2 . GLN A 1 52  ? 10.60727  18.11583  5.63743   1.000 23.61860 ? 51  GLN A NE2 1 
ATOM   424  N  N   . GLU A 1 53  ? 8.99900   16.08986  0.33707   1.000 18.84242 ? 52  GLU A N   1 
ATOM   425  C  CA  . GLU A 1 53  ? 8.67933   17.11206  -0.65850  1.000 23.35693 ? 52  GLU A CA  1 
ATOM   426  C  C   . GLU A 1 53  ? 7.29753   16.88348  -1.26105  1.000 25.47338 ? 52  GLU A C   1 
ATOM   427  O  O   . GLU A 1 53  ? 6.53328   17.83507  -1.44891  1.000 22.82484 ? 52  GLU A O   1 
ATOM   428  C  CB  . GLU A 1 53  ? 9.74170   17.12725  -1.75110  1.000 25.96089 ? 52  GLU A CB  1 
ATOM   429  C  CG  . GLU A 1 53  ? 10.63056  18.34777  -1.71856  1.000 41.74257 ? 52  GLU A CG  1 
ATOM   430  C  CD  . GLU A 1 53  ? 9.86347   19.62532  -1.41320  1.000 44.22931 ? 52  GLU A CD  1 
ATOM   431  O  OE1 . GLU A 1 53  ? 9.00371   20.02012  -2.23717  1.000 46.31664 ? 52  GLU A OE1 1 
ATOM   432  O  OE2 . GLU A 1 53  ? 10.09857  20.22848  -0.33967  1.000 39.35907 ? 52  GLU A OE2 1 
ATOM   433  N  N   . ILE A 1 54  ? 6.95724   15.62642  -1.57168  1.000 20.64157 ? 53  ILE A N   1 
ATOM   434  C  CA  . ILE A 1 54  ? 5.62489   15.31129  -2.08849  1.000 20.81148 ? 53  ILE A CA  1 
ATOM   435  C  C   . ILE A 1 54  ? 4.55826   15.62164  -1.04594  1.000 20.97910 ? 53  ILE A C   1 
ATOM   436  O  O   . ILE A 1 54  ? 3.50120   16.19208  -1.35558  1.000 24.92149 ? 53  ILE A O   1 
ATOM   437  C  CB  . ILE A 1 54  ? 5.55360   13.83430  -2.52189  1.000 20.26791 ? 53  ILE A CB  1 
ATOM   438  C  CG1 . ILE A 1 54  ? 6.44153   13.58127  -3.73898  1.000 19.71540 ? 53  ILE A CG1 1 
ATOM   439  C  CG2 . ILE A 1 54  ? 4.10468   13.41378  -2.74716  1.000 19.51168 ? 53  ILE A CG2 1 
ATOM   440  C  CD1 . ILE A 1 54  ? 6.83062   12.11082  -3.92234  1.000 18.41755 ? 53  ILE A CD1 1 
ATOM   441  N  N   . ASN A 1 55  ? 4.80098   15.21718  0.20218   1.000 17.51653 ? 54  ASN A N   1 
ATOM   442  C  CA  . ASN A 1 55  ? 3.84820   15.50001  1.26427   1.000 16.35270 ? 54  ASN A CA  1 
ATOM   443  C  C   . ASN A 1 55  ? 3.65654   17.00582  1.42844   1.000 20.58494 ? 54  ASN A C   1 
ATOM   444  O  O   . ASN A 1 55  ? 2.54107   17.47034  1.67689   1.000 21.76206 ? 54  ASN A O   1 
ATOM   445  C  CB  . ASN A 1 55  ? 4.33204   14.88033  2.58277   1.000 16.67545 ? 54  ASN A CB  1 
ATOM   446  C  CG  . ASN A 1 55  ? 3.20624   14.36716  3.44315   1.000 18.79888 ? 54  ASN A CG  1 
ATOM   447  O  OD1 . ASN A 1 55  ? 2.05685   14.27334  3.00461   1.000 21.13627 ? 54  ASN A OD1 1 
ATOM   448  N  ND2 . ASN A 1 55  ? 3.52722   14.02354  4.68868   1.000 17.99074 ? 54  ASN A ND2 1 
ATOM   449  N  N   . ARG A 1 56  ? 4.73965   17.77728  1.29888   1.000 22.90807 ? 55  ARG A N   1 
ATOM   450  C  CA  . ARG A 1 56  ? 4.64272   19.23013  1.44913   1.000 26.63708 ? 55  ARG A CA  1 
ATOM   451  C  C   . ARG A 1 56  ? 3.76597   19.83310  0.35624   1.000 27.65689 ? 55  ARG A C   1 
ATOM   452  O  O   . ARG A 1 56  ? 2.77171   20.51076  0.63588   1.000 33.14071 ? 55  ARG A O   1 
ATOM   453  C  CB  . ARG A 1 56  ? 6.03291   19.87289  1.40675   1.000 27.87023 ? 55  ARG A CB  1 
ATOM   454  C  CG  . ARG A 1 56  ? 6.05855   21.27096  2.03972   1.000 31.56157 ? 55  ARG A CG  1 
ATOM   455  C  CD  . ARG A 1 56  ? 7.31996   22.08197  1.73933   1.000 36.18987 ? 55  ARG A CD  1 
ATOM   456  N  NE  . ARG A 1 56  ? 7.94272   21.76014  0.46157   1.000 39.49867 ? 55  ARG A NE  1 
ATOM   457  C  CZ  . ARG A 1 56  ? 7.95215   22.58878  -0.57725  1.000 44.38652 ? 55  ARG A CZ  1 
ATOM   458  N  NH1 . ARG A 1 56  ? 7.34588   23.76351  -0.53121  1.000 44.33750 ? 55  ARG A NH1 1 
ATOM   459  N  NH2 . ARG A 1 56  ? 8.57554   22.22774  -1.69431  1.000 48.23580 ? 55  ARG A NH2 1 
ATOM   460  N  N   . THR A 1 57  ? 4.12060   19.58788  -0.90527  1.000 29.08285 ? 56  THR A N   1 
ATOM   461  C  CA  . THR A 1 57  ? 3.46272   20.30149  -1.99505  1.000 32.49435 ? 56  THR A CA  1 
ATOM   462  C  C   . THR A 1 57  ? 2.07404   19.75791  -2.31308  1.000 35.34932 ? 56  THR A C   1 
ATOM   463  O  O   . THR A 1 57  ? 1.21642   20.52073  -2.77335  1.000 30.97226 ? 56  THR A O   1 
ATOM   464  C  CB  . THR A 1 57  ? 4.34930   20.29453  -3.24305  1.000 31.49444 ? 56  THR A CB  1 
ATOM   465  O  OG1 . THR A 1 57  ? 4.20741   19.05593  -3.93619  1.000 41.65899 ? 56  THR A OG1 1 
ATOM   466  C  CG2 . THR A 1 57  ? 5.79759   20.48480  -2.87174  1.000 32.82775 ? 56  THR A CG2 1 
ATOM   467  N  N   . TYR A 1 58  ? 1.80634   18.47506  -2.05459  1.000 25.51568 ? 57  TYR A N   1 
ATOM   468  C  CA  . TYR A 1 58  ? 0.51037   17.90553  -2.41098  1.000 28.44885 ? 57  TYR A CA  1 
ATOM   469  C  C   . TYR A 1 58  ? -0.45611  17.77543  -1.24857  1.000 29.67617 ? 57  TYR A C   1 
ATOM   470  O  O   . TYR A 1 58  ? -1.66591  17.69074  -1.48113  1.000 28.19626 ? 57  TYR A O   1 
ATOM   471  C  CB  . TYR A 1 58  ? 0.67784   16.52096  -3.05426  1.000 28.96932 ? 57  TYR A CB  1 
ATOM   472  C  CG  . TYR A 1 58  ? 1.16329   16.59551  -4.46580  1.000 28.33888 ? 57  TYR A CG  1 
ATOM   473  C  CD1 . TYR A 1 58  ? 2.51288   16.74407  -4.75242  1.000 30.72689 ? 57  TYR A CD1 1 
ATOM   474  C  CD2 . TYR A 1 58  ? 0.26603   16.56884  -5.52386  1.000 38.97683 ? 57  TYR A CD2 1 
ATOM   475  C  CE1 . TYR A 1 58  ? 2.95991   16.83048  -6.05271  1.000 34.22662 ? 57  TYR A CE1 1 
ATOM   476  C  CE2 . TYR A 1 58  ? 0.70252   16.65621  -6.82382  1.000 39.31533 ? 57  TYR A CE2 1 
ATOM   477  C  CZ  . TYR A 1 58  ? 2.04383   16.79172  -7.08453  1.000 38.50799 ? 57  TYR A CZ  1 
ATOM   478  O  OH  . TYR A 1 58  ? 2.46643   16.87513  -8.38808  1.000 48.93412 ? 57  TYR A OH  1 
ATOM   479  N  N   . ARG A 1 59  ? 0.03861   17.73773  -0.01512  1.000 26.21590 ? 58  ARG A N   1 
ATOM   480  C  CA  . ARG A 1 59  ? -0.80512  17.54599  1.15014   1.000 21.63147 ? 58  ARG A CA  1 
ATOM   481  C  C   . ARG A 1 59  ? -0.62688  18.65376  2.18520   1.000 26.09257 ? 58  ARG A C   1 
ATOM   482  O  O   . ARG A 1 59  ? -1.27598  18.60355  3.23347   1.000 30.40865 ? 58  ARG A O   1 
ATOM   483  C  CB  . ARG A 1 59  ? -0.50982  16.17458  1.78995   1.000 29.26141 ? 58  ARG A CB  1 
ATOM   484  C  CG  . ARG A 1 59  ? -0.96515  14.94718  0.95922   1.000 24.91679 ? 58  ARG A CG  1 
ATOM   485  C  CD  . ARG A 1 59  ? -2.40059  14.58192  1.29886   1.000 27.77907 ? 58  ARG A CD  1 
ATOM   486  N  NE  . ARG A 1 59  ? -2.92729  13.42299  0.58267   1.000 30.94409 ? 58  ARG A NE  1 
ATOM   487  C  CZ  . ARG A 1 59  ? -2.88831  12.16206  1.00700   1.000 30.71759 ? 58  ARG A CZ  1 
ATOM   488  N  NH1 . ARG A 1 59  ? -2.20986  11.80412  2.09698   1.000 20.11617 ? 58  ARG A NH1 1 
ATOM   489  N  NH2 . ARG A 1 59  ? -3.56818  11.23418  0.33359   1.000 30.11769 ? 58  ARG A NH2 1 
ATOM   490  N  N   . ASP A 1 60  ? 0.23137   19.64366  1.91991   1.000 29.91637 ? 59  ASP A N   1 
ATOM   491  C  CA  . ASP A 1 60  ? 0.54309   20.71425  2.87988   1.000 31.06797 ? 59  ASP A CA  1 
ATOM   492  C  C   . ASP A 1 60  ? 0.93913   20.14167  4.23576   1.000 32.51133 ? 59  ASP A C   1 
ATOM   493  O  O   . ASP A 1 60  ? 0.50557   20.61215  5.29339   1.000 28.46512 ? 59  ASP A O   1 
ATOM   494  C  CB  . ASP A 1 60  ? -0.61837  21.69678  3.01115   1.000 34.94672 ? 59  ASP A CB  1 
ATOM   495  C  CG  . ASP A 1 60  ? -1.21332  22.05517  1.66798   1.000 41.60069 ? 59  ASP A CG  1 
ATOM   496  O  OD1 . ASP A 1 60  ? -0.42083  22.40231  0.76211   1.000 46.45019 ? 59  ASP A OD1 1 
ATOM   497  O  OD2 . ASP A 1 60  ? -2.45225  21.96511  1.50718   1.000 43.82994 ? 59  ASP A OD2 1 
ATOM   498  N  N   . LYS A 1 61  ? 1.77197   19.10263  4.19498   1.000 27.02339 ? 60  LYS A N   1 
ATOM   499  C  CA  . LYS A 1 61  ? 2.30810   18.46321  5.39277   1.000 23.39222 ? 60  LYS A CA  1 
ATOM   500  C  C   . LYS A 1 61  ? 3.80555   18.33632  5.13558   1.000 27.45000 ? 60  LYS A C   1 
ATOM   501  O  O   . LYS A 1 61  ? 4.24443   17.52023  4.32009   1.000 22.32360 ? 60  LYS A O   1 
ATOM   502  C  CB  . LYS A 1 61  ? 1.62019   17.12855  5.63982   1.000 27.50820 ? 60  LYS A CB  1 
ATOM   503  C  CG  . LYS A 1 61  ? 0.35441   17.24509  6.47872   1.000 31.37938 ? 60  LYS A CG  1 
ATOM   504  C  CD  . LYS A 1 61  ? -0.08941  15.91854  7.06142   1.000 32.50002 ? 60  LYS A CD  1 
ATOM   505  C  CE  . LYS A 1 61  ? -0.47998  14.95796  5.93895   1.000 32.41409 ? 60  LYS A CE  1 
ATOM   506  N  NZ  . LYS A 1 61  ? -1.04312  13.64743  6.40201   1.000 29.27323 ? 60  LYS A NZ  1 
ATOM   507  N  N   . ASP A 1 62  ? 4.59617   19.19053  5.78343   1.000 22.65716 ? 61  ASP A N   1 
ATOM   508  C  CA  . ASP A 1 62  ? 6.03582   19.23299  5.53295   1.000 26.74730 ? 61  ASP A CA  1 
ATOM   509  C  C   . ASP A 1 62  ? 6.70332   18.16521  6.39798   1.000 27.71468 ? 61  ASP A C   1 
ATOM   510  O  O   . ASP A 1 62  ? 7.41209   18.44313  7.36759   1.000 22.89235 ? 61  ASP A O   1 
ATOM   511  C  CB  . ASP A 1 62  ? 6.58812   20.62414  5.81571   1.000 31.45788 ? 61  ASP A CB  1 
ATOM   512  C  CG  . ASP A 1 62  ? 7.98430   20.83134  5.25629   1.000 37.58403 ? 61  ASP A CG  1 
ATOM   513  O  OD1 . ASP A 1 62  ? 8.50020   19.93751  4.54666   1.000 33.65091 ? 61  ASP A OD1 1 
ATOM   514  O  OD2 . ASP A 1 62  ? 8.57135   21.90294  5.52987   1.000 41.41643 ? 61  ASP A OD2 1 
ATOM   515  N  N   . LYS A 1 63  ? 6.45669   16.90926  6.03312   1.000 21.89011 ? 62  LYS A N   1 
ATOM   516  C  CA  . LYS A 1 63  ? 6.93910   15.84450  6.88947   1.000 21.03079 ? 62  LYS A CA  1 
ATOM   517  C  C   . LYS A 1 63  ? 7.03180   14.51379  6.15054   1.000 19.39190 ? 62  LYS A C   1 
ATOM   518  O  O   . LYS A 1 63  ? 6.32585   14.26009  5.16738   1.000 16.33440 ? 62  LYS A O   1 
ATOM   519  C  CB  . LYS A 1 63  ? 6.05915   15.73134  8.12875   1.000 22.69093 ? 62  LYS A CB  1 
ATOM   520  C  CG  . LYS A 1 63  ? 4.67024   15.25181  7.93660   1.000 25.89118 ? 62  LYS A CG  1 
ATOM   521  C  CD  . LYS A 1 63  ? 3.84327   15.83361  9.08276   1.000 31.26533 ? 62  LYS A CD  1 
ATOM   522  C  CE  . LYS A 1 63  ? 3.64438   14.86004  10.22445  1.000 37.49606 ? 62  LYS A CE  1 
ATOM   523  N  NZ  . LYS A 1 63  ? 2.44950   14.00276  9.98830   1.000 41.98087 ? 62  LYS A NZ  1 
ATOM   524  N  N   . VAL A 1 64  ? 7.94179   13.68383  6.64898   1.000 17.55225 ? 63  VAL A N   1 
ATOM   525  C  CA  . VAL A 1 64  ? 8.11885   12.32078  6.16443   1.000 18.40093 ? 63  VAL A CA  1 
ATOM   526  C  C   . VAL A 1 64  ? 6.89678   11.48815  6.54639   1.000 17.42338 ? 63  VAL A C   1 
ATOM   527  O  O   . VAL A 1 64  ? 6.23194   11.74641  7.55558   1.000 18.86949 ? 63  VAL A O   1 
ATOM   528  C  CB  . VAL A 1 64  ? 9.42526   11.75488  6.75906   1.000 15.68049 ? 63  VAL A CB  1 
ATOM   529  C  CG1 . VAL A 1 64  ? 9.61713   10.33501  6.40638   1.000 19.54107 ? 63  VAL A CG1 1 
ATOM   530  C  CG2 . VAL A 1 64  ? 10.62232  12.54381  6.25795   1.000 21.11957 ? 63  VAL A CG2 1 
ATOM   531  N  N   . THR A 1 65  ? 6.55388   10.50935  5.70419   1.000 14.33757 ? 64  THR A N   1 
ATOM   532  C  CA  . THR A 1 65  ? 5.46260   9.60064   6.01925   1.000 12.30437 ? 64  THR A CA  1 
ATOM   533  C  C   . THR A 1 65  ? 5.74370   8.28050   5.31391   1.000 11.22648 ? 64  THR A C   1 
ATOM   534  O  O   . THR A 1 65  ? 6.71296   8.16176   4.56470   1.000 10.80991 ? 64  THR A O   1 
ATOM   535  C  CB  . THR A 1 65  ? 4.09933   10.19496  5.63260   1.000 13.73585 ? 64  THR A CB  1 
ATOM   536  O  OG1 . THR A 1 65  ? 3.06423   9.38506   6.18652   1.000 16.94181 ? 64  THR A OG1 1 
ATOM   537  C  CG2 . THR A 1 65  ? 3.92370   10.26239  4.11445   1.000 12.64982 ? 64  THR A CG2 1 
ATOM   538  N  N   . ASP A 1 66  ? 4.91415   7.27701   5.58245   1.000 10.38518 ? 65  ASP A N   1 
ATOM   539  C  CA  . ASP A 1 66  ? 5.20745   5.97497   4.98038   1.000 10.73849 ? 65  ASP A CA  1 
ATOM   540  C  C   . ASP A 1 66  ? 4.51890   5.77339   3.63446   1.000 10.09884 ? 65  ASP A C   1 
ATOM   541  O  O   . ASP A 1 66  ? 5.12890   5.20334   2.72219   1.000 9.43772  ? 65  ASP A O   1 
ATOM   542  C  CB  . ASP A 1 66  ? 4.81280   4.82983   5.91994   1.000 11.86429 ? 65  ASP A CB  1 
ATOM   543  C  CG  . ASP A 1 66  ? 3.40665   4.95843   6.49445   1.000 18.96520 ? 65  ASP A CG  1 
ATOM   544  O  OD1 . ASP A 1 66  ? 2.68609   5.97310   6.27091   1.000 16.39557 ? 65  ASP A OD1 1 
ATOM   545  O  OD2 . ASP A 1 66  ? 3.01878   3.99279   7.19546   1.000 18.87567 ? 65  ASP A OD2 1 
ATOM   546  N  N   . VAL A 1 67  ? 3.26678   6.20916   3.49441   1.000 10.45638 ? 66  VAL A N   1 
ATOM   547  C  CA  . VAL A 1 67  ? 2.49960   5.98281   2.26265   1.000 8.65865  ? 66  VAL A CA  1 
ATOM   548  C  C   . VAL A 1 67  ? 1.56682   7.17057   2.04021   1.000 12.63377 ? 66  VAL A C   1 
ATOM   549  O  O   . VAL A 1 67  ? 1.01855   7.73758   2.99185   1.000 12.19514 ? 66  VAL A O   1 
ATOM   550  C  CB  . VAL A 1 67  ? 1.72140   4.63955   2.31458   1.000 9.64422  ? 66  VAL A CB  1 
ATOM   551  C  CG1 . VAL A 1 67  ? 0.67959   4.64185   3.43012   1.000 11.41599 ? 66  VAL A CG1 1 
ATOM   552  C  CG2 . VAL A 1 67  ? 1.04995   4.33000   0.97197   1.000 10.14611 ? 66  VAL A CG2 1 
ATOM   553  N  N   . ILE A 1 68  ? 1.41735   7.57016   0.77352   1.000 9.58070  ? 67  ILE A N   1 
ATOM   554  C  CA  . ILE A 1 68  ? 0.42886   8.56406   0.36038   1.000 11.49293 ? 67  ILE A CA  1 
ATOM   555  C  C   . ILE A 1 68  ? -0.35653  7.97974   -0.80445  1.000 13.96771 ? 67  ILE A C   1 
ATOM   556  O  O   . ILE A 1 68  ? 0.24065   7.45619   -1.75234  1.000 12.55790 ? 67  ILE A O   1 
ATOM   557  C  CB  . ILE A 1 68  ? 1.09102   9.88428   -0.07087  1.000 14.94129 ? 67  ILE A CB  1 
ATOM   558  C  CG1 . ILE A 1 68  ? 2.08606   10.38818  0.98229   1.000 13.00837 ? 67  ILE A CG1 1 
ATOM   559  C  CG2 . ILE A 1 68  ? 0.02398   10.93525  -0.41456  1.000 17.51303 ? 67  ILE A CG2 1 
ATOM   560  C  CD1 . ILE A 1 68  ? 2.94045   11.54654  0.50388   1.000 13.62823 ? 67  ILE A CD1 1 
ATOM   561  N  N   . SER A 1 69  ? -1.67805  8.07896   -0.75078  1.000 12.76287 ? 68  SER A N   1 
ATOM   562  C  CA  . SER A 1 69  ? -2.52286  7.57936   -1.82929  1.000 12.60319 ? 68  SER A CA  1 
ATOM   563  C  C   . SER A 1 69  ? -3.26507  8.74008   -2.48115  1.000 18.05771 ? 68  SER A C   1 
ATOM   564  O  O   . SER A 1 69  ? -3.75833  9.63231   -1.78992  1.000 15.83072 ? 68  SER A O   1 
ATOM   565  C  CB  . SER A 1 69  ? -3.51109  6.53828   -1.31285  1.000 13.77213 ? 68  SER A CB  1 
ATOM   566  O  OG  . SER A 1 69  ? -4.43804  7.11851   -0.41335  1.000 20.14276 ? 68  SER A OG  1 
ATOM   567  N  N   . PHE A 1 70  ? -3.33884  8.72955   -3.81231  1.000 16.23999 ? 69  PHE A N   1 
ATOM   568  C  CA  . PHE A 1 70  ? -4.02171  9.77119   -4.58414  1.000 18.19037 ? 69  PHE A CA  1 
ATOM   569  C  C   . PHE A 1 70  ? -5.10510  9.08735   -5.40769  1.000 21.52709 ? 69  PHE A C   1 
ATOM   570  O  O   . PHE A 1 70  ? -4.81005  8.48799   -6.44600  1.000 16.74699 ? 69  PHE A O   1 
ATOM   571  C  CB  . PHE A 1 70  ? -3.06830  10.54137  -5.50363  1.000 18.99841 ? 69  PHE A CB  1 
ATOM   572  C  CG  . PHE A 1 70  ? -1.96009  11.25453  -4.78860  1.000 21.19400 ? 69  PHE A CG  1 
ATOM   573  C  CD1 . PHE A 1 70  ? -2.08545  12.59499  -4.45192  1.000 25.31711 ? 69  PHE A CD1 1 
ATOM   574  C  CD2 . PHE A 1 70  ? -0.76629  10.60640  -4.50409  1.000 22.38485 ? 69  PHE A CD2 1 
ATOM   575  C  CE1 . PHE A 1 70  ? -1.05105  13.26613  -3.80156  1.000 29.06200 ? 69  PHE A CE1 1 
ATOM   576  C  CE2 . PHE A 1 70  ? 0.26849   11.27047  -3.86209  1.000 25.10818 ? 69  PHE A CE2 1 
ATOM   577  C  CZ  . PHE A 1 70  ? 0.12860   12.60212  -3.51346  1.000 27.48239 ? 69  PHE A CZ  1 
ATOM   578  N  N   . ALA A 1 71  ? -6.34299  9.15183   -4.92910  1.000 24.28456 ? 70  ALA A N   1 
ATOM   579  C  CA  . ALA A 1 71  ? -7.45415  8.52393   -5.62282  1.000 29.02376 ? 70  ALA A CA  1 
ATOM   580  C  C   . ALA A 1 71  ? -7.99250  9.44931   -6.70682  1.000 35.02640 ? 70  ALA A C   1 
ATOM   581  O  O   . ALA A 1 71  ? -8.02200  10.67292  -6.55385  1.000 35.31874 ? 70  ALA A O   1 
ATOM   582  C  CB  . ALA A 1 71  ? -8.56628  8.15095   -4.63864  1.000 30.33500 ? 70  ALA A CB  1 
ATOM   583  N  N   . LEU A 1 72  ? -8.40471  8.84993   -7.81731  1.000 40.42371 ? 71  LEU A N   1 
ATOM   584  C  CA  . LEU A 1 72  ? -8.97669  9.59988   -8.93189  1.000 41.46488 ? 71  LEU A CA  1 
ATOM   585  C  C   . LEU A 1 72  ? -10.47767 9.34252   -9.07017  1.000 42.08062 ? 71  LEU A C   1 
ATOM   586  O  O   . LEU A 1 72  ? -10.97924 8.29065   -8.66189  1.000 43.24367 ? 71  LEU A O   1 
ATOM   587  C  CB  . LEU A 1 72  ? -8.25396  9.24271   -10.23057 1.000 42.47693 ? 71  LEU A CB  1 
ATOM   588  C  CG  . LEU A 1 72  ? -6.83975  9.81301   -10.31569 1.000 41.46171 ? 71  LEU A CG  1 
ATOM   589  C  CD1 . LEU A 1 72  ? -6.04395  9.11204   -11.41613 1.000 39.61850 ? 71  LEU A CD1 1 
ATOM   590  C  CD2 . LEU A 1 72  ? -6.89066  11.32422  -10.53964 1.000 43.74256 ? 71  LEU A CD2 1 
ATOM   591  N  N   . PRO A 1 87  ? -10.81308 0.33099   -18.86184 1.000 43.40498 ? 86  PRO A N   1 
ATOM   592  C  CA  . PRO A 1 87  ? -10.01939 0.04995   -17.65601 1.000 42.21067 ? 86  PRO A CA  1 
ATOM   593  C  C   . PRO A 1 87  ? -10.24837 1.08545   -16.55768 1.000 33.42513 ? 86  PRO A C   1 
ATOM   594  O  O   . PRO A 1 87  ? -10.09993 2.28281   -16.78483 1.000 34.60225 ? 86  PRO A O   1 
ATOM   595  C  CB  . PRO A 1 87  ? -8.57532  0.09968   -18.16425 1.000 41.65887 ? 86  PRO A CB  1 
ATOM   596  C  CG  . PRO A 1 87  ? -8.61995  1.06243   -19.32274 1.000 43.14455 ? 86  PRO A CG  1 
ATOM   597  C  CD  . PRO A 1 87  ? -10.03535 1.05634   -19.88384 1.000 42.84167 ? 86  PRO A CD  1 
ATOM   598  N  N   . ARG A 1 88  ? -10.62977 0.61666   -15.37565 1.000 32.28838 ? 87  ARG A N   1 
ATOM   599  C  CA  . ARG A 1 88  ? -10.82198 1.50667   -14.23984 1.000 32.78047 ? 87  ARG A CA  1 
ATOM   600  C  C   . ARG A 1 88  ? -9.46125  2.02163   -13.78346 1.000 26.26667 ? 87  ARG A C   1 
ATOM   601  O  O   . ARG A 1 88  ? -8.59325  1.22473   -13.42407 1.000 24.35703 ? 87  ARG A O   1 
ATOM   602  C  CB  . ARG A 1 88  ? -11.52053 0.75238   -13.11328 1.000 29.62860 ? 87  ARG A CB  1 
ATOM   603  C  CG  . ARG A 1 88  ? -12.34592 1.60196   -12.17054 1.000 36.00490 ? 87  ARG A CG  1 
ATOM   604  C  CD  . ARG A 1 88  ? -13.04449 0.72089   -11.13680 1.000 33.38048 ? 87  ARG A CD  1 
ATOM   605  N  NE  . ARG A 1 88  ? -12.96152 1.30159   -9.80055  1.000 37.75142 ? 87  ARG A NE  1 
ATOM   606  C  CZ  . ARG A 1 88  ? -13.46459 0.74908   -8.70405  1.000 34.65993 ? 87  ARG A CZ  1 
ATOM   607  N  NH1 . ARG A 1 88  ? -14.01811 -0.45330  -8.72430  1.000 33.08673 ? 87  ARG A NH1 1 
ATOM   608  N  NH2 . ARG A 1 88  ? -13.40213 1.41692   -7.55623  1.000 35.80381 ? 87  ARG A NH2 1 
ATOM   609  N  N   . VAL A 1 89  ? -9.26367  3.33640   -13.81057 1.000 21.63275 ? 88  VAL A N   1 
ATOM   610  C  CA  . VAL A 1 89  ? -8.00325  3.94570   -13.39217 1.000 25.11634 ? 88  VAL A CA  1 
ATOM   611  C  C   . VAL A 1 89  ? -8.13875  4.36047   -11.92919 1.000 23.48900 ? 88  VAL A C   1 
ATOM   612  O  O   . VAL A 1 89  ? -8.87284  5.29826   -11.59898 1.000 24.13891 ? 88  VAL A O   1 
ATOM   613  C  CB  . VAL A 1 89  ? -7.62187  5.13462   -14.28116 1.000 31.73505 ? 88  VAL A CB  1 
ATOM   614  C  CG1 . VAL A 1 89  ? -6.41270  5.85812   -13.69942 1.000 29.53895 ? 88  VAL A CG1 1 
ATOM   615  C  CG2 . VAL A 1 89  ? -7.32463  4.65913   -15.70332 1.000 27.15189 ? 88  VAL A CG2 1 
ATOM   616  N  N   . LEU A 1 90  ? -7.41775  3.67411   -11.04534 1.000 19.08208 ? 89  LEU A N   1 
ATOM   617  C  CA  . LEU A 1 90  ? -7.62221  3.85951   -9.61575  1.000 18.92696 ? 89  LEU A CA  1 
ATOM   618  C  C   . LEU A 1 90  ? -6.79282  4.97742   -9.01384  1.000 17.97559 ? 89  LEU A C   1 
ATOM   619  O  O   . LEU A 1 90  ? -7.20716  5.55000   -8.00471  1.000 19.80740 ? 89  LEU A O   1 
ATOM   620  C  CB  . LEU A 1 90  ? -7.34054  2.55911   -8.86186  1.000 15.82358 ? 89  LEU A CB  1 
ATOM   621  C  CG  . LEU A 1 90  ? -8.21568  1.37643   -9.26571  1.000 18.68042 ? 89  LEU A CG  1 
ATOM   622  C  CD1 . LEU A 1 90  ? -7.68498  0.11391   -8.62235  1.000 22.72990 ? 89  LEU A CD1 1 
ATOM   623  C  CD2 . LEU A 1 90  ? -9.63417  1.63757   -8.81116  1.000 22.57083 ? 89  LEU A CD2 1 
ATOM   624  N  N   . GLY A 1 91  ? -5.64057  5.31467   -9.59290  1.000 16.17591 ? 90  GLY A N   1 
ATOM   625  C  CA  . GLY A 1 91  ? -4.81883  6.38955   -9.07366  1.000 18.01597 ? 90  GLY A CA  1 
ATOM   626  C  C   . GLY A 1 91  ? -3.42483  5.89961   -8.70647  1.000 18.99847 ? 90  GLY A C   1 
ATOM   627  O  O   . GLY A 1 91  ? -2.90706  4.94592   -9.30139  1.000 14.73976 ? 90  GLY A O   1 
ATOM   628  N  N   . ASP A 1 92  ? -2.82580  6.56786   -7.72143  1.000 13.56057 ? 91  ASP A N   1 
ATOM   629  C  CA  . ASP A 1 92  ? -1.39878  6.45716   -7.44253  1.000 15.37422 ? 91  ASP A CA  1 
ATOM   630  C  C   . ASP A 1 92  ? -1.16499  6.22581   -5.96013  1.000 13.83992 ? 91  ASP A C   1 
ATOM   631  O  O   . ASP A 1 92  ? -1.86290  6.79511   -5.11512  1.000 13.96306 ? 91  ASP A O   1 
ATOM   632  C  CB  . ASP A 1 92  ? -0.65702  7.72748   -7.87615  1.000 16.46858 ? 91  ASP A CB  1 
ATOM   633  C  CG  . ASP A 1 92  ? -0.97435  8.12093   -9.31250  1.000 23.78413 ? 91  ASP A CG  1 
ATOM   634  O  OD1 . ASP A 1 92  ? -0.97157  7.22711   -10.18083 1.000 29.50677 ? 91  ASP A OD1 1 
ATOM   635  O  OD2 . ASP A 1 92  ? -1.29812  9.29764   -9.55636  1.000 30.45809 ? 91  ASP A OD2 1 
ATOM   636  N  N   . ILE A 1 93  ? -0.17097  5.39382   -5.65946  1.000 11.46486 ? 92  ILE A N   1 
ATOM   637  C  CA  . ILE A 1 93  ? 0.28724   5.14233   -4.29844  1.000 10.67482 ? 92  ILE A CA  1 
ATOM   638  C  C   . ILE A 1 93  ? 1.77426   5.45211   -4.27330  1.000 12.48199 ? 92  ILE A C   1 
ATOM   639  O  O   . ILE A 1 93  ? 2.51476   5.01819   -5.16164  1.000 11.17508 ? 92  ILE A O   1 
ATOM   640  C  CB  . ILE A 1 93  ? 0.02347   3.68474   -3.87041  1.000 11.27628 ? 92  ILE A CB  1 
ATOM   641  C  CG1 . ILE A 1 93  ? -1.47376  3.36637   -3.95512  1.000 11.28621 ? 92  ILE A CG1 1 
ATOM   642  C  CG2 . ILE A 1 93  ? 0.58834   3.41790   -2.46079  1.000 11.47501 ? 92  ILE A CG2 1 
ATOM   643  C  CD1 . ILE A 1 93  ? -1.76363  1.83140   -3.94256  1.000 11.16839 ? 92  ILE A CD1 1 
ATOM   644  N  N   . ILE A 1 94  ? 2.21952   6.20942   -3.27605  1.000 7.98614  ? 93  ILE A N   1 
ATOM   645  C  CA  . ILE A 1 94  ? 3.63311   6.53952   -3.15002  1.000 7.55559  ? 93  ILE A CA  1 
ATOM   646  C  C   . ILE A 1 94  ? 4.08881   6.03933   -1.79089  1.000 8.60217  ? 93  ILE A C   1 
ATOM   647  O  O   . ILE A 1 94  ? 3.41061   6.28165   -0.79059  1.000 9.37078  ? 93  ILE A O   1 
ATOM   648  C  CB  . ILE A 1 94  ? 3.87931   8.05545   -3.30254  1.000 10.93264 ? 93  ILE A CB  1 
ATOM   649  C  CG1 . ILE A 1 94  ? 3.27669   8.54874   -4.62851  1.000 13.02399 ? 93  ILE A CG1 1 
ATOM   650  C  CG2 . ILE A 1 94  ? 5.38022   8.35871   -3.21146  1.000 10.44537 ? 93  ILE A CG2 1 
ATOM   651  C  CD1 . ILE A 1 94  ? 3.38951   10.03803  -4.82840  1.000 20.18965 ? 93  ILE A CD1 1 
ATOM   652  N  N   . ILE A 1 95  ? 5.19970   5.30434   -1.76041  1.000 6.37145  ? 94  ILE A N   1 
ATOM   653  C  CA  . ILE A 1 95  ? 5.67100   4.66010   -0.53285  1.000 6.99938  ? 94  ILE A CA  1 
ATOM   654  C  C   . ILE A 1 95  ? 7.10877   5.07803   -0.26895  1.000 8.72102  ? 94  ILE A C   1 
ATOM   655  O  O   . ILE A 1 95  ? 7.93798   5.08833   -1.18266  1.000 9.86484  ? 94  ILE A O   1 
ATOM   656  C  CB  . ILE A 1 95  ? 5.56135   3.11951   -0.62759  1.000 8.42645  ? 94  ILE A CB  1 
ATOM   657  C  CG1 . ILE A 1 95  ? 4.08845   2.69210   -0.61312  1.000 9.64585  ? 94  ILE A CG1 1 
ATOM   658  C  CG2 . ILE A 1 95  ? 6.33684   2.45187   0.48332   1.000 9.51045  ? 94  ILE A CG2 1 
ATOM   659  C  CD1 . ILE A 1 95  ? 3.84698   1.25437   -1.10988  1.000 10.46337 ? 94  ILE A CD1 1 
ATOM   660  N  N   . CYS A 1 96  ? 7.42025   5.39289   0.99046   1.000 7.46622  ? 95  CYS A N   1 
ATOM   661  C  CA  . CYS A 1 96  ? 8.76239   5.81597   1.36545   1.000 8.05461  ? 95  CYS A CA  1 
ATOM   662  C  C   . CYS A 1 96  ? 9.57767   4.60792   1.82170   1.000 9.17089  ? 95  CYS A C   1 
ATOM   663  O  O   . CYS A 1 96  ? 9.19505   3.91785   2.77627   1.000 8.88327  ? 95  CYS A O   1 
ATOM   664  C  CB  . CYS A 1 96  ? 8.71934   6.87232   2.48028   1.000 8.67036  ? 95  CYS A CB  1 
ATOM   665  S  SG  . CYS A 1 96  ? 10.38199  7.35003   2.96722   1.000 11.37862 ? 95  CYS A SG  1 
ATOM   666  N  N   . THR A 1 97  ? 10.68658  4.34385   1.12813   1.000 9.12921  ? 96  THR A N   1 
ATOM   667  C  CA  . THR A 1 97  ? 11.50986  3.18486   1.46031   1.000 9.12871  ? 96  THR A CA  1 
ATOM   668  C  C   . THR A 1 97  ? 12.18039  3.33109   2.82237   1.000 12.20004 ? 96  THR A C   1 
ATOM   669  O  O   . THR A 1 97  ? 12.29245  2.34971   3.56696   1.000 12.91533 ? 96  THR A O   1 
ATOM   670  C  CB  . THR A 1 97  ? 12.57272  2.96729   0.38949   1.000 11.45883 ? 96  THR A CB  1 
ATOM   671  O  OG1 . THR A 1 97  ? 13.30334  4.18207   0.20430   1.000 11.42384 ? 96  THR A OG1 1 
ATOM   672  C  CG2 . THR A 1 97  ? 11.91398  2.58178   -0.94153  1.000 9.89048  ? 96  THR A CG2 1 
ATOM   673  N  N   . ASP A 1 98  ? 12.67076  4.53136   3.15013   1.000 12.27777 ? 97  ASP A N   1 
ATOM   674  C  CA  . ASP A 1 98  ? 13.31141  4.73241   4.45474   1.000 13.89989 ? 97  ASP A CA  1 
ATOM   675  C  C   . ASP A 1 98  ? 12.36338  4.36443   5.58578   1.000 10.70096 ? 97  ASP A C   1 
ATOM   676  O  O   . ASP A 1 98  ? 12.71794  3.59953   6.49446   1.000 12.70976 ? 97  ASP A O   1 
ATOM   677  C  CB  . ASP A 1 98  ? 13.76260  6.19172   4.61600   1.000 14.39095 ? 97  ASP A CB  1 
ATOM   678  C  CG  . ASP A 1 98  ? 14.81828  6.60010   3.61465   1.000 20.29637 ? 97  ASP A CG  1 
ATOM   679  O  OD1 . ASP A 1 98  ? 14.48181  6.87515   2.44769   1.000 20.17548 ? 97  ASP A OD1 1 
ATOM   680  O  OD2 . ASP A 1 98  ? 15.99269  6.65822   3.99918   1.000 26.87406 ? 97  ASP A OD2 1 
ATOM   681  N  N   . VAL A 1 99  ? 11.14549  4.90387   5.54282   1.000 9.47233  ? 98  VAL A N   1 
ATOM   682  C  CA  . VAL A 1 99  ? 10.17822  4.66010   6.59953   1.000 11.98584 ? 98  VAL A CA  1 
ATOM   683  C  C   . VAL A 1 99  ? 9.72362   3.21249   6.59191   1.000 14.24134 ? 98  VAL A C   1 
ATOM   684  O  O   . VAL A 1 99  ? 9.53434   2.60257   7.65199   1.000 11.14033 ? 98  VAL A O   1 
ATOM   685  C  CB  . VAL A 1 99  ? 8.98267   5.61742   6.45942   1.000 11.34325 ? 98  VAL A CB  1 
ATOM   686  C  CG1 . VAL A 1 99  ? 7.98339   5.34724   7.56718   1.000 14.69323 ? 98  VAL A CG1 1 
ATOM   687  C  CG2 . VAL A 1 99  ? 9.47668   7.06461   6.55455   1.000 13.00721 ? 98  VAL A CG2 1 
ATOM   688  N  N   . ALA A 1 100 ? 9.49207   2.64894   5.39992   1.000 10.26371 ? 99  ALA A N   1 
ATOM   689  C  CA  . ALA A 1 100 ? 9.03129   1.26585   5.34075   1.000 11.93049 ? 99  ALA A CA  1 
ATOM   690  C  C   . ALA A 1 100 ? 10.06348  0.31249   5.93655   1.000 10.60131 ? 99  ALA A C   1 
ATOM   691  O  O   . ALA A 1 100 ? 9.70508   -0.64122  6.63819   1.000 14.31117 ? 99  ALA A O   1 
ATOM   692  C  CB  . ALA A 1 100 ? 8.69700   0.88777   3.89572   1.000 10.31834 ? 99  ALA A CB  1 
ATOM   693  N  N   . GLN A 1 101 ? 11.35000  0.56125   5.69171   1.000 9.41507  ? 100 GLN A N   1 
ATOM   694  C  CA  . GLN A 1 101 ? 12.38451  -0.28692  6.27024   1.000 13.69046 ? 100 GLN A CA  1 
ATOM   695  C  C   . GLN A 1 101 ? 12.36405  -0.22222  7.79890   1.000 18.31271 ? 100 GLN A C   1 
ATOM   696  O  O   . GLN A 1 101 ? 12.55374  -1.23990  8.47484   1.000 15.34692 ? 100 GLN A O   1 
ATOM   697  C  CB  . GLN A 1 101 ? 13.75515  0.13279   5.74628   1.000 15.84491 ? 100 GLN A CB  1 
ATOM   698  C  CG  . GLN A 1 101 ? 14.94004  -0.64434  6.29801   1.000 21.89706 ? 100 GLN A CG  1 
ATOM   699  C  CD  . GLN A 1 101 ? 14.84072  -2.13523  6.01682   1.000 24.98324 ? 100 GLN A CD  1 
ATOM   700  O  OE1 . GLN A 1 101 ? 14.34080  -2.92490  6.82833   1.000 31.24566 ? 100 GLN A OE1 1 
ATOM   701  N  NE2 . GLN A 1 101 ? 15.29979  -2.52248  4.83409   1.000 23.60494 ? 100 GLN A NE2 1 
ATOM   702  N  N   . GLU A 1 102 ? 12.15874  0.97008   8.36648   1.000 13.20448 ? 101 GLU A N   1 
ATOM   703  C  CA  . GLU A 1 102 ? 12.14489  1.07742   9.82459   1.000 16.68417 ? 101 GLU A CA  1 
ATOM   704  C  C   . GLU A 1 102 ? 10.87157  0.48262   10.41347  1.000 15.22380 ? 101 GLU A C   1 
ATOM   705  O  O   . GLU A 1 102 ? 10.91364  -0.16974  11.46290  1.000 16.42806 ? 101 GLU A O   1 
ATOM   706  C  CB  . GLU A 1 102 ? 12.31099  2.53971   10.23795  1.000 16.64354 ? 101 GLU A CB  1 
ATOM   707  C  CG  . GLU A 1 102 ? 13.61862  3.14011   9.71901   1.000 18.71499 ? 101 GLU A CG  1 
ATOM   708  C  CD  . GLU A 1 102 ? 13.93666  4.49449   10.34322  1.000 22.35232 ? 101 GLU A CD  1 
ATOM   709  O  OE1 . GLU A 1 102 ? 12.98737  5.18152   10.79479  1.000 21.02169 ? 101 GLU A OE1 1 
ATOM   710  O  OE2 . GLU A 1 102 ? 15.13544  4.85398   10.36391  1.000 17.83878 ? 101 GLU A OE2 1 
ATOM   711  N  N   . GLN A 1 103 ? 9.72878   0.70364   9.76464   1.000 10.80846 ? 102 GLN A N   1 
ATOM   712  C  CA  . GLN A 1 103 ? 8.48405   0.10948   10.24238  1.000 15.20254 ? 102 GLN A CA  1 
ATOM   713  C  C   . GLN A 1 103 ? 8.54772   -1.41576  10.16452  1.000 18.43594 ? 102 GLN A C   1 
ATOM   714  O  O   . GLN A 1 103 ? 8.05562   -2.11326  11.06197  1.000 16.25720 ? 102 GLN A O   1 
ATOM   715  C  CB  . GLN A 1 103 ? 7.29432   0.65441   9.44242   1.000 14.40591 ? 102 GLN A CB  1 
ATOM   716  C  CG  . GLN A 1 103 ? 6.97140   2.10954   9.77198   1.000 17.86160 ? 102 GLN A CG  1 
ATOM   717  C  CD  . GLN A 1 103 ? 5.73830   2.64123   9.05190   1.000 22.03567 ? 102 GLN A CD  1 
ATOM   718  O  OE1 . GLN A 1 103 ? 5.08777   1.94400   8.24008   1.000 18.65875 ? 102 GLN A OE1 1 
ATOM   719  N  NE2 . GLN A 1 103 ? 5.40416   3.88622   9.34560   1.000 16.38608 ? 102 GLN A NE2 1 
ATOM   720  N  N   . ALA A 1 104 ? 9.16465   -1.94803  9.10421   1.000 14.96541 ? 103 ALA A N   1 
ATOM   721  C  CA  . ALA A 1 104 ? 9.32581   -3.39447  8.99086   1.000 15.61740 ? 103 ALA A CA  1 
ATOM   722  C  C   . ALA A 1 104 ? 10.10792  -3.94933  10.17622  1.000 17.32638 ? 103 ALA A C   1 
ATOM   723  O  O   . ALA A 1 104 ? 9.72887   -4.96694  10.76118  1.000 19.44250 ? 103 ALA A O   1 
ATOM   724  C  CB  . ALA A 1 104 ? 10.02847  -3.73750  7.67571   1.000 14.93543 ? 103 ALA A CB  1 
ATOM   725  N  N   . ASN A 1 105 ? 11.21819  -3.28902  10.53367  1.000 22.97136 ? 104 ASN A N   1 
ATOM   726  C  CA  . ASN A 1 105 ? 11.99248  -3.69512  11.70630  1.000 23.79977 ? 104 ASN A CA  1 
ATOM   727  C  C   . ASN A 1 105 ? 11.14274  -3.63922  12.96874  1.000 25.98429 ? 104 ASN A C   1 
ATOM   728  O  O   . ASN A 1 105 ? 11.21778  -4.53825  13.81164  1.000 28.71491 ? 104 ASN A O   1 
ATOM   729  C  CB  . ASN A 1 105 ? 13.23776  -2.81371  11.86938  1.000 23.45696 ? 104 ASN A CB  1 
ATOM   730  C  CG  . ASN A 1 105 ? 14.15550  -2.83519  10.64734  1.000 32.69102 ? 104 ASN A CG  1 
ATOM   731  O  OD1 . ASN A 1 105 ? 14.06560  -3.72290  9.79171   1.000 35.42430 ? 104 ASN A OD1 1 
ATOM   732  N  ND2 . ASN A 1 105 ? 15.06263  -1.85609  10.57276  1.000 33.90763 ? 104 ASN A ND2 1 
ATOM   733  N  N   . ASN A 1 106 ? 10.30846  -2.60419  13.10697  1.000 24.52638 ? 105 ASN A N   1 
ATOM   734  C  CA  . ASN A 1 106 ? 9.50008   -2.46686  14.31710  1.000 24.56187 ? 105 ASN A CA  1 
ATOM   735  C  C   . ASN A 1 106 ? 8.41689   -3.53669  14.39653  1.000 26.62405 ? 105 ASN A C   1 
ATOM   736  O  O   . ASN A 1 106 ? 8.10518   -4.02307  15.48852  1.000 27.55638 ? 105 ASN A O   1 
ATOM   737  C  CB  . ASN A 1 106 ? 8.88510   -1.06861  14.38911  1.000 23.50990 ? 105 ASN A CB  1 
ATOM   738  C  CG  . ASN A 1 106 ? 9.89873   -0.02035  14.79702  1.000 29.62097 ? 105 ASN A CG  1 
ATOM   739  O  OD1 . ASN A 1 106 ? 10.95082  -0.34869  15.34185  1.000 29.92398 ? 105 ASN A OD1 1 
ATOM   740  N  ND2 . ASN A 1 106 ? 9.59674   1.23820   14.52817  1.000 29.65845 ? 105 ASN A ND2 1 
ATOM   741  N  N   . TYR A 1 107 ? 7.83069   -3.91475  13.26184  1.000 21.75757 ? 106 TYR A N   1 
ATOM   742  C  CA  . TYR A 1 107 ? 6.79653   -4.94205  13.24444  1.000 21.12194 ? 106 TYR A CA  1 
ATOM   743  C  C   . TYR A 1 107 ? 7.35959   -6.34826  13.11407  1.000 28.97946 ? 106 TYR A C   1 
ATOM   744  O  O   . TYR A 1 107 ? 6.60332   -7.30946  13.25325  1.000 33.70311 ? 106 TYR A O   1 
ATOM   745  C  CB  . TYR A 1 107 ? 5.79045   -4.70503  12.10844  1.000 21.72715 ? 106 TYR A CB  1 
ATOM   746  C  CG  . TYR A 1 107 ? 4.85037   -3.53776  12.37169  1.000 27.76303 ? 106 TYR A CG  1 
ATOM   747  C  CD1 . TYR A 1 107 ? 3.72697   -3.69614  13.17889  1.000 30.17154 ? 106 TYR A CD1 1 
ATOM   748  C  CD2 . TYR A 1 107 ? 5.07655   -2.28693  11.80319  1.000 26.23570 ? 106 TYR A CD2 1 
ATOM   749  C  CE1 . TYR A 1 107 ? 2.86903   -2.63468  13.43481  1.000 30.42293 ? 106 TYR A CE1 1 
ATOM   750  C  CE2 . TYR A 1 107 ? 4.22142   -1.21558  12.05746  1.000 24.68587 ? 106 TYR A CE2 1 
ATOM   751  C  CZ  . TYR A 1 107 ? 3.12091   -1.40265  12.87558  1.000 28.17323 ? 106 TYR A CZ  1 
ATOM   752  O  OH  . TYR A 1 107 ? 2.26075   -0.35399  13.12942  1.000 37.74734 ? 106 TYR A OH  1 
ATOM   753  N  N   . GLY A 1 108 ? 8.65131   -6.49564  12.84531  1.000 22.11051 ? 107 GLY A N   1 
ATOM   754  C  CA  . GLY A 1 108 ? 9.24703   -7.81462  12.75226  1.000 24.29748 ? 107 GLY A CA  1 
ATOM   755  C  C   . GLY A 1 108 ? 8.87915   -8.64439  11.53510  1.000 26.67863 ? 107 GLY A C   1 
ATOM   756  O  O   . GLY A 1 108 ? 8.73147   -9.86685  11.65783  1.000 24.49247 ? 107 GLY A O   1 
ATOM   757  N  N   . HIS A 1 109 ? 8.70394   -8.01510  10.36657  1.000 18.60671 ? 108 HIS A N   1 
ATOM   758  C  CA  . HIS A 1 109 ? 8.72966   -8.72086  9.08095   1.000 17.19062 ? 108 HIS A CA  1 
ATOM   759  C  C   . HIS A 1 109 ? 9.67324   -7.97426  8.15157   1.000 14.30281 ? 108 HIS A C   1 
ATOM   760  O  O   . HIS A 1 109 ? 10.25467  -6.95692  8.52761   1.000 14.77723 ? 108 HIS A O   1 
ATOM   761  C  CB  . HIS A 1 109 ? 7.33619   -8.90744  8.45721   1.000 15.68454 ? 108 HIS A CB  1 
ATOM   762  C  CG  . HIS A 1 109 ? 6.56748   -7.64327  8.20929   1.000 18.59182 ? 108 HIS A CG  1 
ATOM   763  N  ND1 . HIS A 1 109 ? 5.23527   -7.65401  7.85625   1.000 19.45288 ? 108 HIS A ND1 1 
ATOM   764  C  CD2 . HIS A 1 109 ? 6.93205   -6.34053  8.24541   1.000 17.18290 ? 108 HIS A CD2 1 
ATOM   765  C  CE1 . HIS A 1 109 ? 4.80811   -6.41558  7.69569   1.000 18.36847 ? 108 HIS A CE1 1 
ATOM   766  N  NE2 . HIS A 1 109 ? 5.81810   -5.59882  7.92818   1.000 14.00606 ? 108 HIS A NE2 1 
ATOM   767  N  N   . SER A 1 110 ? 9.84229   -8.48954  6.93605   1.000 10.31391 ? 109 SER A N   1 
ATOM   768  C  CA  . SER A 1 110 ? 10.86691  -7.95378  6.05021   1.000 10.50286 ? 109 SER A CA  1 
ATOM   769  C  C   . SER A 1 110 ? 10.44573  -6.61251  5.45654   1.000 9.52519  ? 109 SER A C   1 
ATOM   770  O  O   . SER A 1 110 ? 9.27194   -6.26975  5.40804   1.000 9.89979  ? 109 SER A O   1 
ATOM   771  C  CB  . SER A 1 110 ? 11.15593  -8.92536  4.91138   1.000 11.91278 ? 109 SER A CB  1 
ATOM   772  O  OG  . SER A 1 110 ? 10.01270  -9.03658  4.07190   1.000 12.50682 ? 109 SER A OG  1 
ATOM   773  N  N   . PHE A 1 111 ? 11.44652  -5.86717  4.98945   1.000 10.87547 ? 110 PHE A N   1 
ATOM   774  C  CA  . PHE A 1 111 ? 11.24173  -4.66649  4.17742   1.000 11.71510 ? 110 PHE A CA  1 
ATOM   775  C  C   . PHE A 1 111 ? 10.18157  -4.89850  3.10174   1.000 12.19143 ? 110 PHE A C   1 
ATOM   776  O  O   . PHE A 1 111 ? 9.19330   -4.16658  3.01560   1.000 8.76490  ? 110 PHE A O   1 
ATOM   777  C  CB  . PHE A 1 111 ? 12.60348  -4.29465  3.57697   1.000 9.95363  ? 110 PHE A CB  1 
ATOM   778  C  CG  . PHE A 1 111 ? 12.63191  -3.05021  2.73425   1.000 12.47191 ? 110 PHE A CG  1 
ATOM   779  C  CD1 . PHE A 1 111 ? 11.77287  -1.98187  2.95632   1.000 13.08435 ? 110 PHE A CD1 1 
ATOM   780  C  CD2 . PHE A 1 111 ? 13.59232  -2.93173  1.74162   1.000 18.55485 ? 110 PHE A CD2 1 
ATOM   781  C  CE1 . PHE A 1 111 ? 11.84894  -0.84211  2.17174   1.000 11.82427 ? 110 PHE A CE1 1 
ATOM   782  C  CE2 . PHE A 1 111 ? 13.66230  -1.79273  0.94673   1.000 22.32506 ? 110 PHE A CE2 1 
ATOM   783  C  CZ  . PHE A 1 111 ? 12.78582  -0.74585  1.16785   1.000 14.35885 ? 110 PHE A CZ  1 
ATOM   784  N  N   . GLU A 1 112 ? 10.33567  -5.95149  2.30406   1.000 10.60265 ? 111 GLU A N   1 
ATOM   785  C  CA  . GLU A 1 112 ? 9.38963   -6.14817  1.20446   1.000 11.32147 ? 111 GLU A CA  1 
ATOM   786  C  C   . GLU A 1 112 ? 7.98468   -6.52404  1.68502   1.000 11.14196 ? 111 GLU A C   1 
ATOM   787  O  O   . GLU A 1 112 ? 6.99615   -6.17411  1.02417   1.000 10.70501 ? 111 GLU A O   1 
ATOM   788  C  CB  . GLU A 1 112 ? 9.94892   -7.18610  0.22183   1.000 14.81803 ? 111 GLU A CB  1 
ATOM   789  C  CG  . GLU A 1 112 ? 10.18697  -8.56805  0.79723   1.000 18.04399 ? 111 GLU A CG  1 
ATOM   790  C  CD  . GLU A 1 112 ? 11.58388  -8.77095  1.39925   1.000 20.93096 ? 111 GLU A CD  1 
ATOM   791  O  OE1 . GLU A 1 112 ? 12.28299  -7.78139  1.76762   1.000 17.65324 ? 111 GLU A OE1 1 
ATOM   792  O  OE2 . GLU A 1 112 ? 11.99076  -9.94922  1.47993   1.000 21.16494 ? 111 GLU A OE2 1 
ATOM   793  N  N   . ARG A 1 113 ? 7.84977   -7.22971  2.81289   1.000 10.59428 ? 112 ARG A N   1 
ATOM   794  C  CA  . ARG A 1 113 ? 6.51123   -7.43236  3.37009   1.000 10.28347 ? 112 ARG A CA  1 
ATOM   795  C  C   . ARG A 1 113 ? 5.86263   -6.09763  3.74819   1.000 10.73067 ? 112 ARG A C   1 
ATOM   796  O  O   . ARG A 1 113 ? 4.66091   -5.86980  3.51316   1.000 9.33799  ? 112 ARG A O   1 
ATOM   797  C  CB  . ARG A 1 113 ? 6.58698   -8.32754  4.60520   1.000 14.43607 ? 112 ARG A CB  1 
ATOM   798  C  CG  . ARG A 1 113 ? 6.63505   -9.80010  4.29684   1.000 17.32447 ? 112 ARG A CG  1 
ATOM   799  C  CD  . ARG A 1 113 ? 5.23918   -10.38749 4.19894   1.000 19.19197 ? 112 ARG A CD  1 
ATOM   800  N  NE  . ARG A 1 113 ? 5.32072   -11.77573 3.76149   1.000 17.14444 ? 112 ARG A NE  1 
ATOM   801  C  CZ  . ARG A 1 113 ? 5.14900   -12.83089 4.54620   1.000 17.12201 ? 112 ARG A CZ  1 
ATOM   802  N  NH1 . ARG A 1 113 ? 4.87631   -12.70279 5.83228   1.000 16.05775 ? 112 ARG A NH1 1 
ATOM   803  N  NH2 . ARG A 1 113 ? 5.23919   -14.04757 4.02250   1.000 14.87101 ? 112 ARG A NH2 1 
ATOM   804  N  N   . GLU A 1 114 ? 6.63298   -5.21764  4.37798   1.000 9.69145  ? 113 GLU A N   1 
ATOM   805  C  CA  . GLU A 1 114 ? 6.07913   -3.91334  4.73544   1.000 9.73577  ? 113 GLU A CA  1 
ATOM   806  C  C   . GLU A 1 114 ? 5.66930   -3.13566  3.49287   1.000 9.10130  ? 113 GLU A C   1 
ATOM   807  O  O   . GLU A 1 114 ? 4.60655   -2.50643  3.47299   1.000 8.98445  ? 113 GLU A O   1 
ATOM   808  C  CB  . GLU A 1 114 ? 7.10011   -3.13316  5.56246   1.000 10.93036 ? 113 GLU A CB  1 
ATOM   809  C  CG  . GLU A 1 114 ? 6.60279   -1.77075  6.04464   1.000 11.39878 ? 113 GLU A CG  1 
ATOM   810  C  CD  . GLU A 1 114 ? 5.50683   -1.85650  7.10349   1.000 14.32329 ? 113 GLU A CD  1 
ATOM   811  O  OE1 . GLU A 1 114 ? 5.25739   -2.94560  7.67125   1.000 14.91269 ? 113 GLU A OE1 1 
ATOM   812  O  OE2 . GLU A 1 114 ? 4.87715   -0.81095  7.36126   1.000 15.06121 ? 113 GLU A OE2 1 
ATOM   813  N  N   . LEU A 1 115 ? 6.49367   -3.18239  2.43136   1.000 9.58462  ? 114 LEU A N   1 
ATOM   814  C  CA  . LEU A 1 115 ? 6.11710   -2.53227  1.17938   1.000 8.37601  ? 114 LEU A CA  1 
ATOM   815  C  C   . LEU A 1 115 ? 4.78010   -3.05334  0.67787   1.000 10.27641 ? 114 LEU A C   1 
ATOM   816  O  O   . LEU A 1 115 ? 3.93358   -2.27516  0.21753   1.000 8.25188  ? 114 LEU A O   1 
ATOM   817  C  CB  . LEU A 1 115 ? 7.20873   -2.75409  0.12102   1.000 9.51127  ? 114 LEU A CB  1 
ATOM   818  C  CG  . LEU A 1 115 ? 8.56198   -2.08166  0.36061   1.000 8.83704  ? 114 LEU A CG  1 
ATOM   819  C  CD1 . LEU A 1 115 ? 9.49864   -2.33234  -0.81406  1.000 10.01797 ? 114 LEU A CD1 1 
ATOM   820  C  CD2 . LEU A 1 115 ? 8.38693   -0.56582  0.56339   1.000 10.20150 ? 114 LEU A CD2 1 
ATOM   821  N  N   . GLY A 1 116 ? 4.56878   -4.37359  0.76571   1.000 8.70322  ? 115 GLY A N   1 
ATOM   822  C  CA  . GLY A 1 116 ? 3.30526   -4.94776  0.31607   1.000 8.69556  ? 115 GLY A CA  1 
ATOM   823  C  C   . GLY A 1 116 ? 2.12804   -4.52329  1.17415   1.000 9.56998  ? 115 GLY A C   1 
ATOM   824  O  O   . GLY A 1 116 ? 1.05076   -4.21763  0.65515   1.000 7.28755  ? 115 GLY A O   1 
ATOM   825  N  N   . PHE A 1 117 ? 2.31304   -4.49782  2.49419   1.000 8.22691  ? 116 PHE A N   1 
ATOM   826  C  CA  . PHE A 1 117 ? 1.24136   -4.04569  3.37282   1.000 10.15928 ? 116 PHE A CA  1 
ATOM   827  C  C   . PHE A 1 117 ? 0.85661   -2.60040  3.07259   1.000 9.77767  ? 116 PHE A C   1 
ATOM   828  O  O   . PHE A 1 117 ? -0.33202  -2.26918  2.99780   1.000 8.94513  ? 116 PHE A O   1 
ATOM   829  C  CB  . PHE A 1 117 ? 1.63575   -4.18002  4.84247   1.000 9.49252  ? 116 PHE A CB  1 
ATOM   830  C  CG  . PHE A 1 117 ? 0.60465   -3.57808  5.77081   1.000 17.32459 ? 116 PHE A CG  1 
ATOM   831  C  CD1 . PHE A 1 117 ? 0.63268   -2.21706  6.09076   1.000 20.61531 ? 116 PHE A CD1 1 
ATOM   832  C  CD2 . PHE A 1 117 ? -0.45238  -4.34835  6.23558   1.000 18.42231 ? 116 PHE A CD2 1 
ATOM   833  C  CE1 . PHE A 1 117 ? -0.34944  -1.65021  6.91267   1.000 24.06085 ? 116 PHE A CE1 1 
ATOM   834  C  CE2 . PHE A 1 117 ? -1.43691  -3.79390  7.06388   1.000 26.73649 ? 116 PHE A CE2 1 
ATOM   835  C  CZ  . PHE A 1 117 ? -1.38491  -2.43599  7.39429   1.000 26.44261 ? 116 PHE A CZ  1 
ATOM   836  N  N   . LEU A 1 118 ? 1.84970   -1.72111  2.92343   1.000 7.25638  ? 117 LEU A N   1 
ATOM   837  C  CA  . LEU A 1 118 ? 1.53440   -0.31943  2.63310   1.000 7.67192  ? 117 LEU A CA  1 
ATOM   838  C  C   . LEU A 1 118 ? 0.85579   -0.18935  1.27639   1.000 9.26032  ? 117 LEU A C   1 
ATOM   839  O  O   . LEU A 1 118 ? -0.05863  0.61763   1.10899   1.000 7.86165  ? 117 LEU A O   1 
ATOM   840  C  CB  . LEU A 1 118 ? 2.80151   0.52791   2.67526   1.000 8.50382  ? 117 LEU A CB  1 
ATOM   841  C  CG  . LEU A 1 118 ? 3.43247   0.60436   4.07299   1.000 10.03504 ? 117 LEU A CG  1 
ATOM   842  C  CD1 . LEU A 1 118 ? 4.81933   1.24714   4.00355   1.000 9.81036  ? 117 LEU A CD1 1 
ATOM   843  C  CD2 . LEU A 1 118 ? 2.49414   1.38905   5.00281   1.000 11.40273 ? 117 LEU A CD2 1 
ATOM   844  N  N   . ALA A 1 119 ? 1.29227   -0.98059  0.29198   1.000 7.97527  ? 118 ALA A N   1 
ATOM   845  C  CA  . ALA A 1 119 ? 0.61168   -0.97358  -0.99993  1.000 9.74085  ? 118 ALA A CA  1 
ATOM   846  C  C   . ALA A 1 119 ? -0.83200  -1.45003  -0.87703  1.000 9.26259  ? 118 ALA A C   1 
ATOM   847  O  O   . ALA A 1 119 ? -1.72988  -0.89535  -1.52314  1.000 9.86113  ? 118 ALA A O   1 
ATOM   848  C  CB  . ALA A 1 119 ? 1.38051   -1.84056  -2.00662  1.000 9.65622  ? 118 ALA A CB  1 
ATOM   849  N  N   . LEU A 1 120 ? -1.07642  -2.50608  -0.09234  1.000 6.93107  ? 119 LEU A N   1 
ATOM   850  C  CA  . LEU A 1 120 ? -2.45575  -2.96032  0.10377   1.000 9.14089  ? 119 LEU A CA  1 
ATOM   851  C  C   . LEU A 1 120 ? -3.28943  -1.87935  0.77441   1.000 9.39927  ? 119 LEU A C   1 
ATOM   852  O  O   . LEU A 1 120 ? -4.44622  -1.63445  0.40426   1.000 8.17843  ? 119 LEU A O   1 
ATOM   853  C  CB  . LEU A 1 120 ? -2.47846  -4.22320  0.96117   1.000 8.24683  ? 119 LEU A CB  1 
ATOM   854  C  CG  . LEU A 1 120 ? -3.88273  -4.70385  1.32211   1.000 11.01752 ? 119 LEU A CG  1 
ATOM   855  C  CD1 . LEU A 1 120 ? -4.61803  -5.09886  0.03557   1.000 9.98559  ? 119 LEU A CD1 1 
ATOM   856  C  CD2 . LEU A 1 120 ? -3.82910  -5.86946  2.28886   1.000 12.68569 ? 119 LEU A CD2 1 
ATOM   857  N  N   . HIS A 1 121 ? -2.72393  -1.24475  1.79137   1.000 10.06923 ? 120 HIS A N   1 
ATOM   858  C  CA  . HIS A 1 121 ? -3.44303  -0.18056  2.47546   1.000 11.52328 ? 120 HIS A CA  1 
ATOM   859  C  C   . HIS A 1 121 ? -3.81521  0.93903   1.50710   1.000 10.92618 ? 120 HIS A C   1 
ATOM   860  O  O   . HIS A 1 121 ? -4.96262  1.41129   1.48949   1.000 11.62989 ? 120 HIS A O   1 
ATOM   861  C  CB  . HIS A 1 121 ? -2.58238  0.36257   3.61116   1.000 12.43983 ? 120 HIS A CB  1 
ATOM   862  C  CG  . HIS A 1 121 ? -3.31091  1.33004   4.47353   1.000 10.73259 ? 120 HIS A CG  1 
ATOM   863  N  ND1 . HIS A 1 121 ? -4.35267  0.94157   5.28704   1.000 12.13051 ? 120 HIS A ND1 1 
ATOM   864  C  CD2 . HIS A 1 121 ? -3.19745  2.67308   4.61059   1.000 13.87522 ? 120 HIS A CD2 1 
ATOM   865  C  CE1 . HIS A 1 121 ? -4.83406  2.00330   5.91176   1.000 15.19141 ? 120 HIS A CE1 1 
ATOM   866  N  NE2 . HIS A 1 121 ? -4.14205  3.05739   5.52690   1.000 11.49706 ? 120 HIS A NE2 1 
ATOM   867  N  N   . GLY A 1 122 ? -2.84933  1.38421   0.69615   1.000 8.53048  ? 121 GLY A N   1 
ATOM   868  C  CA  . GLY A 1 122 ? -3.14210  2.41690   -0.28942  1.000 8.58801  ? 121 GLY A CA  1 
ATOM   869  C  C   . GLY A 1 122 ? -4.18211  1.97979   -1.30453  1.000 11.26396 ? 121 GLY A C   1 
ATOM   870  O  O   . GLY A 1 122 ? -5.05621  2.76092   -1.68710  1.000 10.82006 ? 121 GLY A O   1 
ATOM   871  N  N   . PHE A 1 123 ? -4.08639  0.72902   -1.76907  1.000 10.09783 ? 122 PHE A N   1 
ATOM   872  C  CA  . PHE A 1 123 ? -5.06962  0.19565   -2.70981  1.000 10.45448 ? 122 PHE A CA  1 
ATOM   873  C  C   . PHE A 1 123 ? -6.48887  0.29399   -2.14852  1.000 12.22550 ? 122 PHE A C   1 
ATOM   874  O  O   . PHE A 1 123 ? -7.42174  0.71871   -2.84337  1.000 10.17907 ? 122 PHE A O   1 
ATOM   875  C  CB  . PHE A 1 123 ? -4.71212  -1.25542  -3.03846  1.000 10.42935 ? 122 PHE A CB  1 
ATOM   876  C  CG  . PHE A 1 123 ? -5.71761  -1.95178  -3.92105  1.000 10.69693 ? 122 PHE A CG  1 
ATOM   877  C  CD1 . PHE A 1 123 ? -5.90265  -1.55536  -5.23766  1.000 14.58371 ? 122 PHE A CD1 1 
ATOM   878  C  CD2 . PHE A 1 123 ? -6.44720  -3.01771  -3.44002  1.000 12.83402 ? 122 PHE A CD2 1 
ATOM   879  C  CE1 . PHE A 1 123 ? -6.82961  -2.20256  -6.04598  1.000 19.24327 ? 122 PHE A CE1 1 
ATOM   880  C  CE2 . PHE A 1 123 ? -7.37304  -3.67615  -4.24828  1.000 15.11899 ? 122 PHE A CE2 1 
ATOM   881  C  CZ  . PHE A 1 123 ? -7.55830  -3.26021  -5.54655  1.000 14.57128 ? 122 PHE A CZ  1 
ATOM   882  N  N   . LEU A 1 124 ? -6.67270  -0.08881  -0.88566  1.000 8.46184  ? 123 LEU A N   1 
ATOM   883  C  CA  . LEU A 1 124 ? -8.00587  -0.01218  -0.29416  1.000 10.88517 ? 123 LEU A CA  1 
ATOM   884  C  C   . LEU A 1 124 ? -8.47918  1.43360   -0.21135  1.000 11.57048 ? 123 LEU A C   1 
ATOM   885  O  O   . LEU A 1 124 ? -9.66717  1.71734   -0.40680  1.000 11.78188 ? 123 LEU A O   1 
ATOM   886  C  CB  . LEU A 1 124 ? -7.98984  -0.67140  1.08011   1.000 10.23324 ? 123 LEU A CB  1 
ATOM   887  C  CG  . LEU A 1 124 ? -7.81132  -2.20476  1.05490   1.000 9.86368  ? 123 LEU A CG  1 
ATOM   888  C  CD1 . LEU A 1 124 ? -7.78725  -2.74192  2.46927   1.000 14.20807 ? 123 LEU A CD1 1 
ATOM   889  C  CD2 . LEU A 1 124 ? -8.92703  -2.88709  0.25559   1.000 12.35167 ? 123 LEU A CD2 1 
ATOM   890  N  N   . HIS A 1 125 ? -7.56150  2.36407   0.06918   1.000 10.24587 ? 124 HIS A N   1 
ATOM   891  C  CA  . HIS A 1 125 ? -7.90536  3.78624   0.01108   1.000 11.23818 ? 124 HIS A CA  1 
ATOM   892  C  C   . HIS A 1 125 ? -8.39751  4.18583   -1.37340  1.000 14.69851 ? 124 HIS A C   1 
ATOM   893  O  O   . HIS A 1 125 ? -9.36915  4.94565   -1.50202  1.000 12.16107 ? 124 HIS A O   1 
ATOM   894  C  CB  . HIS A 1 125 ? -6.69738  4.63312   0.38556   1.000 11.66092 ? 124 HIS A CB  1 
ATOM   895  C  CG  . HIS A 1 125 ? -6.61162  4.92377   1.84482   1.000 14.28922 ? 124 HIS A CG  1 
ATOM   896  N  ND1 . HIS A 1 125 ? -7.59718  5.61519   2.51591   1.000 16.03046 ? 124 HIS A ND1 1 
ATOM   897  C  CD2 . HIS A 1 125 ? -5.67602  4.60791   2.76747   1.000 13.80575 ? 124 HIS A CD2 1 
ATOM   898  C  CE1 . HIS A 1 125 ? -7.27040  5.71806   3.79081   1.000 15.29753 ? 124 HIS A CE1 1 
ATOM   899  N  NE2 . HIS A 1 125 ? -6.10882  5.11571   3.96918   1.000 13.40924 ? 124 HIS A NE2 1 
ATOM   900  N  N   . LEU A 1 126 ? -7.71756  3.71072   -2.42275  1.000 12.51892 ? 125 LEU A N   1 
ATOM   901  C  CA  . LEU A 1 126 ? -8.11432  4.06802   -3.78360  1.000 13.15183 ? 125 LEU A CA  1 
ATOM   902  C  C   . LEU A 1 126 ? -9.47186  3.48323   -4.14722  1.000 15.57220 ? 125 LEU A C   1 
ATOM   903  O  O   . LEU A 1 126 ? -10.14984 4.01162   -5.03547  1.000 18.08227 ? 125 LEU A O   1 
ATOM   904  C  CB  . LEU A 1 126 ? -7.07099  3.57559   -4.78814  1.000 11.46828 ? 125 LEU A CB  1 
ATOM   905  C  CG  . LEU A 1 126 ? -5.64023  4.09888   -4.65747  1.000 15.81634 ? 125 LEU A CG  1 
ATOM   906  C  CD1 . LEU A 1 126 ? -4.78264  3.49773   -5.78146  1.000 16.98151 ? 125 LEU A CD1 1 
ATOM   907  C  CD2 . LEU A 1 126 ? -5.57185  5.62956   -4.60526  1.000 16.30310 ? 125 LEU A CD2 1 
ATOM   908  N  N   . LEU A 1 127 ? -9.88022  2.40602   -3.48773  1.000 11.03670 ? 126 LEU A N   1 
ATOM   909  C  CA  . LEU A 1 127 ? -11.20686 1.85048   -3.71168  1.000 15.74606 ? 126 LEU A CA  1 
ATOM   910  C  C   . LEU A 1 127 ? -12.29832 2.61998   -2.97848  1.000 17.27870 ? 126 LEU A C   1 
ATOM   911  O  O   . LEU A 1 127 ? -13.48265 2.33257   -3.18238  1.000 21.08691 ? 126 LEU A O   1 
ATOM   912  C  CB  . LEU A 1 127 ? -11.25590 0.38385   -3.28541  1.000 14.63427 ? 126 LEU A CB  1 
ATOM   913  C  CG  . LEU A 1 127 ? -10.33171 -0.59269  -4.01984  1.000 15.99209 ? 126 LEU A CG  1 
ATOM   914  C  CD1 . LEU A 1 127 ? -10.59650 -2.02894  -3.53886  1.000 14.85719 ? 126 LEU A CD1 1 
ATOM   915  C  CD2 . LEU A 1 127 ? -10.48261 -0.45603  -5.52545  1.000 17.91697 ? 126 LEU A CD2 1 
ATOM   916  N  N   . GLY A 1 128 ? -11.94018 3.57662   -2.13030  1.000 16.93397 ? 127 GLY A N   1 
ATOM   917  C  CA  . GLY A 1 128 ? -12.92335 4.36680   -1.41433  1.000 16.58128 ? 127 GLY A CA  1 
ATOM   918  C  C   . GLY A 1 128 ? -13.04824 4.05393   0.05942   1.000 18.46112 ? 127 GLY A C   1 
ATOM   919  O  O   . GLY A 1 128 ? -13.86747 4.68511   0.73755   1.000 18.33671 ? 127 GLY A O   1 
ATOM   920  N  N   . TYR A 1 129 ? -12.26900 3.11850   0.59155   1.000 13.05486 ? 128 TYR A N   1 
ATOM   921  C  CA  . TYR A 1 129 ? -12.28786 2.88803   2.02951   1.000 16.47906 ? 128 TYR A CA  1 
ATOM   922  C  C   . TYR A 1 129 ? -11.53357 4.00076   2.73776   1.000 14.04633 ? 128 TYR A C   1 
ATOM   923  O  O   . TYR A 1 129 ? -10.63373 4.61881   2.17070   1.000 15.23069 ? 128 TYR A O   1 
ATOM   924  C  CB  . TYR A 1 129 ? -11.64847 1.53967   2.38876   1.000 12.18450 ? 128 TYR A CB  1 
ATOM   925  C  CG  . TYR A 1 129 ? -12.40619 0.32676   1.88919   1.000 14.74163 ? 128 TYR A CG  1 
ATOM   926  C  CD1 . TYR A 1 129 ? -13.45146 -0.21911  2.63344   1.000 16.50607 ? 128 TYR A CD1 1 
ATOM   927  C  CD2 . TYR A 1 129 ? -12.04213 -0.30937  0.69683   1.000 14.41994 ? 128 TYR A CD2 1 
ATOM   928  C  CE1 . TYR A 1 129 ? -14.13042 -1.34270  2.19114   1.000 18.54484 ? 128 TYR A CE1 1 
ATOM   929  C  CE2 . TYR A 1 129 ? -12.72142 -1.43398  0.24633   1.000 14.59608 ? 128 TYR A CE2 1 
ATOM   930  C  CZ  . TYR A 1 129 ? -13.75611 -1.94915  1.00093   1.000 18.66511 ? 128 TYR A CZ  1 
ATOM   931  O  OH  . TYR A 1 129 ? -14.43860 -3.06032  0.56568   1.000 17.59687 ? 128 TYR A OH  1 
ATOM   932  N  N   . ASP A 1 130 ? -11.88930 4.24406   4.00000   1.000 12.03909 ? 129 ASP A N   1 
ATOM   933  C  CA  . ASP A 1 130 ? -11.11679 5.15727   4.82779   1.000 15.80282 ? 129 ASP A CA  1 
ATOM   934  C  C   . ASP A 1 130 ? -11.24228 4.72104   6.28033   1.000 15.66070 ? 129 ASP A C   1 
ATOM   935  O  O   . ASP A 1 130 ? -11.97536 3.78182   6.60876   1.000 16.23096 ? 129 ASP A O   1 
ATOM   936  C  CB  . ASP A 1 130 ? -11.56910 6.60958   4.64499   1.000 19.21493 ? 129 ASP A CB  1 
ATOM   937  C  CG  . ASP A 1 130 ? -10.43325 7.61269   4.83131   1.000 19.41227 ? 129 ASP A CG  1 
ATOM   938  O  OD1 . ASP A 1 130 ? -9.42223  7.31444   5.52210   1.000 17.67586 ? 129 ASP A OD1 1 
ATOM   939  O  OD2 . ASP A 1 130 ? -10.55851 8.73717   4.29652   1.000 24.79301 ? 129 ASP A OD2 1 
ATOM   940  N  N   . HIS A 1 131 ? -10.48220 5.38307   7.14820   1.000 13.28487 ? 130 HIS A N   1 
ATOM   941  C  CA  . HIS A 1 131 ? -10.45465 5.00479   8.55509   1.000 15.20616 ? 130 HIS A CA  1 
ATOM   942  C  C   . HIS A 1 131 ? -10.37122 6.23657   9.43868   1.000 15.32280 ? 130 HIS A C   1 
ATOM   943  O  O   . HIS A 1 131 ? -9.68167  6.24551   10.46091  1.000 15.37874 ? 130 HIS A O   1 
ATOM   944  C  CB  . HIS A 1 131 ? -9.29865  4.05368   8.85869   1.000 13.45446 ? 130 HIS A CB  1 
ATOM   945  C  CG  . HIS A 1 131 ? -7.97525  4.54079   8.38362   1.000 14.67198 ? 130 HIS A CG  1 
ATOM   946  N  ND1 . HIS A 1 131 ? -7.09832  5.22501   9.19375   1.000 17.23885 ? 130 HIS A ND1 1 
ATOM   947  C  CD2 . HIS A 1 131 ? -7.36848  4.43016   7.17739   1.000 15.17712 ? 130 HIS A CD2 1 
ATOM   948  C  CE1 . HIS A 1 131 ? -6.00580  5.51356   8.51125   1.000 21.15684 ? 130 HIS A CE1 1 
ATOM   949  N  NE2 . HIS A 1 131 ? -6.14803  5.04093   7.28741   1.000 15.43151 ? 130 HIS A NE2 1 
ATOM   950  N  N   . MET A 1 132 ? -11.06568 7.29338   9.05306   1.000 16.68141 ? 131 MET A N   1 
ATOM   951  C  CA  . MET A 1 132 ? -11.04444 8.50662   9.84933   1.000 16.16476 ? 131 MET A CA  1 
ATOM   952  C  C   . MET A 1 132 ? -12.11867 8.51471   10.92427  1.000 16.17230 ? 131 MET A C   1 
ATOM   953  O  O   . MET A 1 132 ? -12.02085 9.29875   11.87175  1.000 18.13294 ? 131 MET A O   1 
ATOM   954  C  CB  . MET A 1 132 ? -11.20169 9.71621   8.94105   1.000 17.84389 ? 131 MET A CB  1 
ATOM   955  C  CG  . MET A 1 132 ? -9.97416  9.88025   8.05895   1.000 18.99147 ? 131 MET A CG  1 
ATOM   956  S  SD  . MET A 1 132 ? -9.88882  11.53858  7.47137   1.000 28.97894 ? 131 MET A SD  1 
ATOM   957  C  CE  . MET A 1 132 ? -9.22238  12.17542  8.96965   1.000 17.77188 ? 131 MET A CE  1 
ATOM   958  N  N   . THR A 1 133 ? -13.14395 7.69079   10.78572  1.000 16.74366 ? 132 THR A N   1 
ATOM   959  C  CA  . THR A 1 133 ? -14.08067 7.42958   11.86852  1.000 19.76456 ? 132 THR A CA  1 
ATOM   960  C  C   . THR A 1 133 ? -13.93782 5.98631   12.33068  1.000 18.85476 ? 132 THR A C   1 
ATOM   961  O  O   . THR A 1 133 ? -13.35487 5.14655   11.64561  1.000 15.91970 ? 132 THR A O   1 
ATOM   962  C  CB  . THR A 1 133 ? -15.52987 7.71404   11.44373  1.000 16.74696 ? 132 THR A CB  1 
ATOM   963  O  OG1 . THR A 1 133 ? -15.94464 6.78949   10.43399  1.000 17.20156 ? 132 THR A OG1 1 
ATOM   964  C  CG2 . THR A 1 133 ? -15.65596 9.12361   10.90015  1.000 19.61883 ? 132 THR A CG2 1 
ATOM   965  N  N   . GLU A 1 134 ? -14.48169 5.70254   13.51507  1.000 17.96898 ? 133 GLU A N   1 
ATOM   966  C  CA  . GLU A 1 134 ? -14.41356 4.34827   14.04296  1.000 19.48174 ? 133 GLU A CA  1 
ATOM   967  C  C   . GLU A 1 134 ? -15.20124 3.38697   13.17039  1.000 18.92797 ? 133 GLU A C   1 
ATOM   968  O  O   . GLU A 1 134 ? -14.76600 2.25044   12.94342  1.000 20.39501 ? 133 GLU A O   1 
ATOM   969  C  CB  . GLU A 1 134 ? -14.92687 4.31662   15.48545  1.000 21.13224 ? 133 GLU A CB  1 
ATOM   970  C  CG  . GLU A 1 134 ? -13.97293 4.94708   16.47549  1.000 24.74721 ? 133 GLU A CG  1 
ATOM   971  C  CD  . GLU A 1 134 ? -14.52334 4.94640   17.88674  1.000 32.30740 ? 133 GLU A CD  1 
ATOM   972  O  OE1 . GLU A 1 134 ? -15.51209 4.22037   18.13682  1.000 31.04399 ? 133 GLU A OE1 1 
ATOM   973  O  OE2 . GLU A 1 134 ? -13.96860 5.67537   18.73809  1.000 38.72750 ? 133 GLU A OE2 1 
ATOM   974  N  N   . ALA A 1 135 ? -16.36367 3.82003   12.66614  1.000 15.29340 ? 134 ALA A N   1 
ATOM   975  C  CA  . ALA A 1 135 ? -17.15222 2.94086   11.80923  1.000 19.49996 ? 134 ALA A CA  1 
ATOM   976  C  C   . ALA A 1 135 ? -16.44048 2.66678   10.49119  1.000 19.15485 ? 134 ALA A C   1 
ATOM   977  O  O   . ALA A 1 135 ? -16.41710 1.52346   10.01989  1.000 18.16796 ? 134 ALA A O   1 
ATOM   978  C  CB  . ALA A 1 135 ? -18.52662 3.54053   11.54691  1.000 21.16187 ? 134 ALA A CB  1 
ATOM   979  N  N   . ASP A 1 136 ? -15.87358 3.70504   9.86835   1.000 18.83537 ? 135 ASP A N   1 
ATOM   980  C  CA  . ASP A 1 136 ? -15.11272 3.49238   8.64145   1.000 17.42450 ? 135 ASP A CA  1 
ATOM   981  C  C   . ASP A 1 136 ? -13.89350 2.61594   8.89389   1.000 16.13526 ? 135 ASP A C   1 
ATOM   982  O  O   . ASP A 1 136 ? -13.57503 1.73613   8.08165   1.000 18.19372 ? 135 ASP A O   1 
ATOM   983  C  CB  . ASP A 1 136 ? -14.66843 4.82602   8.04761   1.000 17.54643 ? 135 ASP A CB  1 
ATOM   984  C  CG  . ASP A 1 136 ? -15.81146 5.62542   7.46963   1.000 20.76066 ? 135 ASP A CG  1 
ATOM   985  O  OD1 . ASP A 1 136 ? -16.93619 5.10118   7.36362   1.000 21.41651 ? 135 ASP A OD1 1 
ATOM   986  O  OD2 . ASP A 1 136 ? -15.56085 6.78261   7.08832   1.000 27.10368 ? 135 ASP A OD2 1 
ATOM   987  N  N   . GLU A 1 137 ? -13.17686 2.87672   9.98953   1.000 15.08137 ? 136 GLU A N   1 
ATOM   988  C  CA  . GLU A 1 137 ? -11.99257 2.09133   10.31388  1.000 15.89728 ? 136 GLU A CA  1 
ATOM   989  C  C   . GLU A 1 137 ? -12.34349 0.62476   10.50317  1.000 22.61516 ? 136 GLU A C   1 
ATOM   990  O  O   . GLU A 1 137 ? -11.63130 -0.26109  10.01690  1.000 18.05859 ? 136 GLU A O   1 
ATOM   991  C  CB  . GLU A 1 137 ? -11.32051 2.64204   11.56365  1.000 18.50979 ? 136 GLU A CB  1 
ATOM   992  C  CG  . GLU A 1 137 ? -10.07807 1.87542   11.96066  1.000 20.96840 ? 136 GLU A CG  1 
ATOM   993  C  CD  . GLU A 1 137 ? -9.37104  2.46891   13.16282  1.000 28.68557 ? 136 GLU A CD  1 
ATOM   994  O  OE1 . GLU A 1 137 ? -8.78512  3.56772   13.04719  1.000 31.93753 ? 136 GLU A OE1 1 
ATOM   995  O  OE2 . GLU A 1 137 ? -9.39412  1.83070   14.22870  1.000 32.55950 ? 136 GLU A OE2 1 
ATOM   996  N  N   . LYS A 1 138 ? -13.44328 0.34589   11.20182  1.000 18.33729 ? 137 LYS A N   1 
ATOM   997  C  CA  . LYS A 1 138 ? -13.84465 -1.04394  11.38851  1.000 19.69307 ? 137 LYS A CA  1 
ATOM   998  C  C   . LYS A 1 138 ? -14.11693 -1.71854  10.05272  1.000 17.79669 ? 137 LYS A C   1 
ATOM   999  O  O   . LYS A 1 138 ? -13.67569 -2.85178  9.82035   1.000 21.07194 ? 137 LYS A O   1 
ATOM   1000 C  CB  . LYS A 1 138 ? -15.06853 -1.11573  12.30223  1.000 19.98593 ? 137 LYS A CB  1 
ATOM   1001 C  CG  . LYS A 1 138 ? -15.61970 -2.51956  12.48648  1.000 26.46807 ? 137 LYS A CG  1 
ATOM   1002 C  CD  . LYS A 1 138 ? -16.98005 -2.49919  13.18368  1.000 30.25990 ? 137 LYS A CD  1 
ATOM   1003 C  CE  . LYS A 1 138 ? -17.54188 -3.91207  13.31311  1.000 38.12269 ? 137 LYS A CE  1 
ATOM   1004 N  NZ  . LYS A 1 138 ? -18.33656 -4.07660  14.55899  1.000 38.13660 ? 137 LYS A NZ  1 
ATOM   1005 N  N   . GLU A 1 139 ? -14.82386 -1.03368  9.15305   1.000 17.24403 ? 138 GLU A N   1 
ATOM   1006 C  CA  . GLU A 1 139 ? -15.07136 -1.58981  7.82870   1.000 17.48054 ? 138 GLU A CA  1 
ATOM   1007 C  C   . GLU A 1 139 ? -13.76621 -1.80983  7.06908   1.000 20.57109 ? 138 GLU A C   1 
ATOM   1008 O  O   . GLU A 1 139 ? -13.55705 -2.86660  6.45706   1.000 18.96691 ? 138 GLU A O   1 
ATOM   1009 C  CB  . GLU A 1 139 ? -15.98990 -0.66881  7.03453   1.000 16.54084 ? 138 GLU A CB  1 
ATOM   1010 C  CG  . GLU A 1 139 ? -16.21435 -1.12168  5.60860   1.000 21.69056 ? 138 GLU A CG  1 
ATOM   1011 C  CD  . GLU A 1 139 ? -17.03608 -0.13515  4.81904   1.000 26.42389 ? 138 GLU A CD  1 
ATOM   1012 O  OE1 . GLU A 1 139 ? -16.70569 1.07004   4.84105   1.000 29.16510 ? 138 GLU A OE1 1 
ATOM   1013 O  OE2 . GLU A 1 139 ? -18.01372 -0.56422  4.17686   1.000 30.50049 ? 138 GLU A OE2 1 
ATOM   1014 N  N   . MET A 1 140 ? -12.88292 -0.81661  7.07971   1.000 15.00389 ? 139 MET A N   1 
ATOM   1015 C  CA  . MET A 1 140 ? -11.71992 -0.89560  6.20396   1.000 17.70588 ? 139 MET A CA  1 
ATOM   1016 C  C   . MET A 1 140 ? -10.69000 -1.87149  6.75105   1.000 16.18254 ? 139 MET A C   1 
ATOM   1017 O  O   . MET A 1 140 ? -10.17543 -2.71746  6.00996   1.000 13.42161 ? 139 MET A O   1 
ATOM   1018 C  CB  . MET A 1 140 ? -11.10497 0.48722   5.99988   1.000 16.45501 ? 139 MET A CB  1 
ATOM   1019 C  CG  . MET A 1 140 ? -9.73410  0.42302   5.32813   1.000 15.24604 ? 139 MET A CG  1 
ATOM   1020 S  SD  . MET A 1 140 ? -9.00649  2.05136   5.09217   1.000 14.05659 ? 139 MET A SD  1 
ATOM   1021 C  CE  . MET A 1 140 ? -7.76824  1.71840   3.82196   1.000 13.71969 ? 139 MET A CE  1 
ATOM   1022 N  N   . PHE A 1 141 ? -10.36413 -1.76909  8.04565   1.000 15.38986 ? 140 PHE A N   1 
ATOM   1023 C  CA  . PHE A 1 141 ? -9.45150  -2.76124  8.61010   1.000 16.50904 ? 140 PHE A CA  1 
ATOM   1024 C  C   . PHE A 1 141 ? -10.06131 -4.15555  8.64061   1.000 19.73945 ? 140 PHE A C   1 
ATOM   1025 O  O   . PHE A 1 141 ? -9.32138  -5.14520  8.59117   1.000 18.24656 ? 140 PHE A O   1 
ATOM   1026 C  CB  . PHE A 1 141 ? -8.95527  -2.37926  10.00607  1.000 18.46978 ? 140 PHE A CB  1 
ATOM   1027 C  CG  . PHE A 1 141 ? -8.22955  -1.06685  10.07160  1.000 18.44268 ? 140 PHE A CG  1 
ATOM   1028 C  CD1 . PHE A 1 141 ? -7.89812  -0.36665  8.92273   1.000 22.46946 ? 140 PHE A CD1 1 
ATOM   1029 C  CD2 . PHE A 1 141 ? -7.75134  -0.60131  11.28470  1.000 30.27948 ? 140 PHE A CD2 1 
ATOM   1030 C  CE1 . PHE A 1 141 ? -7.19688  0.82460   8.98921   1.000 21.07675 ? 140 PHE A CE1 1 
ATOM   1031 C  CE2 . PHE A 1 141 ? -7.02984  0.57935   11.35419  1.000 32.32016 ? 140 PHE A CE2 1 
ATOM   1032 C  CZ  . PHE A 1 141 ? -6.75461  1.28940   10.19457  1.000 25.04188 ? 140 PHE A CZ  1 
ATOM   1033 N  N   . GLY A 1 142 ? -11.38695 -4.26869  8.71114   1.000 18.01461 ? 141 GLY A N   1 
ATOM   1034 C  CA  . GLY A 1 142 ? -11.99654 -5.58158  8.57771   1.000 21.41996 ? 141 GLY A CA  1 
ATOM   1035 C  C   . GLY A 1 142 ? -11.69009 -6.21786  7.23302   1.000 19.59948 ? 141 GLY A C   1 
ATOM   1036 O  O   . GLY A 1 142 ? -11.36764 -7.41199  7.15078   1.000 17.23280 ? 141 GLY A O   1 
ATOM   1037 N  N   . ARG A 1 143 ? -11.78825 -5.42821  6.16067   1.000 14.72449 ? 142 ARG A N   1 
ATOM   1038 C  CA  . ARG A 1 143 ? -11.43701 -5.92250  4.83188   1.000 16.17205 ? 142 ARG A CA  1 
ATOM   1039 C  C   . ARG A 1 143 ? -9.94586  -6.21736  4.73490   1.000 15.20611 ? 142 ARG A C   1 
ATOM   1040 O  O   . ARG A 1 143 ? -9.54317  -7.24521  4.17220   1.000 12.47548 ? 142 ARG A O   1 
ATOM   1041 C  CB  . ARG A 1 143 ? -11.83997 -4.90398  3.76464   1.000 16.68766 ? 142 ARG A CB  1 
ATOM   1042 C  CG  . ARG A 1 143 ? -13.35290 -4.72805  3.57562   1.000 17.53974 ? 142 ARG A CG  1 
ATOM   1043 C  CD  . ARG A 1 143 ? -14.03366 -6.05600  3.32053   1.000 18.68211 ? 142 ARG A CD  1 
ATOM   1044 N  NE  . ARG A 1 143 ? -13.56992 -6.62982  2.06362   1.000 18.60111 ? 142 ARG A NE  1 
ATOM   1045 C  CZ  . ARG A 1 143 ? -13.38940 -7.92661  1.85197   1.000 23.61948 ? 142 ARG A CZ  1 
ATOM   1046 N  NH1 . ARG A 1 143 ? -13.67469 -8.82680  2.78030   1.000 22.24336 ? 142 ARG A NH1 1 
ATOM   1047 N  NH2 . ARG A 1 143 ? -12.89643 -8.32960  0.68555   1.000 24.58948 ? 142 ARG A NH2 1 
ATOM   1048 N  N   . GLN A 1 144 ? -9.11501  -5.30755  5.25091   1.000 12.76330 ? 143 GLN A N   1 
ATOM   1049 C  CA  . GLN A 1 144 ? -7.66792  -5.49852  5.23138   1.000 15.74528 ? 143 GLN A CA  1 
ATOM   1050 C  C   . GLN A 1 144 ? -7.27260  -6.78477  5.93935   1.000 15.22073 ? 143 GLN A C   1 
ATOM   1051 O  O   . GLN A 1 144 ? -6.47481  -7.58133  5.42300   1.000 12.51895 ? 143 GLN A O   1 
ATOM   1052 C  CB  . GLN A 1 144 ? -7.00964  -4.29449  5.90316   1.000 14.22723 ? 143 GLN A CB  1 
ATOM   1053 C  CG  . GLN A 1 144 ? -5.63007  -3.96445  5.46463   1.000 20.98392 ? 143 GLN A CG  1 
ATOM   1054 C  CD  . GLN A 1 144 ? -5.22516  -2.60177  5.99310   1.000 18.10966 ? 143 GLN A CD  1 
ATOM   1055 O  OE1 . GLN A 1 144 ? -5.27331  -1.60615  5.27266   1.000 19.46782 ? 143 GLN A OE1 1 
ATOM   1056 N  NE2 . GLN A 1 144 ? -4.87714  -2.54810  7.26274   1.000 17.11527 ? 143 GLN A NE2 1 
ATOM   1057 N  N   . ASP A 1 145 ? -7.82624  -7.00682  7.13298   1.000 13.49836 ? 144 ASP A N   1 
ATOM   1058 C  CA  . ASP A 1 145 ? -7.51736  -8.22747  7.87458   1.000 16.04011 ? 144 ASP A CA  1 
ATOM   1059 C  C   . ASP A 1 145 ? -8.00660  -9.46480  7.13520   1.000 16.77144 ? 144 ASP A C   1 
ATOM   1060 O  O   . ASP A 1 145 ? -7.30826  -10.48688 7.08772   1.000 16.09597 ? 144 ASP A O   1 
ATOM   1061 C  CB  . ASP A 1 145 ? -8.14611  -8.16767  9.27313   1.000 17.24533 ? 144 ASP A CB  1 
ATOM   1062 C  CG  . ASP A 1 145 ? -7.49906  -7.13143  10.17888  1.000 22.49892 ? 144 ASP A CG  1 
ATOM   1063 O  OD1 . ASP A 1 145 ? -6.35425  -6.71023  9.92249   1.000 19.57243 ? 144 ASP A OD1 1 
ATOM   1064 O  OD2 . ASP A 1 145 ? -8.15129  -6.73576  11.16743  1.000 26.25110 ? 144 ASP A OD2 1 
ATOM   1065 N  N   . THR A 1 146 ? -9.22026  -9.40458  6.57807   1.000 15.50673 ? 145 THR A N   1 
ATOM   1066 C  CA  . THR A 1 146 ? -9.77380  -10.55461 5.87635   1.000 16.39131 ? 145 THR A CA  1 
ATOM   1067 C  C   . THR A 1 146 ? -8.92583  -10.91700 4.66326   1.000 16.46408 ? 145 THR A C   1 
ATOM   1068 O  O   . THR A 1 146 ? -8.63562  -12.09832 4.43154   1.000 16.33932 ? 145 THR A O   1 
ATOM   1069 C  CB  . THR A 1 146 ? -11.22363 -10.26840 5.46412   1.000 15.86505 ? 145 THR A CB  1 
ATOM   1070 O  OG1 . THR A 1 146 ? -12.00111 -9.97780  6.63465   1.000 17.89156 ? 145 THR A OG1 1 
ATOM   1071 C  CG2 . THR A 1 146 ? -11.82703 -11.46026 4.75167   1.000 17.82777 ? 145 THR A CG2 1 
ATOM   1072 N  N   . ILE A 1 147 ? -8.50021  -9.91042  3.89460   1.000 11.96154 ? 146 ILE A N   1 
ATOM   1073 C  CA  . ILE A 1 147 ? -7.67666  -10.15360 2.71596   1.000 12.74318 ? 146 ILE A CA  1 
ATOM   1074 C  C   . ILE A 1 147 ? -6.33092  -10.73514 3.12272   1.000 13.57050 ? 146 ILE A C   1 
ATOM   1075 O  O   . ILE A 1 147 ? -5.86552  -11.73113 2.55218   1.000 14.13859 ? 146 ILE A O   1 
ATOM   1076 C  CB  . ILE A 1 147 ? -7.51205  -8.85601  1.90548   1.000 13.01907 ? 146 ILE A CB  1 
ATOM   1077 C  CG1 . ILE A 1 147 ? -8.85152  -8.43994  1.27984   1.000 13.47196 ? 146 ILE A CG1 1 
ATOM   1078 C  CG2 . ILE A 1 147 ? -6.45064  -9.02469  0.83659   1.000 11.76190 ? 146 ILE A CG2 1 
ATOM   1079 C  CD1 . ILE A 1 147 ? -8.85248  -6.98437  0.75295   1.000 13.37438 ? 146 ILE A CD1 1 
ATOM   1080 N  N   . LEU A 1 148 ? -5.68132  -10.12302 4.11576   1.000 10.47306 ? 147 LEU A N   1 
ATOM   1081 C  CA  . LEU A 1 148 ? -4.37795  -10.62554 4.54144   1.000 13.17611 ? 147 LEU A CA  1 
ATOM   1082 C  C   . LEU A 1 148 ? -4.49403  -12.05311 5.05671   1.000 12.07765 ? 147 LEU A C   1 
ATOM   1083 O  O   . LEU A 1 148 ? -3.67325  -12.90773 4.71833   1.000 12.43322 ? 147 LEU A O   1 
ATOM   1084 C  CB  . LEU A 1 148 ? -3.77212  -9.70990  5.60604   1.000 13.51273 ? 147 LEU A CB  1 
ATOM   1085 C  CG  . LEU A 1 148 ? -3.27497  -8.35642  5.08879   1.000 12.49931 ? 147 LEU A CG  1 
ATOM   1086 C  CD1 . LEU A 1 148 ? -3.05707  -7.40708  6.25902   1.000 15.58069 ? 147 LEU A CD1 1 
ATOM   1087 C  CD2 . LEU A 1 148 ? -1.98691  -8.54325  4.27920   1.000 12.53951 ? 147 LEU A CD2 1 
ATOM   1088 N  N   . ASN A 1 149 ? -5.51755  -12.33504 5.86333   1.000 14.73920 ? 148 ASN A N   1 
ATOM   1089 C  CA  . ASN A 1 149 ? -5.69327  -13.70006 6.35728   1.000 17.09988 ? 148 ASN A CA  1 
ATOM   1090 C  C   . ASN A 1 149 ? -5.94072  -14.68565 5.21048   1.000 15.88151 ? 148 ASN A C   1 
ATOM   1091 O  O   . ASN A 1 149 ? -5.36379  -15.78597 5.19203   1.000 15.27961 ? 148 ASN A O   1 
ATOM   1092 C  CB  . ASN A 1 149 ? -6.83516  -13.74986 7.37451   1.000 18.44336 ? 148 ASN A CB  1 
ATOM   1093 C  CG  . ASN A 1 149 ? -6.45010  -13.16402 8.72709   1.000 19.31272 ? 148 ASN A CG  1 
ATOM   1094 O  OD1 . ASN A 1 149 ? -5.27550  -13.07938 9.07765   1.000 19.18015 ? 148 ASN A OD1 1 
ATOM   1095 N  ND2 . ASN A 1 149 ? -7.45391  -12.77437 9.50472   1.000 19.30680 ? 148 ASN A ND2 1 
ATOM   1096 N  N   . ALA A 1 150 ? -6.77918  -14.31387 4.23625   1.000 13.99626 ? 149 ALA A N   1 
ATOM   1097 C  CA  . ALA A 1 150 ? -7.07070  -15.22834 3.13164   1.000 13.16898 ? 149 ALA A CA  1 
ATOM   1098 C  C   . ALA A 1 150 ? -5.84754  -15.46802 2.25263   1.000 18.48402 ? 149 ALA A C   1 
ATOM   1099 O  O   . ALA A 1 150 ? -5.73990  -16.51649 1.59190   1.000 14.82753 ? 149 ALA A O   1 
ATOM   1100 C  CB  . ALA A 1 150 ? -8.22665  -14.68727 2.29362   1.000 18.19362 ? 149 ALA A CB  1 
ATOM   1101 N  N   . TYR A 1 151 ? -4.92274  -14.51333 2.22039   1.000 12.61454 ? 150 TYR A N   1 
ATOM   1102 C  CA  . TYR A 1 151 ? -3.68156  -14.65568 1.47310   1.000 12.43875 ? 150 TYR A CA  1 
ATOM   1103 C  C   . TYR A 1 151 ? -2.63527  -15.46544 2.22262   1.000 14.11732 ? 150 TYR A C   1 
ATOM   1104 O  O   . TYR A 1 151 ? -1.57585  -15.75168 1.65327   1.000 16.50086 ? 150 TYR A O   1 
ATOM   1105 C  CB  . TYR A 1 151 ? -3.10775  -13.27141 1.16232   1.000 13.17307 ? 150 TYR A CB  1 
ATOM   1106 C  CG  . TYR A 1 151 ? -2.14694  -13.22625 0.00616   1.000 12.84410 ? 150 TYR A CG  1 
ATOM   1107 C  CD1 . TYR A 1 151 ? -2.57767  -13.51882 -1.27728  1.000 14.46560 ? 150 TYR A CD1 1 
ATOM   1108 C  CD2 . TYR A 1 151 ? -0.82386  -12.84734 0.18651   1.000 14.87376 ? 150 TYR A CD2 1 
ATOM   1109 C  CE1 . TYR A 1 151 ? -1.71334  -13.47033 -2.35738  1.000 15.64376 ? 150 TYR A CE1 1 
ATOM   1110 C  CE2 . TYR A 1 151 ? 0.05401   -12.78639 -0.89655  1.000 17.77770 ? 150 TYR A CE2 1 
ATOM   1111 C  CZ  . TYR A 1 151 ? -0.41347  -13.10393 -2.16544  1.000 19.63820 ? 150 TYR A CZ  1 
ATOM   1112 O  OH  . TYR A 1 151 ? 0.41427   -13.05619 -3.26079  1.000 24.15232 ? 150 TYR A OH  1 
ATOM   1113 N  N   . GLY A 1 152 ? -2.88945  -15.79392 3.49297   1.000 14.31826 ? 151 GLY A N   1 
ATOM   1114 C  CA  . GLY A 1 152 ? -1.95959  -16.53366 4.31952   1.000 15.58652 ? 151 GLY A CA  1 
ATOM   1115 C  C   . GLY A 1 152 ? -1.17560  -15.70294 5.30676   1.000 15.83144 ? 151 GLY A C   1 
ATOM   1116 O  O   . GLY A 1 152 ? -0.39581  -16.26842 6.08292   1.000 12.58588 ? 151 GLY A O   1 
ATOM   1117 N  N   . LEU A 1 153 ? -1.34888  -14.37670 5.31133   1.000 14.98408 ? 152 LEU A N   1 
ATOM   1118 C  CA  . LEU A 1 153 ? -0.58140  -13.52304 6.22662   1.000 14.29993 ? 152 LEU A CA  1 
ATOM   1119 C  C   . LEU A 1 153 ? -1.34224  -13.36939 7.54187   1.000 18.14748 ? 152 LEU A C   1 
ATOM   1120 O  O   . LEU A 1 153 ? -1.88627  -12.32201 7.87194   1.000 16.87104 ? 152 LEU A O   1 
ATOM   1121 C  CB  . LEU A 1 153 ? -0.27586  -12.17346 5.57765   1.000 13.30518 ? 152 LEU A CB  1 
ATOM   1122 C  CG  . LEU A 1 153 ? 0.45002   -12.27482 4.23066   1.000 15.41544 ? 152 LEU A CG  1 
ATOM   1123 C  CD1 . LEU A 1 153 ? 0.56702   -10.94010 3.49922   1.000 17.30008 ? 152 LEU A CD1 1 
ATOM   1124 C  CD2 . LEU A 1 153 ? 1.82409   -12.88202 4.44528   1.000 18.21854 ? 152 LEU A CD2 1 
ATOM   1125 N  N   . THR A 1 154 ? -1.35159  -14.45417 8.31752   1.000 14.78857 ? 153 THR A N   1 
ATOM   1126 C  CA  . THR A 1 154 ? -2.21980  -14.54239 9.48146   1.000 15.21830 ? 153 THR A CA  1 
ATOM   1127 C  C   . THR A 1 154 ? -1.55332  -14.10146 10.77951  1.000 15.84616 ? 153 THR A C   1 
ATOM   1128 O  O   . THR A 1 154 ? -2.25398  -13.90787 11.77198  1.000 17.43790 ? 153 THR A O   1 
ATOM   1129 C  CB  . THR A 1 154 ? -2.74040  -15.98013 9.63110   1.000 17.30610 ? 153 THR A CB  1 
ATOM   1130 O  OG1 . THR A 1 154 ? -1.63579  -16.83218 9.95126   1.000 16.10706 ? 153 THR A OG1 1 
ATOM   1131 C  CG2 . THR A 1 154 ? -3.37883  -16.45344 8.34810   1.000 14.68022 ? 153 THR A CG2 1 
ATOM   1132 N  N   . ARG A 1 155 ? -0.23538  -13.91496 10.80816  1.000 14.03206 ? 154 ARG A N   1 
ATOM   1133 C  CA  . ARG A 1 155 ? 0.41351   -13.49321 12.04375  1.000 16.96856 ? 154 ARG A CA  1 
ATOM   1134 C  C   . ARG A 1 155 ? -0.00112  -12.07029 12.41135  1.000 20.24375 ? 154 ARG A C   1 
ATOM   1135 O  O   . ARG A 1 155 ? 0.00144   -11.17208 11.56584  1.000 16.75542 ? 154 ARG A O   1 
ATOM   1136 C  CB  . ARG A 1 155 ? 1.93064   -13.57051 11.91277  1.000 15.44449 ? 154 ARG A CB  1 
ATOM   1137 C  CG  . ARG A 1 155 ? 2.62403   -13.25766 13.21606  1.000 20.20564 ? 154 ARG A CG  1 
ATOM   1138 C  CD  . ARG A 1 155 ? 4.13093   -13.38350 13.10270  1.000 18.46517 ? 154 ARG A CD  1 
ATOM   1139 N  NE  . ARG A 1 155 ? 4.69772   -13.56103 14.43410  1.000 16.84935 ? 154 ARG A NE  1 
ATOM   1140 C  CZ  . ARG A 1 155 ? 5.99335   -13.56307 14.71145  1.000 18.63634 ? 154 ARG A CZ  1 
ATOM   1141 N  NH1 . ARG A 1 155 ? 6.90126   -13.37083 13.77090  1.000 16.78336 ? 154 ARG A NH1 1 
ATOM   1142 N  NH2 . ARG A 1 155 ? 6.38357   -13.75739 15.96941  1.000 21.28313 ? 154 ARG A NH2 1 
ATOM   1143 N  N   . ASP A 1 156 ? -0.33263  -11.87221 13.69278  1.000 19.90066 ? 155 ASP A N   1 
ATOM   1144 C  CA  . ASP A 1 156 ? -0.98113  -10.63241 14.13978  1.000 25.85757 ? 155 ASP A CA  1 
ATOM   1145 C  C   . ASP A 1 156 ? -0.23790  -9.37852  13.67273  1.000 27.41062 ? 155 ASP A C   1 
ATOM   1146 O  O   . ASP A 1 156 ? -0.86380  -8.42031  13.20752  1.000 28.28158 ? 155 ASP A O   1 
ATOM   1147 C  CB  . ASP A 1 156 ? -1.11928  -10.65066 15.66731  1.000 29.40960 ? 155 ASP A CB  1 
ATOM   1148 C  CG  . ASP A 1 156 ? -1.95779  -9.49228  16.20725  1.000 44.36700 ? 155 ASP A CG  1 
ATOM   1149 O  OD1 . ASP A 1 156 ? -3.20533  -9.58323  16.14790  1.000 44.84658 ? 155 ASP A OD1 1 
ATOM   1150 O  OD2 . ASP A 1 156 ? -1.37279  -8.50343  16.71198  1.000 50.36872 ? 155 ASP A OD2 1 
ATOM   1151 N  N   . HIS A 1 157 ? 1.09621   -9.36489  13.75754  1.000 25.00527 ? 156 HIS A N   1 
ATOM   1152 C  CA  . HIS A 1 157 ? 1.79896   -8.15083  13.35025  1.000 27.32973 ? 156 HIS A CA  1 
ATOM   1153 C  C   . HIS A 1 157 ? 1.84282   -7.93213  11.83772  1.000 27.88753 ? 156 HIS A C   1 
ATOM   1154 O  O   . HIS A 1 157 ? 2.19807   -6.83188  11.39723  1.000 28.44696 ? 156 HIS A O   1 
ATOM   1155 C  CB  . HIS A 1 157 ? 3.20582   -8.13062  13.93799  1.000 34.33713 ? 156 HIS A CB  1 
ATOM   1156 C  CG  . HIS A 1 157 ? 4.20309   -8.92747  13.16502  1.000 32.22044 ? 156 HIS A CG  1 
ATOM   1157 N  ND1 . HIS A 1 157 ? 4.79701   -10.05512 13.68464  1.000 29.63405 ? 156 HIS A ND1 1 
ATOM   1158 C  CD2 . HIS A 1 157 ? 4.67725   -8.79667  11.89980  1.000 32.82898 ? 156 HIS A CD2 1 
ATOM   1159 C  CE1 . HIS A 1 157 ? 5.63837   -10.54900 12.79719  1.000 33.49383 ? 156 HIS A CE1 1 
ATOM   1160 N  NE2 . HIS A 1 157 ? 5.56826   -9.81900  11.69598  1.000 35.41319 ? 156 HIS A NE2 1 
ATOM   1161 N  N   . HIS A 1 158 ? 1.48609   -8.92247  11.02408  1.000 25.54770 ? 157 HIS A N   1 
ATOM   1162 C  CA  . HIS A 1 158 ? 1.31367   -8.62225  9.60832   1.000 25.28533 ? 157 HIS A CA  1 
ATOM   1163 C  C   . HIS A 1 158 ? 0.08755   -7.76139  9.35298   1.000 26.10046 ? 157 HIS A C   1 
ATOM   1164 O  O   . HIS A 1 158 ? -0.09859  -7.27474  8.23326   1.000 25.63543 ? 157 HIS A O   1 
ATOM   1165 C  CB  . HIS A 1 158 ? 1.23258   -9.91608  8.81163   1.000 25.61294 ? 157 HIS A CB  1 
ATOM   1166 C  CG  . HIS A 1 158 ? 2.57840   -10.41986 8.43482   1.000 27.71539 ? 157 HIS A CG  1 
ATOM   1167 N  ND1 . HIS A 1 158 ? 3.36598   -9.79431  7.49246   1.000 21.85869 ? 157 HIS A ND1 1 
ATOM   1168 C  CD2 . HIS A 1 158 ? 3.34287   -11.38311 8.98795   1.000 30.25534 ? 157 HIS A CD2 1 
ATOM   1169 C  CE1 . HIS A 1 158 ? 4.52683   -10.41183 7.42498   1.000 20.93622 ? 157 HIS A CE1 1 
ATOM   1170 N  NE2 . HIS A 1 158 ? 4.54436   -11.37064 8.32928   1.000 28.75315 ? 157 HIS A NE2 1 
ATOM   1171 N  N   . HIS A 1 159 ? -0.73539  -7.54987  10.36737  1.000 26.98680 ? 158 HIS A N   1 
ATOM   1172 C  CA  . HIS A 1 159 ? -1.90893  -6.71023  10.24901  1.000 28.33823 ? 158 HIS A CA  1 
ATOM   1173 C  C   . HIS A 1 159 ? -1.64835  -5.33045  10.80368  1.000 30.88708 ? 158 HIS A C   1 
ATOM   1174 O  O   . HIS A 1 159 ? -2.55792  -4.49564  10.82792  1.000 32.31742 ? 158 HIS A O   1 
ATOM   1175 C  CB  . HIS A 1 159 ? -3.07819  -7.37984  10.95444  1.000 24.74521 ? 158 HIS A CB  1 
ATOM   1176 C  CG  . HIS A 1 159 ? -3.42169  -8.70640  10.35853  1.000 22.30803 ? 158 HIS A CG  1 
ATOM   1177 N  ND1 . HIS A 1 159 ? -4.66682  -8.99605  9.85585   1.000 24.96168 ? 158 HIS A ND1 1 
ATOM   1178 C  CD2 . HIS A 1 159 ? -2.65642  -9.79929  10.12304  1.000 26.07612 ? 158 HIS A CD2 1 
ATOM   1179 C  CE1 . HIS A 1 159 ? -4.66767  -10.22574 9.37008   1.000 25.10317 ? 158 HIS A CE1 1 
ATOM   1180 N  NE2 . HIS A 1 159 ? -3.45622  -10.73052 9.51042   1.000 22.30685 ? 158 HIS A NE2 1 
ATOM   1181 N  N   . HIS A 1 160 ? -0.40574  -5.07484  11.20234  1.000 31.88125 ? 159 HIS A N   1 
ATOM   1182 C  CA  . HIS A 1 160 ? -0.03218  -3.87329  11.93075  1.000 39.08334 ? 159 HIS A CA  1 
ATOM   1183 C  C   . HIS A 1 160 ? -0.77542  -3.83578  13.26833  1.000 44.33158 ? 159 HIS A C   1 
ATOM   1184 O  O   . HIS A 1 160 ? -1.23496  -2.78446  13.71702  1.000 51.68267 ? 159 HIS A O   1 
ATOM   1185 C  CB  . HIS A 1 160 ? -0.28130  -2.61708  11.08131  1.000 37.68559 ? 159 HIS A CB  1 
ATOM   1186 C  CG  . HIS A 1 160 ? 0.87809   -2.24686  10.19244  1.000 29.50980 ? 159 HIS A CG  1 
ATOM   1187 N  ND1 . HIS A 1 160 ? 1.10029   -0.95859  9.75000   1.000 27.61362 ? 159 HIS A ND1 1 
ATOM   1188 C  CD2 . HIS A 1 160 ? 1.87566   -3.00050  9.66237   1.000 27.06399 ? 159 HIS A CD2 1 
ATOM   1189 C  CE1 . HIS A 1 160 ? 2.19202   -0.92988  9.00108   1.000 27.09648 ? 159 HIS A CE1 1 
ATOM   1190 N  NE2 . HIS A 1 160 ? 2.68211   -2.15578  8.93153   1.000 24.97181 ? 159 HIS A NE2 1 
ATOM   1191 N  N   . HIS A 1 161 ? -0.88917  -5.01339  13.90820  1.000 43.83482 ? 160 HIS A N   1 
ATOM   1192 C  CA  . HIS A 1 161 ? -1.70506  -5.20701  15.11003  1.000 53.88873 ? 160 HIS A CA  1 
ATOM   1193 C  C   . HIS A 1 161 ? -3.08107  -4.56137  14.97264  1.000 52.48404 ? 160 HIS A C   1 
ATOM   1194 O  O   . HIS A 1 161 ? -3.61770  -4.01697  15.94301  1.000 62.55150 ? 160 HIS A O   1 
ATOM   1195 C  CB  . HIS A 1 161 ? -1.00201  -4.64419  16.35413  1.000 60.11442 ? 160 HIS A CB  1 
ATOM   1196 C  CG  . HIS A 1 161 ? 0.16218   -5.46091  16.82952  1.000 58.79050 ? 160 HIS A CG  1 
ATOM   1197 N  ND1 . HIS A 1 161 ? 0.72051   -6.47811  16.08447  1.000 54.51318 ? 160 HIS A ND1 1 
ATOM   1198 C  CD2 . HIS A 1 161 ? 0.87399   -5.40456  17.98107  1.000 61.87074 ? 160 HIS A CD2 1 
ATOM   1199 C  CE1 . HIS A 1 161 ? 1.72243   -7.01582  16.75829  1.000 55.61155 ? 160 HIS A CE1 1 
ATOM   1200 N  NE2 . HIS A 1 161 ? 1.83696   -6.38206  17.91190  1.000 65.27415 ? 160 HIS A NE2 1 
ATOM   1201 N  N   . HIS A 1 162 ? -3.65900  -4.61721  13.77921  1.000 51.85422 ? 161 HIS A N   1 
ATOM   1202 C  CA  . HIS A 1 162 ? -4.85023  -3.83757  13.47607  1.000 48.56574 ? 161 HIS A CA  1 
ATOM   1203 C  C   . HIS A 1 162 ? -5.87840  -4.68588  12.75771  1.000 45.10439 ? 161 HIS A C   1 
ATOM   1204 O  O   . HIS A 1 162 ? -6.20825  -4.39836  11.61131  1.000 38.86300 ? 161 HIS A O   1 
ATOM   1205 C  CB  . HIS A 1 162 ? -4.49184  -2.62510  12.61016  1.000 47.00308 ? 161 HIS A CB  1 
ATOM   1206 C  CG  . HIS A 1 162 ? -3.94523  -1.46368  13.38622  1.000 59.02977 ? 161 HIS A CG  1 
ATOM   1207 N  ND1 . HIS A 1 162 ? -3.00355  -0.59899  12.86675  1.000 54.13537 ? 161 HIS A ND1 1 
ATOM   1208 C  CD2 . HIS A 1 162 ? -4.20384  -1.02651  14.64339  1.000 58.55942 ? 161 HIS A CD2 1 
ATOM   1209 C  CE1 . HIS A 1 162 ? -2.70762  0.32076   13.76929  1.000 56.04262 ? 161 HIS A CE1 1 
ATOM   1210 N  NE2 . HIS A 1 162 ? -3.42264  0.08475   14.85555  1.000 57.84792 ? 161 HIS A NE2 1 
HETATM 1211 ZN ZN  . ZN  B 2 .   ? -4.65424  5.21612   5.63850   1.000 18.21841 ? 201 ZN  A ZN  1 
HETATM 1212 C  C1  . CIT C 3 .   ? -2.14739  6.14391   7.13862   1.000 18.25953 ? 202 CIT A C1  1 
HETATM 1213 O  O1  . CIT C 3 .   ? -1.48695  6.11513   8.19112   1.000 19.92397 ? 202 CIT A O1  1 
HETATM 1214 O  O2  . CIT C 3 .   ? -3.20593  5.48954   7.08210   1.000 16.37743 ? 202 CIT A O2  1 
HETATM 1215 C  C2  . CIT C 3 .   ? -1.63180  6.94616   5.96473   1.000 13.52797 ? 202 CIT A C2  1 
HETATM 1216 C  C3  . CIT C 3 .   ? -2.68575  7.17238   4.88939   1.000 15.08840 ? 202 CIT A C3  1 
HETATM 1217 O  O7  . CIT C 3 .   ? -3.10631  5.89897   4.32291   1.000 12.73315 ? 202 CIT A O7  1 
HETATM 1218 C  C4  . CIT C 3 .   ? -2.04851  8.07464   3.83740   1.000 13.83224 ? 202 CIT A C4  1 
HETATM 1219 C  C5  . CIT C 3 .   ? -2.85170  8.16824   2.55871   1.000 16.96611 ? 202 CIT A C5  1 
HETATM 1220 O  O3  . CIT C 3 .   ? -3.62907  7.25582   2.22652   1.000 15.41051 ? 202 CIT A O3  1 
HETATM 1221 O  O4  . CIT C 3 .   ? -2.74798  9.16814   1.80884   1.000 12.83640 ? 202 CIT A O4  1 
HETATM 1222 C  C6  . CIT C 3 .   ? -3.86409  7.93187   5.49116   1.000 17.91268 ? 202 CIT A C6  1 
HETATM 1223 O  O5  . CIT C 3 .   ? -4.96359  7.37962   5.69458   1.000 13.85553 ? 202 CIT A O5  1 
HETATM 1224 O  O6  . CIT C 3 .   ? -3.72889  9.13347   5.79671   1.000 18.37567 ? 202 CIT A O6  1 
HETATM 1225 C  C1  . CIT D 3 .   ? 0.09615   2.87470   7.82040   1.000 30.95880 ? 203 CIT A C1  1 
HETATM 1226 O  O1  . CIT D 3 .   ? 0.98869   2.23159   8.42027   1.000 33.28791 ? 203 CIT A O1  1 
HETATM 1227 O  O2  . CIT D 3 .   ? 0.44150   3.78407   7.04549   1.000 29.42550 ? 203 CIT A O2  1 
HETATM 1228 C  C2  . CIT D 3 .   ? -1.38203  2.58570   7.99667   1.000 30.80731 ? 203 CIT A C2  1 
HETATM 1229 C  C3  . CIT D 3 .   ? -1.79526  2.75843   9.45599   1.000 35.45317 ? 203 CIT A C3  1 
HETATM 1230 O  O7  . CIT D 3 .   ? -1.22682  4.00388   9.95882   1.000 35.96215 ? 203 CIT A O7  1 
HETATM 1231 C  C4  . CIT D 3 .   ? -3.31988  2.79818   9.55187   1.000 27.09410 ? 203 CIT A C4  1 
HETATM 1232 C  C5  . CIT D 3 .   ? -3.75250  3.31131   10.91253  1.000 36.49405 ? 203 CIT A C5  1 
HETATM 1233 O  O3  . CIT D 3 .   ? -3.80279  2.54035   11.89163  1.000 42.03879 ? 203 CIT A O3  1 
HETATM 1234 O  O4  . CIT D 3 .   ? -4.08538  4.49911   11.08717  1.000 40.34386 ? 203 CIT A O4  1 
HETATM 1235 C  C6  . CIT D 3 .   ? -1.23652  1.56505   10.23600  1.000 41.70255 ? 203 CIT A C6  1 
HETATM 1236 O  O5  . CIT D 3 .   ? -0.34458  1.71477   11.11119  1.000 39.77225 ? 203 CIT A O5  1 
HETATM 1237 O  O6  . CIT D 3 .   ? -1.64278  0.40578   9.97156   1.000 40.40564 ? 203 CIT A O6  1 
HETATM 1238 O  O   . HOH E 4 .   ? 5.57926   -13.01711 9.48761   1.000 18.18883 ? 301 HOH A O   1 
HETATM 1239 O  O   . HOH E 4 .   ? 10.60846  19.04894  1.63271   1.000 34.27734 ? 302 HOH A O   1 
HETATM 1240 O  O   . HOH E 4 .   ? 1.56136   5.17638   -15.26002 1.000 28.96512 ? 303 HOH A O   1 
HETATM 1241 O  O   . HOH E 4 .   ? 12.93615  14.22518  4.52321   1.000 24.58907 ? 304 HOH A O   1 
HETATM 1242 O  O   . HOH E 4 .   ? -7.11035  5.01707   11.96849  1.000 26.05595 ? 305 HOH A O   1 
HETATM 1243 O  O   . HOH E 4 .   ? -4.38685  3.13697   -19.40801 1.000 26.54440 ? 306 HOH A O   1 
HETATM 1244 O  O   . HOH E 4 .   ? 10.53176  5.49441   10.87719  1.000 25.01823 ? 307 HOH A O   1 
HETATM 1245 O  O   . HOH E 4 .   ? 2.63075   9.24952   8.62355   1.000 24.56072 ? 308 HOH A O   1 
HETATM 1246 O  O   . HOH E 4 .   ? -13.29379 7.81451   7.23025   1.000 23.66946 ? 309 HOH A O   1 
HETATM 1247 O  O   . HOH E 4 .   ? -13.05361 10.66910  13.78296  1.000 21.36378 ? 310 HOH A O   1 
HETATM 1248 O  O   . HOH E 4 .   ? -7.62127  -17.98905 0.61788   1.000 27.22792 ? 311 HOH A O   1 
HETATM 1249 O  O   . HOH E 4 .   ? 4.36811   -3.61143  -13.93306 1.000 23.21980 ? 312 HOH A O   1 
HETATM 1250 O  O   . HOH E 4 .   ? 11.26125  -11.81464 -0.19325  1.000 28.93887 ? 313 HOH A O   1 
HETATM 1251 O  O   . HOH E 4 .   ? -9.61334  5.86239   -7.03846  1.000 22.52758 ? 314 HOH A O   1 
HETATM 1252 O  O   . HOH E 4 .   ? 2.73677   -11.83756 -2.81095  1.000 23.55005 ? 315 HOH A O   1 
HETATM 1253 O  O   . HOH E 4 .   ? 8.11555   8.39105   -11.08648 1.000 31.67361 ? 316 HOH A O   1 
HETATM 1254 O  O   . HOH E 4 .   ? 14.55295  -0.98973  -8.24769  1.000 17.75323 ? 317 HOH A O   1 
HETATM 1255 O  O   . HOH E 4 .   ? 8.51366   -12.80874 -6.34527  1.000 19.76697 ? 318 HOH A O   1 
HETATM 1256 O  O   . HOH E 4 .   ? -18.35913 -0.24968  10.32151  1.000 24.18268 ? 319 HOH A O   1 
HETATM 1257 O  O   . HOH E 4 .   ? -2.43291  -13.03481 -6.88943  1.000 20.57853 ? 320 HOH A O   1 
HETATM 1258 O  O   . HOH E 4 .   ? -7.01694  8.48208   6.97968   1.000 22.81263 ? 321 HOH A O   1 
HETATM 1259 O  O   . HOH E 4 .   ? 0.75823   9.74308   4.87258   1.000 16.96338 ? 322 HOH A O   1 
HETATM 1260 O  O   . HOH E 4 .   ? 13.40504  9.08555   -4.08723  1.000 17.09831 ? 323 HOH A O   1 
HETATM 1261 O  O   . HOH E 4 .   ? 12.33553  17.08061  1.33922   1.000 27.17338 ? 324 HOH A O   1 
HETATM 1262 O  O   . HOH E 4 .   ? 15.78907  4.85381   1.04613   1.000 19.36939 ? 325 HOH A O   1 
HETATM 1263 O  O   . HOH E 4 .   ? 4.79803   4.29339   -10.95477 1.000 15.86675 ? 326 HOH A O   1 
HETATM 1264 O  O   . HOH E 4 .   ? -3.71905  5.22187   -11.88574 1.000 24.89702 ? 327 HOH A O   1 
HETATM 1265 O  O   . HOH E 4 .   ? 1.10324   7.09616   8.18779   1.000 21.38645 ? 328 HOH A O   1 
HETATM 1266 O  O   . HOH E 4 .   ? 9.60545   6.61535   -13.18605 1.000 25.53911 ? 329 HOH A O   1 
HETATM 1267 O  O   . HOH E 4 .   ? 12.90698  -6.06630  8.91928   1.000 25.61616 ? 330 HOH A O   1 
HETATM 1268 O  O   . HOH E 4 .   ? 2.65141   6.23545   -7.87822  1.000 14.17867 ? 331 HOH A O   1 
HETATM 1269 O  O   . HOH E 4 .   ? 5.87399   -8.07501  -0.64098  1.000 22.32854 ? 332 HOH A O   1 
HETATM 1270 O  O   . HOH E 4 .   ? -12.45253 -4.37980  11.77750  1.000 23.70836 ? 333 HOH A O   1 
HETATM 1271 O  O   . HOH E 4 .   ? -9.88264  -14.28371 5.58970   1.000 16.46550 ? 334 HOH A O   1 
HETATM 1272 O  O   . HOH E 4 .   ? -15.27004 -5.04876  6.81916   1.000 23.04363 ? 335 HOH A O   1 
HETATM 1273 O  O   . HOH E 4 .   ? -1.37018  10.53761  6.40264   1.000 27.74247 ? 336 HOH A O   1 
HETATM 1274 O  O   . HOH E 4 .   ? 0.08519   12.47462  3.94287   1.000 19.38195 ? 337 HOH A O   1 
HETATM 1275 O  O   . HOH E 4 .   ? 16.67571  2.80866   11.59630  1.000 27.15183 ? 338 HOH A O   1 
HETATM 1276 O  O   . HOH E 4 .   ? 9.50588   -0.24950  -12.86164 1.000 23.25753 ? 339 HOH A O   1 
HETATM 1277 O  O   . HOH E 4 .   ? 17.41364  8.46964   2.30755   1.000 21.04200 ? 340 HOH A O   1 
HETATM 1278 O  O   . HOH E 4 .   ? -6.92429  8.44438   -0.95536  1.000 27.69791 ? 341 HOH A O   1 
HETATM 1279 O  O   . HOH E 4 .   ? -13.13056 -11.25881 1.21846   1.000 29.37164 ? 342 HOH A O   1 
HETATM 1280 O  O   . HOH E 4 .   ? 14.75633  -10.23856 -7.53594  1.000 20.61535 ? 343 HOH A O   1 
HETATM 1281 O  O   . HOH E 4 .   ? -14.10676 2.35519   5.11654   1.000 14.49781 ? 344 HOH A O   1 
HETATM 1282 O  O   . HOH E 4 .   ? 15.09971  12.69102  -3.08517  1.000 31.29423 ? 345 HOH A O   1 
HETATM 1283 O  O   . HOH E 4 .   ? 14.21236  -6.73513  5.45257   1.000 21.77571 ? 346 HOH A O   1 
HETATM 1284 O  O   . HOH E 4 .   ? 15.64428  2.96383   6.57353   1.000 22.16238 ? 347 HOH A O   1 
HETATM 1285 O  O   . HOH E 4 .   ? 6.34208   -11.18673 0.99148   1.000 32.86869 ? 348 HOH A O   1 
HETATM 1286 O  O   . HOH E 4 .   ? 1.96550   12.73079  7.17887   1.000 25.77553 ? 349 HOH A O   1 
HETATM 1287 O  O   . HOH E 4 .   ? -10.28541 -13.55079 8.36954   1.000 28.41046 ? 350 HOH A O   1 
HETATM 1288 O  O   . HOH E 4 .   ? 16.70060  10.86047  1.45937   1.000 23.23399 ? 351 HOH A O   1 
HETATM 1289 O  O   . HOH E 4 .   ? 17.05086  -1.23629  -9.38496  1.000 23.99386 ? 352 HOH A O   1 
HETATM 1290 O  O   . HOH E 4 .   ? -18.12194 -2.80088  9.60454   1.000 24.98978 ? 353 HOH A O   1 
HETATM 1291 O  O   . HOH E 4 .   ? 17.57142  5.35324   -0.67354  1.000 26.43340 ? 354 HOH A O   1 
# 
